data_6IFH
# 
_entry.id   6IFH 
# 
_audit_conform.dict_name       mmcif_pdbx.dic 
_audit_conform.dict_version    5.387 
_audit_conform.dict_location   http://mmcif.pdb.org/dictionaries/ascii/mmcif_pdbx.dic 
# 
loop_
_database_2.database_id 
_database_2.database_code 
_database_2.pdbx_database_accession 
_database_2.pdbx_DOI 
PDB   6IFH         pdb_00006ifh 10.2210/pdb6ifh/pdb 
WWPDB D_1300009111 ?            ?                   
# 
loop_
_pdbx_audit_revision_history.ordinal 
_pdbx_audit_revision_history.data_content_type 
_pdbx_audit_revision_history.major_revision 
_pdbx_audit_revision_history.minor_revision 
_pdbx_audit_revision_history.revision_date 
1 'Structure model' 1 0 2019-01-16 
2 'Structure model' 1 1 2024-03-27 
# 
_pdbx_audit_revision_details.ordinal             1 
_pdbx_audit_revision_details.revision_ordinal    1 
_pdbx_audit_revision_details.data_content_type   'Structure model' 
_pdbx_audit_revision_details.provider            repository 
_pdbx_audit_revision_details.type                'Initial release' 
_pdbx_audit_revision_details.description         ? 
_pdbx_audit_revision_details.details             ? 
# 
loop_
_pdbx_audit_revision_group.ordinal 
_pdbx_audit_revision_group.revision_ordinal 
_pdbx_audit_revision_group.data_content_type 
_pdbx_audit_revision_group.group 
1 2 'Structure model' 'Data collection'     
2 2 'Structure model' 'Database references' 
# 
loop_
_pdbx_audit_revision_category.ordinal 
_pdbx_audit_revision_category.revision_ordinal 
_pdbx_audit_revision_category.data_content_type 
_pdbx_audit_revision_category.category 
1 2 'Structure model' chem_comp_atom 
2 2 'Structure model' chem_comp_bond 
3 2 'Structure model' database_2     
# 
loop_
_pdbx_audit_revision_item.ordinal 
_pdbx_audit_revision_item.revision_ordinal 
_pdbx_audit_revision_item.data_content_type 
_pdbx_audit_revision_item.item 
1 2 'Structure model' '_database_2.pdbx_DOI'                
2 2 'Structure model' '_database_2.pdbx_database_accession' 
# 
_pdbx_database_status.status_code                     REL 
_pdbx_database_status.status_code_sf                  REL 
_pdbx_database_status.status_code_mr                  ? 
_pdbx_database_status.entry_id                        6IFH 
_pdbx_database_status.recvd_initial_deposition_date   2018-09-20 
_pdbx_database_status.SG_entry                        N 
_pdbx_database_status.deposit_site                    PDBJ 
_pdbx_database_status.process_site                    PDBJ 
_pdbx_database_status.status_code_cs                  ? 
_pdbx_database_status.methods_development_category    ? 
_pdbx_database_status.pdb_format_compatible           Y 
_pdbx_database_status.status_code_nmr_data            ? 
# 
loop_
_audit_author.name 
_audit_author.pdbx_ordinal 
_audit_author.identifier_ORCID 
'Lee, J.H.' 1 ? 
'Lee, C.W.' 2 ? 
# 
_citation.abstract                  ? 
_citation.abstract_id_CAS           ? 
_citation.book_id_ISBN              ? 
_citation.book_publisher            ? 
_citation.book_publisher_city       ? 
_citation.book_title                ? 
_citation.coordinate_linkage        ? 
_citation.country                   KR 
_citation.database_id_Medline       ? 
_citation.details                   ? 
_citation.id                        primary 
_citation.journal_abbrev            Biodesign 
_citation.journal_id_ASTM           ? 
_citation.journal_id_CSD            ? 
_citation.journal_id_ISSN           2288-6982 
_citation.journal_full              ? 
_citation.journal_issue             ? 
_citation.journal_volume            '6(4)' 
_citation.language                  ? 
_citation.page_first                84 
_citation.page_last                 91 
_citation.title                     
;Crystal structure of unphosphorylated Spo0F from Paenisporosarcina sp. TG-14, a psychrophilic bacterium isolated from an Antarctic glacier
;
_citation.year                      2019 
_citation.database_id_CSD           ? 
_citation.pdbx_database_id_DOI      ? 
_citation.pdbx_database_id_PubMed   ? 
_citation.unpublished_flag          ? 
# 
loop_
_citation_author.citation_id 
_citation_author.name 
_citation_author.ordinal 
_citation_author.identifier_ORCID 
primary 'Lee, C.W.'  1 ? 
primary 'Park, S.H.' 2 ? 
primary 'Jeong, C.'  3 ? 
primary 'Lee, C.S.'  4 ? 
primary 'Hong, J.W.' 5 ? 
primary 'Park, H.H.' 6 ? 
primary 'Park, H.'   7 ? 
primary 'Park, H.J.' 8 ? 
primary 'Lee, J.H.'  9 ? 
# 
loop_
_entity.id 
_entity.type 
_entity.src_method 
_entity.pdbx_description 
_entity.formula_weight 
_entity.pdbx_number_of_molecules 
_entity.pdbx_ec 
_entity.pdbx_mutation 
_entity.pdbx_fragment 
_entity.details 
1 polymer     man 'Sporulation initiation phosphotransferase F' 13559.816 1  ? ? ? ? 
2 non-polymer syn 'MAGNESIUM ION'                               24.305    1  ? ? ? ? 
3 water       nat water                                         18.015    43 ? ? ? ? 
# 
_entity_poly.entity_id                      1 
_entity_poly.type                           'polypeptide(L)' 
_entity_poly.nstd_linkage                   no 
_entity_poly.nstd_monomer                   no 
_entity_poly.pdbx_seq_one_letter_code       
;MKQLLIVDDQQGIRLLLNEVFKREGYTTFLAANGIEALDIAERVKPDGVLLDMKIPGMDGIEILKRIKTRTPDVPVLMMT
AYGELDLIKEAMDLGASHYFTKPFDIYELRDAVNEMLRD
;
_entity_poly.pdbx_seq_one_letter_code_can   
;MKQLLIVDDQQGIRLLLNEVFKREGYTTFLAANGIEALDIAERVKPDGVLLDMKIPGMDGIEILKRIKTRTPDVPVLMMT
AYGELDLIKEAMDLGASHYFTKPFDIYELRDAVNEMLRD
;
_entity_poly.pdbx_strand_id                 A 
_entity_poly.pdbx_target_identifier         ? 
# 
loop_
_pdbx_entity_nonpoly.entity_id 
_pdbx_entity_nonpoly.name 
_pdbx_entity_nonpoly.comp_id 
2 'MAGNESIUM ION' MG  
3 water           HOH 
# 
loop_
_entity_poly_seq.entity_id 
_entity_poly_seq.num 
_entity_poly_seq.mon_id 
_entity_poly_seq.hetero 
1 1   MET n 
1 2   LYS n 
1 3   GLN n 
1 4   LEU n 
1 5   LEU n 
1 6   ILE n 
1 7   VAL n 
1 8   ASP n 
1 9   ASP n 
1 10  GLN n 
1 11  GLN n 
1 12  GLY n 
1 13  ILE n 
1 14  ARG n 
1 15  LEU n 
1 16  LEU n 
1 17  LEU n 
1 18  ASN n 
1 19  GLU n 
1 20  VAL n 
1 21  PHE n 
1 22  LYS n 
1 23  ARG n 
1 24  GLU n 
1 25  GLY n 
1 26  TYR n 
1 27  THR n 
1 28  THR n 
1 29  PHE n 
1 30  LEU n 
1 31  ALA n 
1 32  ALA n 
1 33  ASN n 
1 34  GLY n 
1 35  ILE n 
1 36  GLU n 
1 37  ALA n 
1 38  LEU n 
1 39  ASP n 
1 40  ILE n 
1 41  ALA n 
1 42  GLU n 
1 43  ARG n 
1 44  VAL n 
1 45  LYS n 
1 46  PRO n 
1 47  ASP n 
1 48  GLY n 
1 49  VAL n 
1 50  LEU n 
1 51  LEU n 
1 52  ASP n 
1 53  MET n 
1 54  LYS n 
1 55  ILE n 
1 56  PRO n 
1 57  GLY n 
1 58  MET n 
1 59  ASP n 
1 60  GLY n 
1 61  ILE n 
1 62  GLU n 
1 63  ILE n 
1 64  LEU n 
1 65  LYS n 
1 66  ARG n 
1 67  ILE n 
1 68  LYS n 
1 69  THR n 
1 70  ARG n 
1 71  THR n 
1 72  PRO n 
1 73  ASP n 
1 74  VAL n 
1 75  PRO n 
1 76  VAL n 
1 77  LEU n 
1 78  MET n 
1 79  MET n 
1 80  THR n 
1 81  ALA n 
1 82  TYR n 
1 83  GLY n 
1 84  GLU n 
1 85  LEU n 
1 86  ASP n 
1 87  LEU n 
1 88  ILE n 
1 89  LYS n 
1 90  GLU n 
1 91  ALA n 
1 92  MET n 
1 93  ASP n 
1 94  LEU n 
1 95  GLY n 
1 96  ALA n 
1 97  SER n 
1 98  HIS n 
1 99  TYR n 
1 100 PHE n 
1 101 THR n 
1 102 LYS n 
1 103 PRO n 
1 104 PHE n 
1 105 ASP n 
1 106 ILE n 
1 107 TYR n 
1 108 GLU n 
1 109 LEU n 
1 110 ARG n 
1 111 ASP n 
1 112 ALA n 
1 113 VAL n 
1 114 ASN n 
1 115 GLU n 
1 116 MET n 
1 117 LEU n 
1 118 ARG n 
1 119 ASP n 
# 
_entity_src_gen.entity_id                          1 
_entity_src_gen.pdbx_src_id                        1 
_entity_src_gen.pdbx_alt_source_flag               sample 
_entity_src_gen.pdbx_seq_type                      'Biological sequence' 
_entity_src_gen.pdbx_beg_seq_num                   1 
_entity_src_gen.pdbx_end_seq_num                   119 
_entity_src_gen.gene_src_common_name               ? 
_entity_src_gen.gene_src_genus                     ? 
_entity_src_gen.pdbx_gene_src_gene                 ? 
_entity_src_gen.gene_src_species                   ? 
_entity_src_gen.gene_src_strain                    ? 
_entity_src_gen.gene_src_tissue                    ? 
_entity_src_gen.gene_src_tissue_fraction           ? 
_entity_src_gen.gene_src_details                   ? 
_entity_src_gen.pdbx_gene_src_fragment             ? 
_entity_src_gen.pdbx_gene_src_scientific_name      'Paenisporosarcina sp. TG-14' 
_entity_src_gen.pdbx_gene_src_ncbi_taxonomy_id     1231057 
_entity_src_gen.pdbx_gene_src_variant              ? 
_entity_src_gen.pdbx_gene_src_cell_line            ? 
_entity_src_gen.pdbx_gene_src_atcc                 ? 
_entity_src_gen.pdbx_gene_src_organ                ? 
_entity_src_gen.pdbx_gene_src_organelle            ? 
_entity_src_gen.pdbx_gene_src_cell                 ? 
_entity_src_gen.pdbx_gene_src_cellular_location    ? 
_entity_src_gen.host_org_common_name               ? 
_entity_src_gen.pdbx_host_org_scientific_name      'Escherichia coli' 
_entity_src_gen.pdbx_host_org_ncbi_taxonomy_id     562 
_entity_src_gen.host_org_genus                     ? 
_entity_src_gen.pdbx_host_org_gene                 ? 
_entity_src_gen.pdbx_host_org_organ                ? 
_entity_src_gen.host_org_species                   ? 
_entity_src_gen.pdbx_host_org_tissue               ? 
_entity_src_gen.pdbx_host_org_tissue_fraction      ? 
_entity_src_gen.pdbx_host_org_strain               ? 
_entity_src_gen.pdbx_host_org_variant              ? 
_entity_src_gen.pdbx_host_org_cell_line            ? 
_entity_src_gen.pdbx_host_org_atcc                 ? 
_entity_src_gen.pdbx_host_org_culture_collection   ? 
_entity_src_gen.pdbx_host_org_cell                 ? 
_entity_src_gen.pdbx_host_org_organelle            ? 
_entity_src_gen.pdbx_host_org_cellular_location    ? 
_entity_src_gen.pdbx_host_org_vector_type          ? 
_entity_src_gen.pdbx_host_org_vector               ? 
_entity_src_gen.host_org_details                   ? 
_entity_src_gen.expression_system_id               ? 
_entity_src_gen.plasmid_name                       ? 
_entity_src_gen.plasmid_details                    ? 
_entity_src_gen.pdbx_description                   ? 
# 
loop_
_chem_comp.id 
_chem_comp.type 
_chem_comp.mon_nstd_flag 
_chem_comp.name 
_chem_comp.pdbx_synonyms 
_chem_comp.formula 
_chem_comp.formula_weight 
ALA 'L-peptide linking' y ALANINE         ? 'C3 H7 N O2'     89.093  
ARG 'L-peptide linking' y ARGININE        ? 'C6 H15 N4 O2 1' 175.209 
ASN 'L-peptide linking' y ASPARAGINE      ? 'C4 H8 N2 O3'    132.118 
ASP 'L-peptide linking' y 'ASPARTIC ACID' ? 'C4 H7 N O4'     133.103 
GLN 'L-peptide linking' y GLUTAMINE       ? 'C5 H10 N2 O3'   146.144 
GLU 'L-peptide linking' y 'GLUTAMIC ACID' ? 'C5 H9 N O4'     147.129 
GLY 'peptide linking'   y GLYCINE         ? 'C2 H5 N O2'     75.067  
HIS 'L-peptide linking' y HISTIDINE       ? 'C6 H10 N3 O2 1' 156.162 
HOH non-polymer         . WATER           ? 'H2 O'           18.015  
ILE 'L-peptide linking' y ISOLEUCINE      ? 'C6 H13 N O2'    131.173 
LEU 'L-peptide linking' y LEUCINE         ? 'C6 H13 N O2'    131.173 
LYS 'L-peptide linking' y LYSINE          ? 'C6 H15 N2 O2 1' 147.195 
MET 'L-peptide linking' y METHIONINE      ? 'C5 H11 N O2 S'  149.211 
MG  non-polymer         . 'MAGNESIUM ION' ? 'Mg 2'           24.305  
PHE 'L-peptide linking' y PHENYLALANINE   ? 'C9 H11 N O2'    165.189 
PRO 'L-peptide linking' y PROLINE         ? 'C5 H9 N O2'     115.130 
SER 'L-peptide linking' y SERINE          ? 'C3 H7 N O3'     105.093 
THR 'L-peptide linking' y THREONINE       ? 'C4 H9 N O3'     119.119 
TYR 'L-peptide linking' y TYROSINE        ? 'C9 H11 N O3'    181.189 
VAL 'L-peptide linking' y VALINE          ? 'C5 H11 N O2'    117.146 
# 
loop_
_pdbx_poly_seq_scheme.asym_id 
_pdbx_poly_seq_scheme.entity_id 
_pdbx_poly_seq_scheme.seq_id 
_pdbx_poly_seq_scheme.mon_id 
_pdbx_poly_seq_scheme.ndb_seq_num 
_pdbx_poly_seq_scheme.pdb_seq_num 
_pdbx_poly_seq_scheme.auth_seq_num 
_pdbx_poly_seq_scheme.pdb_mon_id 
_pdbx_poly_seq_scheme.auth_mon_id 
_pdbx_poly_seq_scheme.pdb_strand_id 
_pdbx_poly_seq_scheme.pdb_ins_code 
_pdbx_poly_seq_scheme.hetero 
A 1 1   MET 1   1   1   MET MET A . n 
A 1 2   LYS 2   2   2   LYS LYS A . n 
A 1 3   GLN 3   3   3   GLN GLN A . n 
A 1 4   LEU 4   4   4   LEU LEU A . n 
A 1 5   LEU 5   5   5   LEU LEU A . n 
A 1 6   ILE 6   6   6   ILE ILE A . n 
A 1 7   VAL 7   7   7   VAL VAL A . n 
A 1 8   ASP 8   8   8   ASP ASP A . n 
A 1 9   ASP 9   9   9   ASP ASP A . n 
A 1 10  GLN 10  10  10  GLN GLN A . n 
A 1 11  GLN 11  11  11  GLN GLN A . n 
A 1 12  GLY 12  12  12  GLY GLY A . n 
A 1 13  ILE 13  13  13  ILE ILE A . n 
A 1 14  ARG 14  14  14  ARG ARG A . n 
A 1 15  LEU 15  15  15  LEU LEU A . n 
A 1 16  LEU 16  16  16  LEU LEU A . n 
A 1 17  LEU 17  17  17  LEU LEU A . n 
A 1 18  ASN 18  18  18  ASN ASN A . n 
A 1 19  GLU 19  19  19  GLU GLU A . n 
A 1 20  VAL 20  20  20  VAL VAL A . n 
A 1 21  PHE 21  21  21  PHE PHE A . n 
A 1 22  LYS 22  22  22  LYS LYS A . n 
A 1 23  ARG 23  23  23  ARG ARG A . n 
A 1 24  GLU 24  24  24  GLU GLU A . n 
A 1 25  GLY 25  25  25  GLY GLY A . n 
A 1 26  TYR 26  26  26  TYR TYR A . n 
A 1 27  THR 27  27  27  THR THR A . n 
A 1 28  THR 28  28  28  THR THR A . n 
A 1 29  PHE 29  29  29  PHE PHE A . n 
A 1 30  LEU 30  30  30  LEU LEU A . n 
A 1 31  ALA 31  31  31  ALA ALA A . n 
A 1 32  ALA 32  32  32  ALA ALA A . n 
A 1 33  ASN 33  33  33  ASN ASN A . n 
A 1 34  GLY 34  34  34  GLY GLY A . n 
A 1 35  ILE 35  35  35  ILE ILE A . n 
A 1 36  GLU 36  36  36  GLU GLU A . n 
A 1 37  ALA 37  37  37  ALA ALA A . n 
A 1 38  LEU 38  38  38  LEU LEU A . n 
A 1 39  ASP 39  39  39  ASP ASP A . n 
A 1 40  ILE 40  40  40  ILE ILE A . n 
A 1 41  ALA 41  41  41  ALA ALA A . n 
A 1 42  GLU 42  42  42  GLU GLU A . n 
A 1 43  ARG 43  43  43  ARG ARG A . n 
A 1 44  VAL 44  44  44  VAL VAL A . n 
A 1 45  LYS 45  45  45  LYS LYS A . n 
A 1 46  PRO 46  46  46  PRO PRO A . n 
A 1 47  ASP 47  47  47  ASP ASP A . n 
A 1 48  GLY 48  48  48  GLY GLY A . n 
A 1 49  VAL 49  49  49  VAL VAL A . n 
A 1 50  LEU 50  50  50  LEU LEU A . n 
A 1 51  LEU 51  51  51  LEU LEU A . n 
A 1 52  ASP 52  52  52  ASP ASP A . n 
A 1 53  MET 53  53  53  MET MET A . n 
A 1 54  LYS 54  54  54  LYS LYS A . n 
A 1 55  ILE 55  55  55  ILE ILE A . n 
A 1 56  PRO 56  56  56  PRO PRO A . n 
A 1 57  GLY 57  57  57  GLY GLY A . n 
A 1 58  MET 58  58  58  MET MET A . n 
A 1 59  ASP 59  59  59  ASP ASP A . n 
A 1 60  GLY 60  60  60  GLY GLY A . n 
A 1 61  ILE 61  61  61  ILE ILE A . n 
A 1 62  GLU 62  62  62  GLU GLU A . n 
A 1 63  ILE 63  63  63  ILE ILE A . n 
A 1 64  LEU 64  64  64  LEU LEU A . n 
A 1 65  LYS 65  65  65  LYS LYS A . n 
A 1 66  ARG 66  66  66  ARG ARG A . n 
A 1 67  ILE 67  67  67  ILE ILE A . n 
A 1 68  LYS 68  68  68  LYS LYS A . n 
A 1 69  THR 69  69  69  THR THR A . n 
A 1 70  ARG 70  70  70  ARG ARG A . n 
A 1 71  THR 71  71  71  THR THR A . n 
A 1 72  PRO 72  72  72  PRO PRO A . n 
A 1 73  ASP 73  73  73  ASP ASP A . n 
A 1 74  VAL 74  74  74  VAL VAL A . n 
A 1 75  PRO 75  75  75  PRO PRO A . n 
A 1 76  VAL 76  76  76  VAL VAL A . n 
A 1 77  LEU 77  77  77  LEU LEU A . n 
A 1 78  MET 78  78  78  MET MET A . n 
A 1 79  MET 79  79  79  MET MET A . n 
A 1 80  THR 80  80  80  THR THR A . n 
A 1 81  ALA 81  81  81  ALA ALA A . n 
A 1 82  TYR 82  82  82  TYR TYR A . n 
A 1 83  GLY 83  83  83  GLY GLY A . n 
A 1 84  GLU 84  84  84  GLU GLU A . n 
A 1 85  LEU 85  85  85  LEU LEU A . n 
A 1 86  ASP 86  86  86  ASP ASP A . n 
A 1 87  LEU 87  87  87  LEU LEU A . n 
A 1 88  ILE 88  88  88  ILE ILE A . n 
A 1 89  LYS 89  89  89  LYS LYS A . n 
A 1 90  GLU 90  90  90  GLU GLU A . n 
A 1 91  ALA 91  91  91  ALA ALA A . n 
A 1 92  MET 92  92  92  MET MET A . n 
A 1 93  ASP 93  93  93  ASP ASP A . n 
A 1 94  LEU 94  94  94  LEU LEU A . n 
A 1 95  GLY 95  95  95  GLY GLY A . n 
A 1 96  ALA 96  96  96  ALA ALA A . n 
A 1 97  SER 97  97  97  SER SER A . n 
A 1 98  HIS 98  98  98  HIS HIS A . n 
A 1 99  TYR 99  99  99  TYR TYR A . n 
A 1 100 PHE 100 100 100 PHE PHE A . n 
A 1 101 THR 101 101 101 THR THR A . n 
A 1 102 LYS 102 102 102 LYS LYS A . n 
A 1 103 PRO 103 103 103 PRO PRO A . n 
A 1 104 PHE 104 104 104 PHE PHE A . n 
A 1 105 ASP 105 105 105 ASP ASP A . n 
A 1 106 ILE 106 106 106 ILE ILE A . n 
A 1 107 TYR 107 107 107 TYR TYR A . n 
A 1 108 GLU 108 108 108 GLU GLU A . n 
A 1 109 LEU 109 109 109 LEU LEU A . n 
A 1 110 ARG 110 110 110 ARG ARG A . n 
A 1 111 ASP 111 111 111 ASP ASP A . n 
A 1 112 ALA 112 112 112 ALA ALA A . n 
A 1 113 VAL 113 113 113 VAL VAL A . n 
A 1 114 ASN 114 114 114 ASN ASN A . n 
A 1 115 GLU 115 115 115 GLU GLU A . n 
A 1 116 MET 116 116 116 MET MET A . n 
A 1 117 LEU 117 117 117 LEU LEU A . n 
A 1 118 ARG 118 118 118 ARG ARG A . n 
A 1 119 ASP 119 119 119 ASP ASP A . n 
# 
loop_
_pdbx_nonpoly_scheme.asym_id 
_pdbx_nonpoly_scheme.entity_id 
_pdbx_nonpoly_scheme.mon_id 
_pdbx_nonpoly_scheme.ndb_seq_num 
_pdbx_nonpoly_scheme.pdb_seq_num 
_pdbx_nonpoly_scheme.auth_seq_num 
_pdbx_nonpoly_scheme.pdb_mon_id 
_pdbx_nonpoly_scheme.auth_mon_id 
_pdbx_nonpoly_scheme.pdb_strand_id 
_pdbx_nonpoly_scheme.pdb_ins_code 
B 2 MG  1  201 1  MG  MG  A . 
C 3 HOH 1  301 26 HOH HOH A . 
C 3 HOH 2  302 40 HOH HOH A . 
C 3 HOH 3  303 19 HOH HOH A . 
C 3 HOH 4  304 30 HOH HOH A . 
C 3 HOH 5  305 25 HOH HOH A . 
C 3 HOH 6  306 9  HOH HOH A . 
C 3 HOH 7  307 14 HOH HOH A . 
C 3 HOH 8  308 2  HOH HOH A . 
C 3 HOH 9  309 17 HOH HOH A . 
C 3 HOH 10 310 10 HOH HOH A . 
C 3 HOH 11 311 41 HOH HOH A . 
C 3 HOH 12 312 21 HOH HOH A . 
C 3 HOH 13 313 4  HOH HOH A . 
C 3 HOH 14 314 1  HOH HOH A . 
C 3 HOH 15 315 33 HOH HOH A . 
C 3 HOH 16 316 27 HOH HOH A . 
C 3 HOH 17 317 8  HOH HOH A . 
C 3 HOH 18 318 12 HOH HOH A . 
C 3 HOH 19 319 20 HOH HOH A . 
C 3 HOH 20 320 36 HOH HOH A . 
C 3 HOH 21 321 7  HOH HOH A . 
C 3 HOH 22 322 15 HOH HOH A . 
C 3 HOH 23 323 16 HOH HOH A . 
C 3 HOH 24 324 13 HOH HOH A . 
C 3 HOH 25 325 35 HOH HOH A . 
C 3 HOH 26 326 6  HOH HOH A . 
C 3 HOH 27 327 34 HOH HOH A . 
C 3 HOH 28 328 22 HOH HOH A . 
C 3 HOH 29 329 11 HOH HOH A . 
C 3 HOH 30 330 24 HOH HOH A . 
C 3 HOH 31 331 5  HOH HOH A . 
C 3 HOH 32 332 31 HOH HOH A . 
C 3 HOH 33 333 39 HOH HOH A . 
C 3 HOH 34 334 23 HOH HOH A . 
C 3 HOH 35 335 3  HOH HOH A . 
C 3 HOH 36 336 38 HOH HOH A . 
C 3 HOH 37 337 37 HOH HOH A . 
C 3 HOH 38 338 29 HOH HOH A . 
C 3 HOH 39 339 28 HOH HOH A . 
C 3 HOH 40 340 32 HOH HOH A . 
C 3 HOH 41 341 43 HOH HOH A . 
C 3 HOH 42 342 18 HOH HOH A . 
C 3 HOH 43 343 42 HOH HOH A . 
# 
loop_
_software.citation_id 
_software.classification 
_software.compiler_name 
_software.compiler_version 
_software.contact_author 
_software.contact_author_email 
_software.date 
_software.description 
_software.dependencies 
_software.hardware 
_software.language 
_software.location 
_software.mods 
_software.name 
_software.os 
_software.os_version 
_software.type 
_software.version 
_software.pdbx_ordinal 
? refinement        ? ? ? ? ? ? ? ? ? ? ? REFMAC   ? ? ? 5.8.0232 1 
? 'data reduction'  ? ? ? ? ? ? ? ? ? ? ? HKL-2000 ? ? ? .        2 
? 'data scaling'    ? ? ? ? ? ? ? ? ? ? ? HKL-2000 ? ? ? .        3 
? 'data collection' ? ? ? ? ? ? ? ? ? ? ? MxDC     ? ? ? .        4 
# 
_cell.angle_alpha                  90.00 
_cell.angle_alpha_esd              ? 
_cell.angle_beta                   90.00 
_cell.angle_beta_esd               ? 
_cell.angle_gamma                  90.00 
_cell.angle_gamma_esd              ? 
_cell.entry_id                     6IFH 
_cell.details                      ? 
_cell.formula_units_Z              ? 
_cell.length_a                     29.518 
_cell.length_a_esd                 ? 
_cell.length_b                     49.361 
_cell.length_b_esd                 ? 
_cell.length_c                     67.067 
_cell.length_c_esd                 ? 
_cell.volume                       ? 
_cell.volume_esd                   ? 
_cell.Z_PDB                        4 
_cell.reciprocal_angle_alpha       ? 
_cell.reciprocal_angle_beta        ? 
_cell.reciprocal_angle_gamma       ? 
_cell.reciprocal_angle_alpha_esd   ? 
_cell.reciprocal_angle_beta_esd    ? 
_cell.reciprocal_angle_gamma_esd   ? 
_cell.reciprocal_length_a          ? 
_cell.reciprocal_length_b          ? 
_cell.reciprocal_length_c          ? 
_cell.reciprocal_length_a_esd      ? 
_cell.reciprocal_length_b_esd      ? 
_cell.reciprocal_length_c_esd      ? 
_cell.pdbx_unique_axis             ? 
# 
_symmetry.entry_id                         6IFH 
_symmetry.cell_setting                     ? 
_symmetry.Int_Tables_number                19 
_symmetry.space_group_name_Hall            ? 
_symmetry.space_group_name_H-M             'P 21 21 21' 
_symmetry.pdbx_full_space_group_name_H-M   ? 
# 
_exptl.absorpt_coefficient_mu     ? 
_exptl.absorpt_correction_T_max   ? 
_exptl.absorpt_correction_T_min   ? 
_exptl.absorpt_correction_type    ? 
_exptl.absorpt_process_details    ? 
_exptl.entry_id                   6IFH 
_exptl.crystals_number            1 
_exptl.details                    ? 
_exptl.method                     'X-RAY DIFFRACTION' 
_exptl.method_details             ? 
# 
_exptl_crystal.colour                      ? 
_exptl_crystal.density_diffrn              ? 
_exptl_crystal.density_Matthews            1.80 
_exptl_crystal.density_method              ? 
_exptl_crystal.density_percent_sol         31.81 
_exptl_crystal.description                 ? 
_exptl_crystal.F_000                       ? 
_exptl_crystal.id                          1 
_exptl_crystal.preparation                 ? 
_exptl_crystal.size_max                    ? 
_exptl_crystal.size_mid                    ? 
_exptl_crystal.size_min                    ? 
_exptl_crystal.size_rad                    ? 
_exptl_crystal.colour_lustre               ? 
_exptl_crystal.colour_modifier             ? 
_exptl_crystal.colour_primary              ? 
_exptl_crystal.density_meas                ? 
_exptl_crystal.density_meas_esd            ? 
_exptl_crystal.density_meas_gt             ? 
_exptl_crystal.density_meas_lt             ? 
_exptl_crystal.density_meas_temp           ? 
_exptl_crystal.density_meas_temp_esd       ? 
_exptl_crystal.density_meas_temp_gt        ? 
_exptl_crystal.density_meas_temp_lt        ? 
_exptl_crystal.pdbx_crystal_image_url      ? 
_exptl_crystal.pdbx_crystal_image_format   ? 
_exptl_crystal.pdbx_mosaicity              ? 
_exptl_crystal.pdbx_mosaicity_esd          ? 
# 
_exptl_crystal_grow.apparatus       ? 
_exptl_crystal_grow.atmosphere      ? 
_exptl_crystal_grow.crystal_id      1 
_exptl_crystal_grow.details         ? 
_exptl_crystal_grow.method          'VAPOR DIFFUSION, SITTING DROP' 
_exptl_crystal_grow.method_ref      ? 
_exptl_crystal_grow.pH              ? 
_exptl_crystal_grow.pressure        ? 
_exptl_crystal_grow.pressure_esd    ? 
_exptl_crystal_grow.seeding         ? 
_exptl_crystal_grow.seeding_ref     ? 
_exptl_crystal_grow.temp            293 
_exptl_crystal_grow.temp_details    ? 
_exptl_crystal_grow.temp_esd        ? 
_exptl_crystal_grow.time            ? 
_exptl_crystal_grow.pdbx_details    '40% (v/v) PEG 300, 100 mM sodium carcodylate/HCl (pH 6.5), and 200 mM calcium acetate' 
_exptl_crystal_grow.pdbx_pH_range   ? 
# 
_diffrn.ambient_environment              ? 
_diffrn.ambient_temp                     200 
_diffrn.ambient_temp_details             ? 
_diffrn.ambient_temp_esd                 ? 
_diffrn.crystal_id                       1 
_diffrn.crystal_support                  ? 
_diffrn.crystal_treatment                ? 
_diffrn.details                          ? 
_diffrn.id                               1 
_diffrn.ambient_pressure                 ? 
_diffrn.ambient_pressure_esd             ? 
_diffrn.ambient_pressure_gt              ? 
_diffrn.ambient_pressure_lt              ? 
_diffrn.ambient_temp_gt                  ? 
_diffrn.ambient_temp_lt                  ? 
_diffrn.pdbx_serial_crystal_experiment   ? 
# 
_diffrn_detector.details                      ? 
_diffrn_detector.detector                     CCD 
_diffrn_detector.diffrn_id                    1 
_diffrn_detector.type                         'ADSC QUANTUM 315r' 
_diffrn_detector.area_resol_mean              ? 
_diffrn_detector.dtime                        ? 
_diffrn_detector.pdbx_frames_total            ? 
_diffrn_detector.pdbx_collection_time_total   ? 
_diffrn_detector.pdbx_collection_date         2016-05-19 
_diffrn_detector.pdbx_frequency               ? 
# 
_diffrn_radiation.collimation                      ? 
_diffrn_radiation.diffrn_id                        1 
_diffrn_radiation.filter_edge                      ? 
_diffrn_radiation.inhomogeneity                    ? 
_diffrn_radiation.monochromator                    ? 
_diffrn_radiation.polarisn_norm                    ? 
_diffrn_radiation.polarisn_ratio                   ? 
_diffrn_radiation.probe                            ? 
_diffrn_radiation.type                             ? 
_diffrn_radiation.xray_symbol                      ? 
_diffrn_radiation.wavelength_id                    1 
_diffrn_radiation.pdbx_monochromatic_or_laue_m_l   M 
_diffrn_radiation.pdbx_wavelength_list             ? 
_diffrn_radiation.pdbx_wavelength                  ? 
_diffrn_radiation.pdbx_diffrn_protocol             'SINGLE WAVELENGTH' 
_diffrn_radiation.pdbx_analyzer                    ? 
_diffrn_radiation.pdbx_scattering_type             x-ray 
# 
_diffrn_radiation_wavelength.id           1 
_diffrn_radiation_wavelength.wavelength   0.9794 
_diffrn_radiation_wavelength.wt           1.0 
# 
_diffrn_source.current                     ? 
_diffrn_source.details                     ? 
_diffrn_source.diffrn_id                   1 
_diffrn_source.power                       ? 
_diffrn_source.size                        ? 
_diffrn_source.source                      SYNCHROTRON 
_diffrn_source.target                      ? 
_diffrn_source.type                        'PAL/PLS BEAMLINE 5C (4A)' 
_diffrn_source.voltage                     ? 
_diffrn_source.take-off_angle              ? 
_diffrn_source.pdbx_wavelength_list        0.9794 
_diffrn_source.pdbx_wavelength             ? 
_diffrn_source.pdbx_synchrotron_beamline   '5C (4A)' 
_diffrn_source.pdbx_synchrotron_site       PAL/PLS 
# 
_reflns.B_iso_Wilson_estimate            ? 
_reflns.entry_id                         6IFH 
_reflns.data_reduction_details           ? 
_reflns.data_reduction_method            ? 
_reflns.d_resolution_high                1.80 
_reflns.d_resolution_low                 50.00 
_reflns.details                          ? 
_reflns.limit_h_max                      ? 
_reflns.limit_h_min                      ? 
_reflns.limit_k_max                      ? 
_reflns.limit_k_min                      ? 
_reflns.limit_l_max                      ? 
_reflns.limit_l_min                      ? 
_reflns.number_all                       ? 
_reflns.number_obs                       57616 
_reflns.observed_criterion               ? 
_reflns.observed_criterion_F_max         ? 
_reflns.observed_criterion_F_min         ? 
_reflns.observed_criterion_I_max         ? 
_reflns.observed_criterion_I_min         ? 
_reflns.observed_criterion_sigma_F       ? 
_reflns.observed_criterion_sigma_I       ? 
_reflns.percent_possible_obs             99.5 
_reflns.R_free_details                   ? 
_reflns.Rmerge_F_all                     ? 
_reflns.Rmerge_F_obs                     ? 
_reflns.Friedel_coverage                 ? 
_reflns.number_gt                        ? 
_reflns.threshold_expression             ? 
_reflns.pdbx_redundancy                  6.0 
_reflns.pdbx_Rmerge_I_obs                ? 
_reflns.pdbx_Rmerge_I_all                ? 
_reflns.pdbx_Rsym_value                  ? 
_reflns.pdbx_netI_over_av_sigmaI         ? 
_reflns.pdbx_netI_over_sigmaI            27.9 
_reflns.pdbx_res_netI_over_av_sigmaI_2   ? 
_reflns.pdbx_res_netI_over_sigmaI_2      ? 
_reflns.pdbx_chi_squared                 ? 
_reflns.pdbx_scaling_rejects             ? 
_reflns.pdbx_d_res_high_opt              ? 
_reflns.pdbx_d_res_low_opt               ? 
_reflns.pdbx_d_res_opt_method            ? 
_reflns.phase_calculation_details        ? 
_reflns.pdbx_Rrim_I_all                  ? 
_reflns.pdbx_Rpim_I_all                  ? 
_reflns.pdbx_d_opt                       ? 
_reflns.pdbx_number_measured_all         ? 
_reflns.pdbx_diffrn_id                   1 
_reflns.pdbx_ordinal                     1 
_reflns.pdbx_CC_half                     ? 
_reflns.pdbx_R_split                     ? 
# 
_reflns_shell.d_res_high                  1.80 
_reflns_shell.d_res_low                   1.83 
_reflns_shell.meanI_over_sigI_all         ? 
_reflns_shell.meanI_over_sigI_obs         ? 
_reflns_shell.number_measured_all         ? 
_reflns_shell.number_measured_obs         ? 
_reflns_shell.number_possible             ? 
_reflns_shell.number_unique_all           ? 
_reflns_shell.number_unique_obs           ? 
_reflns_shell.percent_possible_all        ? 
_reflns_shell.percent_possible_obs        ? 
_reflns_shell.Rmerge_F_all                ? 
_reflns_shell.Rmerge_F_obs                ? 
_reflns_shell.Rmerge_I_all                ? 
_reflns_shell.Rmerge_I_obs                ? 
_reflns_shell.meanI_over_sigI_gt          ? 
_reflns_shell.meanI_over_uI_all           ? 
_reflns_shell.meanI_over_uI_gt            ? 
_reflns_shell.number_measured_gt          ? 
_reflns_shell.number_unique_gt            ? 
_reflns_shell.percent_possible_gt         ? 
_reflns_shell.Rmerge_F_gt                 ? 
_reflns_shell.Rmerge_I_gt                 ? 
_reflns_shell.pdbx_redundancy             ? 
_reflns_shell.pdbx_Rsym_value             ? 
_reflns_shell.pdbx_chi_squared            ? 
_reflns_shell.pdbx_netI_over_sigmaI_all   ? 
_reflns_shell.pdbx_netI_over_sigmaI_obs   ? 
_reflns_shell.pdbx_Rrim_I_all             ? 
_reflns_shell.pdbx_Rpim_I_all             ? 
_reflns_shell.pdbx_rejects                ? 
_reflns_shell.pdbx_ordinal                1 
_reflns_shell.pdbx_diffrn_id              1 
_reflns_shell.pdbx_CC_half                ? 
_reflns_shell.pdbx_R_split                ? 
# 
_refine.aniso_B[1][1]                            0.00 
_refine.aniso_B[1][2]                            -0.00 
_refine.aniso_B[1][3]                            0.00 
_refine.aniso_B[2][2]                            -0.00 
_refine.aniso_B[2][3]                            0.00 
_refine.aniso_B[3][3]                            -0.00 
_refine.B_iso_max                                ? 
_refine.B_iso_mean                               32.544 
_refine.B_iso_min                                ? 
_refine.correlation_coeff_Fo_to_Fc               0.958 
_refine.correlation_coeff_Fo_to_Fc_free          0.932 
_refine.details                                  'HYDROGENS HAVE BEEN ADDED IN THE RIDING POSITIONS' 
_refine.diff_density_max                         ? 
_refine.diff_density_max_esd                     ? 
_refine.diff_density_min                         ? 
_refine.diff_density_min_esd                     ? 
_refine.diff_density_rms                         ? 
_refine.diff_density_rms_esd                     ? 
_refine.entry_id                                 6IFH 
_refine.pdbx_refine_id                           'X-RAY DIFFRACTION' 
_refine.ls_abs_structure_details                 ? 
_refine.ls_abs_structure_Flack                   ? 
_refine.ls_abs_structure_Flack_esd               ? 
_refine.ls_abs_structure_Rogers                  ? 
_refine.ls_abs_structure_Rogers_esd              ? 
_refine.ls_d_res_high                            1.80 
_refine.ls_d_res_low                             39.75 
_refine.ls_extinction_coef                       ? 
_refine.ls_extinction_coef_esd                   ? 
_refine.ls_extinction_expression                 ? 
_refine.ls_extinction_method                     ? 
_refine.ls_goodness_of_fit_all                   ? 
_refine.ls_goodness_of_fit_all_esd               ? 
_refine.ls_goodness_of_fit_obs                   ? 
_refine.ls_goodness_of_fit_obs_esd               ? 
_refine.ls_hydrogen_treatment                    ? 
_refine.ls_matrix_type                           ? 
_refine.ls_number_constraints                    ? 
_refine.ls_number_parameters                     ? 
_refine.ls_number_reflns_all                     ? 
_refine.ls_number_reflns_obs                     9045 
_refine.ls_number_reflns_R_free                  487 
_refine.ls_number_reflns_R_work                  ? 
_refine.ls_number_restraints                     ? 
_refine.ls_percent_reflns_obs                    99.50 
_refine.ls_percent_reflns_R_free                 5.1 
_refine.ls_R_factor_all                          ? 
_refine.ls_R_factor_obs                          0.18939 
_refine.ls_R_factor_R_free                       0.22594 
_refine.ls_R_factor_R_free_error                 ? 
_refine.ls_R_factor_R_free_error_details         ? 
_refine.ls_R_factor_R_work                       0.18753 
_refine.ls_R_Fsqd_factor_obs                     ? 
_refine.ls_R_I_factor_obs                        ? 
_refine.ls_redundancy_reflns_all                 ? 
_refine.ls_redundancy_reflns_obs                 ? 
_refine.ls_restrained_S_all                      ? 
_refine.ls_restrained_S_obs                      ? 
_refine.ls_shift_over_esd_max                    ? 
_refine.ls_shift_over_esd_mean                   ? 
_refine.ls_structure_factor_coef                 ? 
_refine.ls_weighting_details                     ? 
_refine.ls_weighting_scheme                      ? 
_refine.ls_wR_factor_all                         ? 
_refine.ls_wR_factor_obs                         ? 
_refine.ls_wR_factor_R_free                      ? 
_refine.ls_wR_factor_R_work                      ? 
_refine.occupancy_max                            ? 
_refine.occupancy_min                            ? 
_refine.solvent_model_details                    MASK 
_refine.solvent_model_param_bsol                 ? 
_refine.solvent_model_param_ksol                 ? 
_refine.ls_R_factor_gt                           ? 
_refine.ls_goodness_of_fit_gt                    ? 
_refine.ls_goodness_of_fit_ref                   ? 
_refine.ls_shift_over_su_max                     ? 
_refine.ls_shift_over_su_max_lt                  ? 
_refine.ls_shift_over_su_mean                    ? 
_refine.ls_shift_over_su_mean_lt                 ? 
_refine.pdbx_ls_sigma_I                          ? 
_refine.pdbx_ls_sigma_F                          ? 
_refine.pdbx_ls_sigma_Fsqd                       ? 
_refine.pdbx_data_cutoff_high_absF               ? 
_refine.pdbx_data_cutoff_high_rms_absF           ? 
_refine.pdbx_data_cutoff_low_absF                ? 
_refine.pdbx_isotropic_thermal_model             ? 
_refine.pdbx_ls_cross_valid_method               THROUGHOUT 
_refine.pdbx_method_to_determine_struct          ? 
_refine.pdbx_starting_model                      ? 
_refine.pdbx_stereochemistry_target_values       'MAXIMUM LIKELIHOOD' 
_refine.pdbx_R_Free_selection_details            RANDOM 
_refine.pdbx_stereochem_target_val_spec_case     ? 
_refine.pdbx_overall_ESU_R                       0.152 
_refine.pdbx_overall_ESU_R_Free                  0.137 
_refine.pdbx_solvent_vdw_probe_radii             1.20 
_refine.pdbx_solvent_ion_probe_radii             0.80 
_refine.pdbx_solvent_shrinkage_radii             0.80 
_refine.pdbx_real_space_R                        ? 
_refine.pdbx_density_correlation                 ? 
_refine.pdbx_pd_number_of_powder_patterns        ? 
_refine.pdbx_pd_number_of_points                 ? 
_refine.pdbx_pd_meas_number_of_points            ? 
_refine.pdbx_pd_proc_ls_prof_R_factor            ? 
_refine.pdbx_pd_proc_ls_prof_wR_factor           ? 
_refine.pdbx_pd_Marquardt_correlation_coeff      ? 
_refine.pdbx_pd_Fsqrd_R_factor                   ? 
_refine.pdbx_pd_ls_matrix_band_width             ? 
_refine.pdbx_overall_phase_error                 ? 
_refine.pdbx_overall_SU_R_free_Cruickshank_DPI   ? 
_refine.pdbx_overall_SU_R_free_Blow_DPI          ? 
_refine.pdbx_overall_SU_R_Blow_DPI               ? 
_refine.pdbx_TLS_residual_ADP_flag               ? 
_refine.pdbx_diffrn_id                           1 
_refine.overall_SU_B                             3.019 
_refine.overall_SU_ML                            0.093 
_refine.overall_SU_R_Cruickshank_DPI             ? 
_refine.overall_SU_R_free                        ? 
_refine.overall_FOM_free_R_set                   ? 
_refine.overall_FOM_work_R_set                   ? 
_refine.pdbx_average_fsc_overall                 ? 
_refine.pdbx_average_fsc_work                    ? 
_refine.pdbx_average_fsc_free                    ? 
# 
_refine_hist.pdbx_refine_id                   'X-RAY DIFFRACTION' 
_refine_hist.cycle_id                         1 
_refine_hist.pdbx_number_atoms_protein        947 
_refine_hist.pdbx_number_atoms_nucleic_acid   0 
_refine_hist.pdbx_number_atoms_ligand         1 
_refine_hist.number_atoms_solvent             43 
_refine_hist.number_atoms_total               991 
_refine_hist.d_res_high                       1.80 
_refine_hist.d_res_low                        39.75 
# 
loop_
_refine_ls_restr.pdbx_refine_id 
_refine_ls_restr.criterion 
_refine_ls_restr.dev_ideal 
_refine_ls_restr.dev_ideal_target 
_refine_ls_restr.number 
_refine_ls_restr.rejects 
_refine_ls_restr.type 
_refine_ls_restr.weight 
_refine_ls_restr.pdbx_restraint_function 
'X-RAY DIFFRACTION' ? 0.011  0.013  960  ? r_bond_refined_d             ? ? 
'X-RAY DIFFRACTION' ? 0.001  0.017  954  ? r_bond_other_d               ? ? 
'X-RAY DIFFRACTION' ? 1.576  1.646  1293 ? r_angle_refined_deg          ? ? 
'X-RAY DIFFRACTION' ? 1.387  1.585  2209 ? r_angle_other_deg            ? ? 
'X-RAY DIFFRACTION' ? 6.846  5.000  118  ? r_dihedral_angle_1_deg       ? ? 
'X-RAY DIFFRACTION' ? 38.036 22.600 50   ? r_dihedral_angle_2_deg       ? ? 
'X-RAY DIFFRACTION' ? 16.759 15.000 188  ? r_dihedral_angle_3_deg       ? ? 
'X-RAY DIFFRACTION' ? 15.094 15.000 7    ? r_dihedral_angle_4_deg       ? ? 
'X-RAY DIFFRACTION' ? 0.082  0.200  127  ? r_chiral_restr               ? ? 
'X-RAY DIFFRACTION' ? 0.008  0.020  1047 ? r_gen_planes_refined         ? ? 
'X-RAY DIFFRACTION' ? 0.001  0.020  186  ? r_gen_planes_other           ? ? 
'X-RAY DIFFRACTION' ? ?      ?      ?    ? r_nbd_refined                ? ? 
'X-RAY DIFFRACTION' ? ?      ?      ?    ? r_nbd_other                  ? ? 
'X-RAY DIFFRACTION' ? ?      ?      ?    ? r_nbtor_refined              ? ? 
'X-RAY DIFFRACTION' ? ?      ?      ?    ? r_nbtor_other                ? ? 
'X-RAY DIFFRACTION' ? ?      ?      ?    ? r_xyhbond_nbd_refined        ? ? 
'X-RAY DIFFRACTION' ? ?      ?      ?    ? r_xyhbond_nbd_other          ? ? 
'X-RAY DIFFRACTION' ? ?      ?      ?    ? r_metal_ion_refined          ? ? 
'X-RAY DIFFRACTION' ? ?      ?      ?    ? r_metal_ion_other            ? ? 
'X-RAY DIFFRACTION' ? ?      ?      ?    ? r_symmetry_vdw_refined       ? ? 
'X-RAY DIFFRACTION' ? ?      ?      ?    ? r_symmetry_vdw_other         ? ? 
'X-RAY DIFFRACTION' ? ?      ?      ?    ? r_symmetry_hbond_refined     ? ? 
'X-RAY DIFFRACTION' ? ?      ?      ?    ? r_symmetry_hbond_other       ? ? 
'X-RAY DIFFRACTION' ? ?      ?      ?    ? r_symmetry_metal_ion_refined ? ? 
'X-RAY DIFFRACTION' ? ?      ?      ?    ? r_symmetry_metal_ion_other   ? ? 
'X-RAY DIFFRACTION' ? 2.852  3.052  475  ? r_mcbond_it                  ? ? 
'X-RAY DIFFRACTION' ? 2.852  3.038  474  ? r_mcbond_other               ? ? 
'X-RAY DIFFRACTION' ? 4.020  4.556  592  ? r_mcangle_it                 ? ? 
'X-RAY DIFFRACTION' ? 4.017  4.572  593  ? r_mcangle_other              ? ? 
'X-RAY DIFFRACTION' ? 4.595  3.733  485  ? r_scbond_it                  ? ? 
'X-RAY DIFFRACTION' ? 4.564  3.712  483  ? r_scbond_other               ? ? 
'X-RAY DIFFRACTION' ? ?      ?      ?    ? r_scangle_it                 ? ? 
'X-RAY DIFFRACTION' ? 6.640  5.362  701  ? r_scangle_other              ? ? 
'X-RAY DIFFRACTION' ? 8.344  37.237 1027 ? r_long_range_B_refined       ? ? 
'X-RAY DIFFRACTION' ? 8.284  36.989 1020 ? r_long_range_B_other         ? ? 
'X-RAY DIFFRACTION' ? ?      ?      ?    ? r_rigid_bond_restr           ? ? 
'X-RAY DIFFRACTION' ? ?      ?      ?    ? r_sphericity_free            ? ? 
'X-RAY DIFFRACTION' ? ?      ?      ?    ? r_sphericity_bonded          ? ? 
# 
_refine_ls_shell.pdbx_refine_id                   'X-RAY DIFFRACTION' 
_refine_ls_shell.d_res_high                       1.800 
_refine_ls_shell.d_res_low                        1.847 
_refine_ls_shell.number_reflns_all                ? 
_refine_ls_shell.number_reflns_obs                ? 
_refine_ls_shell.number_reflns_R_free             40 
_refine_ls_shell.number_reflns_R_work             655 
_refine_ls_shell.percent_reflns_obs               99.29 
_refine_ls_shell.percent_reflns_R_free            ? 
_refine_ls_shell.R_factor_all                     ? 
_refine_ls_shell.R_factor_obs                     ? 
_refine_ls_shell.R_factor_R_free                  0.310 
_refine_ls_shell.R_factor_R_free_error            ? 
_refine_ls_shell.R_factor_R_work                  0.238 
_refine_ls_shell.redundancy_reflns_all            ? 
_refine_ls_shell.redundancy_reflns_obs            ? 
_refine_ls_shell.wR_factor_all                    ? 
_refine_ls_shell.wR_factor_obs                    ? 
_refine_ls_shell.wR_factor_R_free                 ? 
_refine_ls_shell.wR_factor_R_work                 ? 
_refine_ls_shell.pdbx_total_number_of_bins_used   20 
_refine_ls_shell.pdbx_phase_error                 ? 
_refine_ls_shell.pdbx_fsc_work                    ? 
_refine_ls_shell.pdbx_fsc_free                    ? 
# 
_struct.entry_id                     6IFH 
_struct.title                        'Unphosphorylated Spo0F from Paenisporosarcina sp. TG-14' 
_struct.pdbx_model_details           ? 
_struct.pdbx_formula_weight          ? 
_struct.pdbx_formula_weight_method   ? 
_struct.pdbx_model_type_details      ? 
_struct.pdbx_CASP_flag               N 
# 
_struct_keywords.entry_id        6IFH 
_struct_keywords.text            'Paenisporosarcina sp. TG-14, spore formation, Spo0F, TRANSFERASE' 
_struct_keywords.pdbx_keywords   TRANSFERASE 
# 
loop_
_struct_asym.id 
_struct_asym.pdbx_blank_PDB_chainid_flag 
_struct_asym.pdbx_modified 
_struct_asym.entity_id 
_struct_asym.details 
A N N 1 ? 
B N N 2 ? 
C N N 3 ? 
# 
_struct_ref.id                         1 
_struct_ref.db_name                    PDB 
_struct_ref.db_code                    6IFH 
_struct_ref.pdbx_db_accession          6IFH 
_struct_ref.pdbx_db_isoform            ? 
_struct_ref.entity_id                  1 
_struct_ref.pdbx_seq_one_letter_code   ? 
_struct_ref.pdbx_align_begin           1 
# 
_struct_ref_seq.align_id                      1 
_struct_ref_seq.ref_id                        1 
_struct_ref_seq.pdbx_PDB_id_code              6IFH 
_struct_ref_seq.pdbx_strand_id                A 
_struct_ref_seq.seq_align_beg                 1 
_struct_ref_seq.pdbx_seq_align_beg_ins_code   ? 
_struct_ref_seq.seq_align_end                 119 
_struct_ref_seq.pdbx_seq_align_end_ins_code   ? 
_struct_ref_seq.pdbx_db_accession             6IFH 
_struct_ref_seq.db_align_beg                  1 
_struct_ref_seq.pdbx_db_align_beg_ins_code    ? 
_struct_ref_seq.db_align_end                  119 
_struct_ref_seq.pdbx_db_align_end_ins_code    ? 
_struct_ref_seq.pdbx_auth_seq_align_beg       1 
_struct_ref_seq.pdbx_auth_seq_align_end       119 
# 
_pdbx_struct_assembly.id                   1 
_pdbx_struct_assembly.details              author_and_software_defined_assembly 
_pdbx_struct_assembly.method_details       PISA 
_pdbx_struct_assembly.oligomeric_details   monomeric 
_pdbx_struct_assembly.oligomeric_count     1 
# 
loop_
_pdbx_struct_assembly_prop.biol_id 
_pdbx_struct_assembly_prop.type 
_pdbx_struct_assembly_prop.value 
_pdbx_struct_assembly_prop.details 
1 'ABSA (A^2)' 110  ? 
1 MORE         -8   ? 
1 'SSA (A^2)'  6240 ? 
# 
_pdbx_struct_assembly_gen.assembly_id       1 
_pdbx_struct_assembly_gen.oper_expression   1 
_pdbx_struct_assembly_gen.asym_id_list      A,B,C 
# 
_pdbx_struct_assembly_auth_evidence.id                     1 
_pdbx_struct_assembly_auth_evidence.assembly_id            1 
_pdbx_struct_assembly_auth_evidence.experimental_support   'gel filtration' 
_pdbx_struct_assembly_auth_evidence.details                ? 
# 
_pdbx_struct_oper_list.id                   1 
_pdbx_struct_oper_list.type                 'identity operation' 
_pdbx_struct_oper_list.name                 1_555 
_pdbx_struct_oper_list.symmetry_operation   x,y,z 
_pdbx_struct_oper_list.matrix[1][1]         1.0000000000 
_pdbx_struct_oper_list.matrix[1][2]         0.0000000000 
_pdbx_struct_oper_list.matrix[1][3]         0.0000000000 
_pdbx_struct_oper_list.vector[1]            0.0000000000 
_pdbx_struct_oper_list.matrix[2][1]         0.0000000000 
_pdbx_struct_oper_list.matrix[2][2]         1.0000000000 
_pdbx_struct_oper_list.matrix[2][3]         0.0000000000 
_pdbx_struct_oper_list.vector[2]            0.0000000000 
_pdbx_struct_oper_list.matrix[3][1]         0.0000000000 
_pdbx_struct_oper_list.matrix[3][2]         0.0000000000 
_pdbx_struct_oper_list.matrix[3][3]         1.0000000000 
_pdbx_struct_oper_list.vector[3]            0.0000000000 
# 
loop_
_struct_conf.conf_type_id 
_struct_conf.id 
_struct_conf.pdbx_PDB_helix_id 
_struct_conf.beg_label_comp_id 
_struct_conf.beg_label_asym_id 
_struct_conf.beg_label_seq_id 
_struct_conf.pdbx_beg_PDB_ins_code 
_struct_conf.end_label_comp_id 
_struct_conf.end_label_asym_id 
_struct_conf.end_label_seq_id 
_struct_conf.pdbx_end_PDB_ins_code 
_struct_conf.beg_auth_comp_id 
_struct_conf.beg_auth_asym_id 
_struct_conf.beg_auth_seq_id 
_struct_conf.end_auth_comp_id 
_struct_conf.end_auth_asym_id 
_struct_conf.end_auth_seq_id 
_struct_conf.pdbx_PDB_helix_class 
_struct_conf.details 
_struct_conf.pdbx_PDB_helix_length 
HELX_P HELX_P1 AA1 GLN A 10  ? GLU A 24  ? GLN A 10  GLU A 24  1 ? 15 
HELX_P HELX_P2 AA2 ASN A 33  ? LYS A 45  ? ASN A 33  LYS A 45  1 ? 13 
HELX_P HELX_P3 AA3 ASP A 59  ? THR A 71  ? ASP A 59  THR A 71  1 ? 13 
HELX_P HELX_P4 AA4 GLU A 84  ? LEU A 94  ? GLU A 84  LEU A 94  1 ? 11 
HELX_P HELX_P5 AA5 ASP A 105 ? ARG A 118 ? ASP A 105 ARG A 118 1 ? 14 
# 
_struct_conf_type.id          HELX_P 
_struct_conf_type.criteria    ? 
_struct_conf_type.reference   ? 
# 
loop_
_struct_conn.id 
_struct_conn.conn_type_id 
_struct_conn.pdbx_leaving_atom_flag 
_struct_conn.pdbx_PDB_id 
_struct_conn.ptnr1_label_asym_id 
_struct_conn.ptnr1_label_comp_id 
_struct_conn.ptnr1_label_seq_id 
_struct_conn.ptnr1_label_atom_id 
_struct_conn.pdbx_ptnr1_label_alt_id 
_struct_conn.pdbx_ptnr1_PDB_ins_code 
_struct_conn.pdbx_ptnr1_standard_comp_id 
_struct_conn.ptnr1_symmetry 
_struct_conn.ptnr2_label_asym_id 
_struct_conn.ptnr2_label_comp_id 
_struct_conn.ptnr2_label_seq_id 
_struct_conn.ptnr2_label_atom_id 
_struct_conn.pdbx_ptnr2_label_alt_id 
_struct_conn.pdbx_ptnr2_PDB_ins_code 
_struct_conn.ptnr1_auth_asym_id 
_struct_conn.ptnr1_auth_comp_id 
_struct_conn.ptnr1_auth_seq_id 
_struct_conn.ptnr2_auth_asym_id 
_struct_conn.ptnr2_auth_comp_id 
_struct_conn.ptnr2_auth_seq_id 
_struct_conn.ptnr2_symmetry 
_struct_conn.pdbx_ptnr3_label_atom_id 
_struct_conn.pdbx_ptnr3_label_seq_id 
_struct_conn.pdbx_ptnr3_label_comp_id 
_struct_conn.pdbx_ptnr3_label_asym_id 
_struct_conn.pdbx_ptnr3_label_alt_id 
_struct_conn.pdbx_ptnr3_PDB_ins_code 
_struct_conn.details 
_struct_conn.pdbx_dist_value 
_struct_conn.pdbx_value_order 
_struct_conn.pdbx_role 
metalc1 metalc ? ? A ASP 8  OD1 ? ? ? 1_555 B MG  . MG ? ? A ASP 8   A MG  201 1_555 ? ? ? ? ? ? ? 2.523 ? ? 
metalc2 metalc ? ? A ASP 9  OD1 ? ? ? 1_555 B MG  . MG ? ? A ASP 9   A MG  201 1_555 ? ? ? ? ? ? ? 2.329 ? ? 
metalc3 metalc ? ? A ASP 52 OD2 ? ? ? 1_555 B MG  . MG ? ? A ASP 52  A MG  201 1_555 ? ? ? ? ? ? ? 2.354 ? ? 
metalc4 metalc ? ? A LYS 54 O   ? ? ? 1_555 B MG  . MG ? ? A LYS 54  A MG  201 1_555 ? ? ? ? ? ? ? 2.262 ? ? 
metalc5 metalc ? ? B MG  .  MG  ? ? ? 1_555 C HOH . O  ? ? A MG  201 A HOH 308 1_555 ? ? ? ? ? ? ? 2.358 ? ? 
metalc6 metalc ? ? B MG  .  MG  ? ? ? 1_555 C HOH . O  ? ? A MG  201 A HOH 311 1_555 ? ? ? ? ? ? ? 2.542 ? ? 
metalc7 metalc ? ? B MG  .  MG  ? ? ? 1_555 C HOH . O  ? ? A MG  201 A HOH 342 1_555 ? ? ? ? ? ? ? 2.625 ? ? 
# 
_struct_conn_type.id          metalc 
_struct_conn_type.criteria    ? 
_struct_conn_type.reference   ? 
# 
loop_
_pdbx_struct_conn_angle.id 
_pdbx_struct_conn_angle.ptnr1_label_atom_id 
_pdbx_struct_conn_angle.ptnr1_label_alt_id 
_pdbx_struct_conn_angle.ptnr1_label_asym_id 
_pdbx_struct_conn_angle.ptnr1_label_comp_id 
_pdbx_struct_conn_angle.ptnr1_label_seq_id 
_pdbx_struct_conn_angle.ptnr1_auth_atom_id 
_pdbx_struct_conn_angle.ptnr1_auth_asym_id 
_pdbx_struct_conn_angle.ptnr1_auth_comp_id 
_pdbx_struct_conn_angle.ptnr1_auth_seq_id 
_pdbx_struct_conn_angle.ptnr1_PDB_ins_code 
_pdbx_struct_conn_angle.ptnr1_symmetry 
_pdbx_struct_conn_angle.ptnr2_label_atom_id 
_pdbx_struct_conn_angle.ptnr2_label_alt_id 
_pdbx_struct_conn_angle.ptnr2_label_asym_id 
_pdbx_struct_conn_angle.ptnr2_label_comp_id 
_pdbx_struct_conn_angle.ptnr2_label_seq_id 
_pdbx_struct_conn_angle.ptnr2_auth_atom_id 
_pdbx_struct_conn_angle.ptnr2_auth_asym_id 
_pdbx_struct_conn_angle.ptnr2_auth_comp_id 
_pdbx_struct_conn_angle.ptnr2_auth_seq_id 
_pdbx_struct_conn_angle.ptnr2_PDB_ins_code 
_pdbx_struct_conn_angle.ptnr2_symmetry 
_pdbx_struct_conn_angle.ptnr3_label_atom_id 
_pdbx_struct_conn_angle.ptnr3_label_alt_id 
_pdbx_struct_conn_angle.ptnr3_label_asym_id 
_pdbx_struct_conn_angle.ptnr3_label_comp_id 
_pdbx_struct_conn_angle.ptnr3_label_seq_id 
_pdbx_struct_conn_angle.ptnr3_auth_atom_id 
_pdbx_struct_conn_angle.ptnr3_auth_asym_id 
_pdbx_struct_conn_angle.ptnr3_auth_comp_id 
_pdbx_struct_conn_angle.ptnr3_auth_seq_id 
_pdbx_struct_conn_angle.ptnr3_PDB_ins_code 
_pdbx_struct_conn_angle.ptnr3_symmetry 
_pdbx_struct_conn_angle.value 
_pdbx_struct_conn_angle.value_esd 
1  OD1 ? A ASP 8  ? A ASP 8   ? 1_555 MG ? B MG . ? A MG 201 ? 1_555 OD1 ? A ASP 9  ? A ASP 9   ? 1_555 69.0  ? 
2  OD1 ? A ASP 8  ? A ASP 8   ? 1_555 MG ? B MG . ? A MG 201 ? 1_555 OD2 ? A ASP 52 ? A ASP 52  ? 1_555 73.0  ? 
3  OD1 ? A ASP 9  ? A ASP 9   ? 1_555 MG ? B MG . ? A MG 201 ? 1_555 OD2 ? A ASP 52 ? A ASP 52  ? 1_555 124.9 ? 
4  OD1 ? A ASP 8  ? A ASP 8   ? 1_555 MG ? B MG . ? A MG 201 ? 1_555 O   ? A LYS 54 ? A LYS 54  ? 1_555 113.6 ? 
5  OD1 ? A ASP 9  ? A ASP 9   ? 1_555 MG ? B MG . ? A MG 201 ? 1_555 O   ? A LYS 54 ? A LYS 54  ? 1_555 83.0  ? 
6  OD2 ? A ASP 52 ? A ASP 52  ? 1_555 MG ? B MG . ? A MG 201 ? 1_555 O   ? A LYS 54 ? A LYS 54  ? 1_555 77.2  ? 
7  OD1 ? A ASP 8  ? A ASP 8   ? 1_555 MG ? B MG . ? A MG 201 ? 1_555 O   ? C HOH .  ? A HOH 308 ? 1_555 70.0  ? 
8  OD1 ? A ASP 9  ? A ASP 9   ? 1_555 MG ? B MG . ? A MG 201 ? 1_555 O   ? C HOH .  ? A HOH 308 ? 1_555 107.2 ? 
9  OD2 ? A ASP 52 ? A ASP 52  ? 1_555 MG ? B MG . ? A MG 201 ? 1_555 O   ? C HOH .  ? A HOH 308 ? 1_555 95.2  ? 
10 O   ? A LYS 54 ? A LYS 54  ? 1_555 MG ? B MG . ? A MG 201 ? 1_555 O   ? C HOH .  ? A HOH 308 ? 1_555 169.7 ? 
11 OD1 ? A ASP 8  ? A ASP 8   ? 1_555 MG ? B MG . ? A MG 201 ? 1_555 O   ? C HOH .  ? A HOH 311 ? 1_555 116.1 ? 
12 OD1 ? A ASP 9  ? A ASP 9   ? 1_555 MG ? B MG . ? A MG 201 ? 1_555 O   ? C HOH .  ? A HOH 311 ? 1_555 66.8  ? 
13 OD2 ? A ASP 52 ? A ASP 52  ? 1_555 MG ? B MG . ? A MG 201 ? 1_555 O   ? C HOH .  ? A HOH 311 ? 1_555 168.2 ? 
14 O   ? A LYS 54 ? A LYS 54  ? 1_555 MG ? B MG . ? A MG 201 ? 1_555 O   ? C HOH .  ? A HOH 311 ? 1_555 104.1 ? 
15 O   ? C HOH .  ? A HOH 308 ? 1_555 MG ? B MG . ? A MG 201 ? 1_555 O   ? C HOH .  ? A HOH 311 ? 1_555 81.9  ? 
16 OD1 ? A ASP 8  ? A ASP 8   ? 1_555 MG ? B MG . ? A MG 201 ? 1_555 O   ? C HOH .  ? A HOH 342 ? 1_555 139.8 ? 
17 OD1 ? A ASP 9  ? A ASP 9   ? 1_555 MG ? B MG . ? A MG 201 ? 1_555 O   ? C HOH .  ? A HOH 342 ? 1_555 148.9 ? 
18 OD2 ? A ASP 52 ? A ASP 52  ? 1_555 MG ? B MG . ? A MG 201 ? 1_555 O   ? C HOH .  ? A HOH 342 ? 1_555 82.8  ? 
19 O   ? A LYS 54 ? A LYS 54  ? 1_555 MG ? B MG . ? A MG 201 ? 1_555 O   ? C HOH .  ? A HOH 342 ? 1_555 91.0  ? 
20 O   ? C HOH .  ? A HOH 308 ? 1_555 MG ? B MG . ? A MG 201 ? 1_555 O   ? C HOH .  ? A HOH 342 ? 1_555 81.0  ? 
21 O   ? C HOH .  ? A HOH 311 ? 1_555 MG ? B MG . ? A MG 201 ? 1_555 O   ? C HOH .  ? A HOH 342 ? 1_555 85.4  ? 
# 
_struct_mon_prot_cis.pdbx_id                1 
_struct_mon_prot_cis.label_comp_id          LYS 
_struct_mon_prot_cis.label_seq_id           102 
_struct_mon_prot_cis.label_asym_id          A 
_struct_mon_prot_cis.label_alt_id           . 
_struct_mon_prot_cis.pdbx_PDB_ins_code      ? 
_struct_mon_prot_cis.auth_comp_id           LYS 
_struct_mon_prot_cis.auth_seq_id            102 
_struct_mon_prot_cis.auth_asym_id           A 
_struct_mon_prot_cis.pdbx_label_comp_id_2   PRO 
_struct_mon_prot_cis.pdbx_label_seq_id_2    103 
_struct_mon_prot_cis.pdbx_label_asym_id_2   A 
_struct_mon_prot_cis.pdbx_PDB_ins_code_2    ? 
_struct_mon_prot_cis.pdbx_auth_comp_id_2    PRO 
_struct_mon_prot_cis.pdbx_auth_seq_id_2     103 
_struct_mon_prot_cis.pdbx_auth_asym_id_2    A 
_struct_mon_prot_cis.pdbx_PDB_model_num     1 
_struct_mon_prot_cis.pdbx_omega_angle       2.90 
# 
_struct_sheet.id               AA1 
_struct_sheet.type             ? 
_struct_sheet.number_strands   5 
_struct_sheet.details          ? 
# 
loop_
_struct_sheet_order.sheet_id 
_struct_sheet_order.range_id_1 
_struct_sheet_order.range_id_2 
_struct_sheet_order.offset 
_struct_sheet_order.sense 
AA1 1 2 ? parallel 
AA1 2 3 ? parallel 
AA1 3 4 ? parallel 
AA1 4 5 ? parallel 
# 
loop_
_struct_sheet_range.sheet_id 
_struct_sheet_range.id 
_struct_sheet_range.beg_label_comp_id 
_struct_sheet_range.beg_label_asym_id 
_struct_sheet_range.beg_label_seq_id 
_struct_sheet_range.pdbx_beg_PDB_ins_code 
_struct_sheet_range.end_label_comp_id 
_struct_sheet_range.end_label_asym_id 
_struct_sheet_range.end_label_seq_id 
_struct_sheet_range.pdbx_end_PDB_ins_code 
_struct_sheet_range.beg_auth_comp_id 
_struct_sheet_range.beg_auth_asym_id 
_struct_sheet_range.beg_auth_seq_id 
_struct_sheet_range.end_auth_comp_id 
_struct_sheet_range.end_auth_asym_id 
_struct_sheet_range.end_auth_seq_id 
AA1 1 THR A 27 ? ALA A 31  ? THR A 27 ALA A 31  
AA1 2 GLN A 3  ? VAL A 7   ? GLN A 3  VAL A 7   
AA1 3 GLY A 48 ? ASP A 52  ? GLY A 48 ASP A 52  
AA1 4 VAL A 76 ? ALA A 81  ? VAL A 76 ALA A 81  
AA1 5 HIS A 98 ? LYS A 102 ? HIS A 98 LYS A 102 
# 
loop_
_pdbx_struct_sheet_hbond.sheet_id 
_pdbx_struct_sheet_hbond.range_id_1 
_pdbx_struct_sheet_hbond.range_id_2 
_pdbx_struct_sheet_hbond.range_1_label_atom_id 
_pdbx_struct_sheet_hbond.range_1_label_comp_id 
_pdbx_struct_sheet_hbond.range_1_label_asym_id 
_pdbx_struct_sheet_hbond.range_1_label_seq_id 
_pdbx_struct_sheet_hbond.range_1_PDB_ins_code 
_pdbx_struct_sheet_hbond.range_1_auth_atom_id 
_pdbx_struct_sheet_hbond.range_1_auth_comp_id 
_pdbx_struct_sheet_hbond.range_1_auth_asym_id 
_pdbx_struct_sheet_hbond.range_1_auth_seq_id 
_pdbx_struct_sheet_hbond.range_2_label_atom_id 
_pdbx_struct_sheet_hbond.range_2_label_comp_id 
_pdbx_struct_sheet_hbond.range_2_label_asym_id 
_pdbx_struct_sheet_hbond.range_2_label_seq_id 
_pdbx_struct_sheet_hbond.range_2_PDB_ins_code 
_pdbx_struct_sheet_hbond.range_2_auth_atom_id 
_pdbx_struct_sheet_hbond.range_2_auth_comp_id 
_pdbx_struct_sheet_hbond.range_2_auth_asym_id 
_pdbx_struct_sheet_hbond.range_2_auth_seq_id 
AA1 1 2 O PHE A 29 ? O PHE A 29 N ILE A 6  ? N ILE A 6  
AA1 2 3 N VAL A 7  ? N VAL A 7  O LEU A 50 ? O LEU A 50 
AA1 3 4 N VAL A 49 ? N VAL A 49 O LEU A 77 ? O LEU A 77 
AA1 4 5 N MET A 78 ? N MET A 78 O HIS A 98 ? O HIS A 98 
# 
_struct_site.id                   AC1 
_struct_site.pdbx_evidence_code   Software 
_struct_site.pdbx_auth_asym_id    A 
_struct_site.pdbx_auth_comp_id    MG 
_struct_site.pdbx_auth_seq_id     201 
_struct_site.pdbx_auth_ins_code   ? 
_struct_site.pdbx_num_residues    7 
_struct_site.details              'binding site for residue MG A 201' 
# 
loop_
_struct_site_gen.id 
_struct_site_gen.site_id 
_struct_site_gen.pdbx_num_res 
_struct_site_gen.label_comp_id 
_struct_site_gen.label_asym_id 
_struct_site_gen.label_seq_id 
_struct_site_gen.pdbx_auth_ins_code 
_struct_site_gen.auth_comp_id 
_struct_site_gen.auth_asym_id 
_struct_site_gen.auth_seq_id 
_struct_site_gen.label_atom_id 
_struct_site_gen.label_alt_id 
_struct_site_gen.symmetry 
_struct_site_gen.details 
1 AC1 7 ASP A 8  ? ASP A 8   . ? 1_555 ? 
2 AC1 7 ASP A 9  ? ASP A 9   . ? 1_555 ? 
3 AC1 7 ASP A 52 ? ASP A 52  . ? 1_555 ? 
4 AC1 7 LYS A 54 ? LYS A 54  . ? 1_555 ? 
5 AC1 7 HOH C .  ? HOH A 308 . ? 1_555 ? 
6 AC1 7 HOH C .  ? HOH A 311 . ? 1_555 ? 
7 AC1 7 HOH C .  ? HOH A 342 . ? 1_555 ? 
# 
_pdbx_validate_close_contact.id               1 
_pdbx_validate_close_contact.PDB_model_num    1 
_pdbx_validate_close_contact.auth_atom_id_1   O 
_pdbx_validate_close_contact.auth_asym_id_1   A 
_pdbx_validate_close_contact.auth_comp_id_1   HOH 
_pdbx_validate_close_contact.auth_seq_id_1    303 
_pdbx_validate_close_contact.PDB_ins_code_1   ? 
_pdbx_validate_close_contact.label_alt_id_1   ? 
_pdbx_validate_close_contact.auth_atom_id_2   O 
_pdbx_validate_close_contact.auth_asym_id_2   A 
_pdbx_validate_close_contact.auth_comp_id_2   HOH 
_pdbx_validate_close_contact.auth_seq_id_2    315 
_pdbx_validate_close_contact.PDB_ins_code_2   ? 
_pdbx_validate_close_contact.label_alt_id_2   ? 
_pdbx_validate_close_contact.dist             2.10 
# 
_pdbx_validate_torsion.id              1 
_pdbx_validate_torsion.PDB_model_num   1 
_pdbx_validate_torsion.auth_comp_id    GLU 
_pdbx_validate_torsion.auth_asym_id    A 
_pdbx_validate_torsion.auth_seq_id     84 
_pdbx_validate_torsion.PDB_ins_code    ? 
_pdbx_validate_torsion.label_alt_id    ? 
_pdbx_validate_torsion.phi             -88.34 
_pdbx_validate_torsion.psi             48.32 
# 
loop_
_chem_comp_atom.comp_id 
_chem_comp_atom.atom_id 
_chem_comp_atom.type_symbol 
_chem_comp_atom.pdbx_aromatic_flag 
_chem_comp_atom.pdbx_stereo_config 
_chem_comp_atom.pdbx_ordinal 
ALA N    N  N N 1   
ALA CA   C  N S 2   
ALA C    C  N N 3   
ALA O    O  N N 4   
ALA CB   C  N N 5   
ALA OXT  O  N N 6   
ALA H    H  N N 7   
ALA H2   H  N N 8   
ALA HA   H  N N 9   
ALA HB1  H  N N 10  
ALA HB2  H  N N 11  
ALA HB3  H  N N 12  
ALA HXT  H  N N 13  
ARG N    N  N N 14  
ARG CA   C  N S 15  
ARG C    C  N N 16  
ARG O    O  N N 17  
ARG CB   C  N N 18  
ARG CG   C  N N 19  
ARG CD   C  N N 20  
ARG NE   N  N N 21  
ARG CZ   C  N N 22  
ARG NH1  N  N N 23  
ARG NH2  N  N N 24  
ARG OXT  O  N N 25  
ARG H    H  N N 26  
ARG H2   H  N N 27  
ARG HA   H  N N 28  
ARG HB2  H  N N 29  
ARG HB3  H  N N 30  
ARG HG2  H  N N 31  
ARG HG3  H  N N 32  
ARG HD2  H  N N 33  
ARG HD3  H  N N 34  
ARG HE   H  N N 35  
ARG HH11 H  N N 36  
ARG HH12 H  N N 37  
ARG HH21 H  N N 38  
ARG HH22 H  N N 39  
ARG HXT  H  N N 40  
ASN N    N  N N 41  
ASN CA   C  N S 42  
ASN C    C  N N 43  
ASN O    O  N N 44  
ASN CB   C  N N 45  
ASN CG   C  N N 46  
ASN OD1  O  N N 47  
ASN ND2  N  N N 48  
ASN OXT  O  N N 49  
ASN H    H  N N 50  
ASN H2   H  N N 51  
ASN HA   H  N N 52  
ASN HB2  H  N N 53  
ASN HB3  H  N N 54  
ASN HD21 H  N N 55  
ASN HD22 H  N N 56  
ASN HXT  H  N N 57  
ASP N    N  N N 58  
ASP CA   C  N S 59  
ASP C    C  N N 60  
ASP O    O  N N 61  
ASP CB   C  N N 62  
ASP CG   C  N N 63  
ASP OD1  O  N N 64  
ASP OD2  O  N N 65  
ASP OXT  O  N N 66  
ASP H    H  N N 67  
ASP H2   H  N N 68  
ASP HA   H  N N 69  
ASP HB2  H  N N 70  
ASP HB3  H  N N 71  
ASP HD2  H  N N 72  
ASP HXT  H  N N 73  
GLN N    N  N N 74  
GLN CA   C  N S 75  
GLN C    C  N N 76  
GLN O    O  N N 77  
GLN CB   C  N N 78  
GLN CG   C  N N 79  
GLN CD   C  N N 80  
GLN OE1  O  N N 81  
GLN NE2  N  N N 82  
GLN OXT  O  N N 83  
GLN H    H  N N 84  
GLN H2   H  N N 85  
GLN HA   H  N N 86  
GLN HB2  H  N N 87  
GLN HB3  H  N N 88  
GLN HG2  H  N N 89  
GLN HG3  H  N N 90  
GLN HE21 H  N N 91  
GLN HE22 H  N N 92  
GLN HXT  H  N N 93  
GLU N    N  N N 94  
GLU CA   C  N S 95  
GLU C    C  N N 96  
GLU O    O  N N 97  
GLU CB   C  N N 98  
GLU CG   C  N N 99  
GLU CD   C  N N 100 
GLU OE1  O  N N 101 
GLU OE2  O  N N 102 
GLU OXT  O  N N 103 
GLU H    H  N N 104 
GLU H2   H  N N 105 
GLU HA   H  N N 106 
GLU HB2  H  N N 107 
GLU HB3  H  N N 108 
GLU HG2  H  N N 109 
GLU HG3  H  N N 110 
GLU HE2  H  N N 111 
GLU HXT  H  N N 112 
GLY N    N  N N 113 
GLY CA   C  N N 114 
GLY C    C  N N 115 
GLY O    O  N N 116 
GLY OXT  O  N N 117 
GLY H    H  N N 118 
GLY H2   H  N N 119 
GLY HA2  H  N N 120 
GLY HA3  H  N N 121 
GLY HXT  H  N N 122 
HIS N    N  N N 123 
HIS CA   C  N S 124 
HIS C    C  N N 125 
HIS O    O  N N 126 
HIS CB   C  N N 127 
HIS CG   C  Y N 128 
HIS ND1  N  Y N 129 
HIS CD2  C  Y N 130 
HIS CE1  C  Y N 131 
HIS NE2  N  Y N 132 
HIS OXT  O  N N 133 
HIS H    H  N N 134 
HIS H2   H  N N 135 
HIS HA   H  N N 136 
HIS HB2  H  N N 137 
HIS HB3  H  N N 138 
HIS HD1  H  N N 139 
HIS HD2  H  N N 140 
HIS HE1  H  N N 141 
HIS HE2  H  N N 142 
HIS HXT  H  N N 143 
HOH O    O  N N 144 
HOH H1   H  N N 145 
HOH H2   H  N N 146 
ILE N    N  N N 147 
ILE CA   C  N S 148 
ILE C    C  N N 149 
ILE O    O  N N 150 
ILE CB   C  N S 151 
ILE CG1  C  N N 152 
ILE CG2  C  N N 153 
ILE CD1  C  N N 154 
ILE OXT  O  N N 155 
ILE H    H  N N 156 
ILE H2   H  N N 157 
ILE HA   H  N N 158 
ILE HB   H  N N 159 
ILE HG12 H  N N 160 
ILE HG13 H  N N 161 
ILE HG21 H  N N 162 
ILE HG22 H  N N 163 
ILE HG23 H  N N 164 
ILE HD11 H  N N 165 
ILE HD12 H  N N 166 
ILE HD13 H  N N 167 
ILE HXT  H  N N 168 
LEU N    N  N N 169 
LEU CA   C  N S 170 
LEU C    C  N N 171 
LEU O    O  N N 172 
LEU CB   C  N N 173 
LEU CG   C  N N 174 
LEU CD1  C  N N 175 
LEU CD2  C  N N 176 
LEU OXT  O  N N 177 
LEU H    H  N N 178 
LEU H2   H  N N 179 
LEU HA   H  N N 180 
LEU HB2  H  N N 181 
LEU HB3  H  N N 182 
LEU HG   H  N N 183 
LEU HD11 H  N N 184 
LEU HD12 H  N N 185 
LEU HD13 H  N N 186 
LEU HD21 H  N N 187 
LEU HD22 H  N N 188 
LEU HD23 H  N N 189 
LEU HXT  H  N N 190 
LYS N    N  N N 191 
LYS CA   C  N S 192 
LYS C    C  N N 193 
LYS O    O  N N 194 
LYS CB   C  N N 195 
LYS CG   C  N N 196 
LYS CD   C  N N 197 
LYS CE   C  N N 198 
LYS NZ   N  N N 199 
LYS OXT  O  N N 200 
LYS H    H  N N 201 
LYS H2   H  N N 202 
LYS HA   H  N N 203 
LYS HB2  H  N N 204 
LYS HB3  H  N N 205 
LYS HG2  H  N N 206 
LYS HG3  H  N N 207 
LYS HD2  H  N N 208 
LYS HD3  H  N N 209 
LYS HE2  H  N N 210 
LYS HE3  H  N N 211 
LYS HZ1  H  N N 212 
LYS HZ2  H  N N 213 
LYS HZ3  H  N N 214 
LYS HXT  H  N N 215 
MET N    N  N N 216 
MET CA   C  N S 217 
MET C    C  N N 218 
MET O    O  N N 219 
MET CB   C  N N 220 
MET CG   C  N N 221 
MET SD   S  N N 222 
MET CE   C  N N 223 
MET OXT  O  N N 224 
MET H    H  N N 225 
MET H2   H  N N 226 
MET HA   H  N N 227 
MET HB2  H  N N 228 
MET HB3  H  N N 229 
MET HG2  H  N N 230 
MET HG3  H  N N 231 
MET HE1  H  N N 232 
MET HE2  H  N N 233 
MET HE3  H  N N 234 
MET HXT  H  N N 235 
MG  MG   MG N N 236 
PHE N    N  N N 237 
PHE CA   C  N S 238 
PHE C    C  N N 239 
PHE O    O  N N 240 
PHE CB   C  N N 241 
PHE CG   C  Y N 242 
PHE CD1  C  Y N 243 
PHE CD2  C  Y N 244 
PHE CE1  C  Y N 245 
PHE CE2  C  Y N 246 
PHE CZ   C  Y N 247 
PHE OXT  O  N N 248 
PHE H    H  N N 249 
PHE H2   H  N N 250 
PHE HA   H  N N 251 
PHE HB2  H  N N 252 
PHE HB3  H  N N 253 
PHE HD1  H  N N 254 
PHE HD2  H  N N 255 
PHE HE1  H  N N 256 
PHE HE2  H  N N 257 
PHE HZ   H  N N 258 
PHE HXT  H  N N 259 
PRO N    N  N N 260 
PRO CA   C  N S 261 
PRO C    C  N N 262 
PRO O    O  N N 263 
PRO CB   C  N N 264 
PRO CG   C  N N 265 
PRO CD   C  N N 266 
PRO OXT  O  N N 267 
PRO H    H  N N 268 
PRO HA   H  N N 269 
PRO HB2  H  N N 270 
PRO HB3  H  N N 271 
PRO HG2  H  N N 272 
PRO HG3  H  N N 273 
PRO HD2  H  N N 274 
PRO HD3  H  N N 275 
PRO HXT  H  N N 276 
SER N    N  N N 277 
SER CA   C  N S 278 
SER C    C  N N 279 
SER O    O  N N 280 
SER CB   C  N N 281 
SER OG   O  N N 282 
SER OXT  O  N N 283 
SER H    H  N N 284 
SER H2   H  N N 285 
SER HA   H  N N 286 
SER HB2  H  N N 287 
SER HB3  H  N N 288 
SER HG   H  N N 289 
SER HXT  H  N N 290 
THR N    N  N N 291 
THR CA   C  N S 292 
THR C    C  N N 293 
THR O    O  N N 294 
THR CB   C  N R 295 
THR OG1  O  N N 296 
THR CG2  C  N N 297 
THR OXT  O  N N 298 
THR H    H  N N 299 
THR H2   H  N N 300 
THR HA   H  N N 301 
THR HB   H  N N 302 
THR HG1  H  N N 303 
THR HG21 H  N N 304 
THR HG22 H  N N 305 
THR HG23 H  N N 306 
THR HXT  H  N N 307 
TYR N    N  N N 308 
TYR CA   C  N S 309 
TYR C    C  N N 310 
TYR O    O  N N 311 
TYR CB   C  N N 312 
TYR CG   C  Y N 313 
TYR CD1  C  Y N 314 
TYR CD2  C  Y N 315 
TYR CE1  C  Y N 316 
TYR CE2  C  Y N 317 
TYR CZ   C  Y N 318 
TYR OH   O  N N 319 
TYR OXT  O  N N 320 
TYR H    H  N N 321 
TYR H2   H  N N 322 
TYR HA   H  N N 323 
TYR HB2  H  N N 324 
TYR HB3  H  N N 325 
TYR HD1  H  N N 326 
TYR HD2  H  N N 327 
TYR HE1  H  N N 328 
TYR HE2  H  N N 329 
TYR HH   H  N N 330 
TYR HXT  H  N N 331 
VAL N    N  N N 332 
VAL CA   C  N S 333 
VAL C    C  N N 334 
VAL O    O  N N 335 
VAL CB   C  N N 336 
VAL CG1  C  N N 337 
VAL CG2  C  N N 338 
VAL OXT  O  N N 339 
VAL H    H  N N 340 
VAL H2   H  N N 341 
VAL HA   H  N N 342 
VAL HB   H  N N 343 
VAL HG11 H  N N 344 
VAL HG12 H  N N 345 
VAL HG13 H  N N 346 
VAL HG21 H  N N 347 
VAL HG22 H  N N 348 
VAL HG23 H  N N 349 
VAL HXT  H  N N 350 
# 
loop_
_chem_comp_bond.comp_id 
_chem_comp_bond.atom_id_1 
_chem_comp_bond.atom_id_2 
_chem_comp_bond.value_order 
_chem_comp_bond.pdbx_aromatic_flag 
_chem_comp_bond.pdbx_stereo_config 
_chem_comp_bond.pdbx_ordinal 
ALA N   CA   sing N N 1   
ALA N   H    sing N N 2   
ALA N   H2   sing N N 3   
ALA CA  C    sing N N 4   
ALA CA  CB   sing N N 5   
ALA CA  HA   sing N N 6   
ALA C   O    doub N N 7   
ALA C   OXT  sing N N 8   
ALA CB  HB1  sing N N 9   
ALA CB  HB2  sing N N 10  
ALA CB  HB3  sing N N 11  
ALA OXT HXT  sing N N 12  
ARG N   CA   sing N N 13  
ARG N   H    sing N N 14  
ARG N   H2   sing N N 15  
ARG CA  C    sing N N 16  
ARG CA  CB   sing N N 17  
ARG CA  HA   sing N N 18  
ARG C   O    doub N N 19  
ARG C   OXT  sing N N 20  
ARG CB  CG   sing N N 21  
ARG CB  HB2  sing N N 22  
ARG CB  HB3  sing N N 23  
ARG CG  CD   sing N N 24  
ARG CG  HG2  sing N N 25  
ARG CG  HG3  sing N N 26  
ARG CD  NE   sing N N 27  
ARG CD  HD2  sing N N 28  
ARG CD  HD3  sing N N 29  
ARG NE  CZ   sing N N 30  
ARG NE  HE   sing N N 31  
ARG CZ  NH1  sing N N 32  
ARG CZ  NH2  doub N N 33  
ARG NH1 HH11 sing N N 34  
ARG NH1 HH12 sing N N 35  
ARG NH2 HH21 sing N N 36  
ARG NH2 HH22 sing N N 37  
ARG OXT HXT  sing N N 38  
ASN N   CA   sing N N 39  
ASN N   H    sing N N 40  
ASN N   H2   sing N N 41  
ASN CA  C    sing N N 42  
ASN CA  CB   sing N N 43  
ASN CA  HA   sing N N 44  
ASN C   O    doub N N 45  
ASN C   OXT  sing N N 46  
ASN CB  CG   sing N N 47  
ASN CB  HB2  sing N N 48  
ASN CB  HB3  sing N N 49  
ASN CG  OD1  doub N N 50  
ASN CG  ND2  sing N N 51  
ASN ND2 HD21 sing N N 52  
ASN ND2 HD22 sing N N 53  
ASN OXT HXT  sing N N 54  
ASP N   CA   sing N N 55  
ASP N   H    sing N N 56  
ASP N   H2   sing N N 57  
ASP CA  C    sing N N 58  
ASP CA  CB   sing N N 59  
ASP CA  HA   sing N N 60  
ASP C   O    doub N N 61  
ASP C   OXT  sing N N 62  
ASP CB  CG   sing N N 63  
ASP CB  HB2  sing N N 64  
ASP CB  HB3  sing N N 65  
ASP CG  OD1  doub N N 66  
ASP CG  OD2  sing N N 67  
ASP OD2 HD2  sing N N 68  
ASP OXT HXT  sing N N 69  
GLN N   CA   sing N N 70  
GLN N   H    sing N N 71  
GLN N   H2   sing N N 72  
GLN CA  C    sing N N 73  
GLN CA  CB   sing N N 74  
GLN CA  HA   sing N N 75  
GLN C   O    doub N N 76  
GLN C   OXT  sing N N 77  
GLN CB  CG   sing N N 78  
GLN CB  HB2  sing N N 79  
GLN CB  HB3  sing N N 80  
GLN CG  CD   sing N N 81  
GLN CG  HG2  sing N N 82  
GLN CG  HG3  sing N N 83  
GLN CD  OE1  doub N N 84  
GLN CD  NE2  sing N N 85  
GLN NE2 HE21 sing N N 86  
GLN NE2 HE22 sing N N 87  
GLN OXT HXT  sing N N 88  
GLU N   CA   sing N N 89  
GLU N   H    sing N N 90  
GLU N   H2   sing N N 91  
GLU CA  C    sing N N 92  
GLU CA  CB   sing N N 93  
GLU CA  HA   sing N N 94  
GLU C   O    doub N N 95  
GLU C   OXT  sing N N 96  
GLU CB  CG   sing N N 97  
GLU CB  HB2  sing N N 98  
GLU CB  HB3  sing N N 99  
GLU CG  CD   sing N N 100 
GLU CG  HG2  sing N N 101 
GLU CG  HG3  sing N N 102 
GLU CD  OE1  doub N N 103 
GLU CD  OE2  sing N N 104 
GLU OE2 HE2  sing N N 105 
GLU OXT HXT  sing N N 106 
GLY N   CA   sing N N 107 
GLY N   H    sing N N 108 
GLY N   H2   sing N N 109 
GLY CA  C    sing N N 110 
GLY CA  HA2  sing N N 111 
GLY CA  HA3  sing N N 112 
GLY C   O    doub N N 113 
GLY C   OXT  sing N N 114 
GLY OXT HXT  sing N N 115 
HIS N   CA   sing N N 116 
HIS N   H    sing N N 117 
HIS N   H2   sing N N 118 
HIS CA  C    sing N N 119 
HIS CA  CB   sing N N 120 
HIS CA  HA   sing N N 121 
HIS C   O    doub N N 122 
HIS C   OXT  sing N N 123 
HIS CB  CG   sing N N 124 
HIS CB  HB2  sing N N 125 
HIS CB  HB3  sing N N 126 
HIS CG  ND1  sing Y N 127 
HIS CG  CD2  doub Y N 128 
HIS ND1 CE1  doub Y N 129 
HIS ND1 HD1  sing N N 130 
HIS CD2 NE2  sing Y N 131 
HIS CD2 HD2  sing N N 132 
HIS CE1 NE2  sing Y N 133 
HIS CE1 HE1  sing N N 134 
HIS NE2 HE2  sing N N 135 
HIS OXT HXT  sing N N 136 
HOH O   H1   sing N N 137 
HOH O   H2   sing N N 138 
ILE N   CA   sing N N 139 
ILE N   H    sing N N 140 
ILE N   H2   sing N N 141 
ILE CA  C    sing N N 142 
ILE CA  CB   sing N N 143 
ILE CA  HA   sing N N 144 
ILE C   O    doub N N 145 
ILE C   OXT  sing N N 146 
ILE CB  CG1  sing N N 147 
ILE CB  CG2  sing N N 148 
ILE CB  HB   sing N N 149 
ILE CG1 CD1  sing N N 150 
ILE CG1 HG12 sing N N 151 
ILE CG1 HG13 sing N N 152 
ILE CG2 HG21 sing N N 153 
ILE CG2 HG22 sing N N 154 
ILE CG2 HG23 sing N N 155 
ILE CD1 HD11 sing N N 156 
ILE CD1 HD12 sing N N 157 
ILE CD1 HD13 sing N N 158 
ILE OXT HXT  sing N N 159 
LEU N   CA   sing N N 160 
LEU N   H    sing N N 161 
LEU N   H2   sing N N 162 
LEU CA  C    sing N N 163 
LEU CA  CB   sing N N 164 
LEU CA  HA   sing N N 165 
LEU C   O    doub N N 166 
LEU C   OXT  sing N N 167 
LEU CB  CG   sing N N 168 
LEU CB  HB2  sing N N 169 
LEU CB  HB3  sing N N 170 
LEU CG  CD1  sing N N 171 
LEU CG  CD2  sing N N 172 
LEU CG  HG   sing N N 173 
LEU CD1 HD11 sing N N 174 
LEU CD1 HD12 sing N N 175 
LEU CD1 HD13 sing N N 176 
LEU CD2 HD21 sing N N 177 
LEU CD2 HD22 sing N N 178 
LEU CD2 HD23 sing N N 179 
LEU OXT HXT  sing N N 180 
LYS N   CA   sing N N 181 
LYS N   H    sing N N 182 
LYS N   H2   sing N N 183 
LYS CA  C    sing N N 184 
LYS CA  CB   sing N N 185 
LYS CA  HA   sing N N 186 
LYS C   O    doub N N 187 
LYS C   OXT  sing N N 188 
LYS CB  CG   sing N N 189 
LYS CB  HB2  sing N N 190 
LYS CB  HB3  sing N N 191 
LYS CG  CD   sing N N 192 
LYS CG  HG2  sing N N 193 
LYS CG  HG3  sing N N 194 
LYS CD  CE   sing N N 195 
LYS CD  HD2  sing N N 196 
LYS CD  HD3  sing N N 197 
LYS CE  NZ   sing N N 198 
LYS CE  HE2  sing N N 199 
LYS CE  HE3  sing N N 200 
LYS NZ  HZ1  sing N N 201 
LYS NZ  HZ2  sing N N 202 
LYS NZ  HZ3  sing N N 203 
LYS OXT HXT  sing N N 204 
MET N   CA   sing N N 205 
MET N   H    sing N N 206 
MET N   H2   sing N N 207 
MET CA  C    sing N N 208 
MET CA  CB   sing N N 209 
MET CA  HA   sing N N 210 
MET C   O    doub N N 211 
MET C   OXT  sing N N 212 
MET CB  CG   sing N N 213 
MET CB  HB2  sing N N 214 
MET CB  HB3  sing N N 215 
MET CG  SD   sing N N 216 
MET CG  HG2  sing N N 217 
MET CG  HG3  sing N N 218 
MET SD  CE   sing N N 219 
MET CE  HE1  sing N N 220 
MET CE  HE2  sing N N 221 
MET CE  HE3  sing N N 222 
MET OXT HXT  sing N N 223 
PHE N   CA   sing N N 224 
PHE N   H    sing N N 225 
PHE N   H2   sing N N 226 
PHE CA  C    sing N N 227 
PHE CA  CB   sing N N 228 
PHE CA  HA   sing N N 229 
PHE C   O    doub N N 230 
PHE C   OXT  sing N N 231 
PHE CB  CG   sing N N 232 
PHE CB  HB2  sing N N 233 
PHE CB  HB3  sing N N 234 
PHE CG  CD1  doub Y N 235 
PHE CG  CD2  sing Y N 236 
PHE CD1 CE1  sing Y N 237 
PHE CD1 HD1  sing N N 238 
PHE CD2 CE2  doub Y N 239 
PHE CD2 HD2  sing N N 240 
PHE CE1 CZ   doub Y N 241 
PHE CE1 HE1  sing N N 242 
PHE CE2 CZ   sing Y N 243 
PHE CE2 HE2  sing N N 244 
PHE CZ  HZ   sing N N 245 
PHE OXT HXT  sing N N 246 
PRO N   CA   sing N N 247 
PRO N   CD   sing N N 248 
PRO N   H    sing N N 249 
PRO CA  C    sing N N 250 
PRO CA  CB   sing N N 251 
PRO CA  HA   sing N N 252 
PRO C   O    doub N N 253 
PRO C   OXT  sing N N 254 
PRO CB  CG   sing N N 255 
PRO CB  HB2  sing N N 256 
PRO CB  HB3  sing N N 257 
PRO CG  CD   sing N N 258 
PRO CG  HG2  sing N N 259 
PRO CG  HG3  sing N N 260 
PRO CD  HD2  sing N N 261 
PRO CD  HD3  sing N N 262 
PRO OXT HXT  sing N N 263 
SER N   CA   sing N N 264 
SER N   H    sing N N 265 
SER N   H2   sing N N 266 
SER CA  C    sing N N 267 
SER CA  CB   sing N N 268 
SER CA  HA   sing N N 269 
SER C   O    doub N N 270 
SER C   OXT  sing N N 271 
SER CB  OG   sing N N 272 
SER CB  HB2  sing N N 273 
SER CB  HB3  sing N N 274 
SER OG  HG   sing N N 275 
SER OXT HXT  sing N N 276 
THR N   CA   sing N N 277 
THR N   H    sing N N 278 
THR N   H2   sing N N 279 
THR CA  C    sing N N 280 
THR CA  CB   sing N N 281 
THR CA  HA   sing N N 282 
THR C   O    doub N N 283 
THR C   OXT  sing N N 284 
THR CB  OG1  sing N N 285 
THR CB  CG2  sing N N 286 
THR CB  HB   sing N N 287 
THR OG1 HG1  sing N N 288 
THR CG2 HG21 sing N N 289 
THR CG2 HG22 sing N N 290 
THR CG2 HG23 sing N N 291 
THR OXT HXT  sing N N 292 
TYR N   CA   sing N N 293 
TYR N   H    sing N N 294 
TYR N   H2   sing N N 295 
TYR CA  C    sing N N 296 
TYR CA  CB   sing N N 297 
TYR CA  HA   sing N N 298 
TYR C   O    doub N N 299 
TYR C   OXT  sing N N 300 
TYR CB  CG   sing N N 301 
TYR CB  HB2  sing N N 302 
TYR CB  HB3  sing N N 303 
TYR CG  CD1  doub Y N 304 
TYR CG  CD2  sing Y N 305 
TYR CD1 CE1  sing Y N 306 
TYR CD1 HD1  sing N N 307 
TYR CD2 CE2  doub Y N 308 
TYR CD2 HD2  sing N N 309 
TYR CE1 CZ   doub Y N 310 
TYR CE1 HE1  sing N N 311 
TYR CE2 CZ   sing Y N 312 
TYR CE2 HE2  sing N N 313 
TYR CZ  OH   sing N N 314 
TYR OH  HH   sing N N 315 
TYR OXT HXT  sing N N 316 
VAL N   CA   sing N N 317 
VAL N   H    sing N N 318 
VAL N   H2   sing N N 319 
VAL CA  C    sing N N 320 
VAL CA  CB   sing N N 321 
VAL CA  HA   sing N N 322 
VAL C   O    doub N N 323 
VAL C   OXT  sing N N 324 
VAL CB  CG1  sing N N 325 
VAL CB  CG2  sing N N 326 
VAL CB  HB   sing N N 327 
VAL CG1 HG11 sing N N 328 
VAL CG1 HG12 sing N N 329 
VAL CG1 HG13 sing N N 330 
VAL CG2 HG21 sing N N 331 
VAL CG2 HG22 sing N N 332 
VAL CG2 HG23 sing N N 333 
VAL OXT HXT  sing N N 334 
# 
_atom_sites.entry_id                    6IFH 
_atom_sites.fract_transf_matrix[1][1]   0.01146814 
_atom_sites.fract_transf_matrix[1][2]   -0.02827209 
_atom_sites.fract_transf_matrix[1][3]   0.01472717 
_atom_sites.fract_transf_matrix[2][1]   0.01827134 
_atom_sites.fract_transf_matrix[2][2]   0.00316053 
_atom_sites.fract_transf_matrix[2][3]   -0.00816066 
_atom_sites.fract_transf_matrix[3][1]   0.00400100 
_atom_sites.fract_transf_matrix[3][2]   0.00787874 
_atom_sites.fract_transf_matrix[3][3]   0.01200939 
_atom_sites.fract_transf_vector[1]      -0.231072 
_atom_sites.fract_transf_vector[2]      0.034001 
_atom_sites.fract_transf_vector[3]      -0.082493 
# 
loop_
_atom_type.symbol 
C  
MG 
N  
O  
S  
# 
loop_
_atom_site.group_PDB 
_atom_site.id 
_atom_site.type_symbol 
_atom_site.label_atom_id 
_atom_site.label_alt_id 
_atom_site.label_comp_id 
_atom_site.label_asym_id 
_atom_site.label_entity_id 
_atom_site.label_seq_id 
_atom_site.pdbx_PDB_ins_code 
_atom_site.Cartn_x 
_atom_site.Cartn_y 
_atom_site.Cartn_z 
_atom_site.occupancy 
_atom_site.B_iso_or_equiv 
_atom_site.pdbx_formal_charge 
_atom_site.auth_seq_id 
_atom_site.auth_comp_id 
_atom_site.auth_asym_id 
_atom_site.auth_atom_id 
_atom_site.pdbx_PDB_model_num 
ATOM   1   N  N   . MET A 1 1   ? -4.350  -6.910  -15.255 1.00 64.59 ? 1   MET A N   1 
ATOM   2   C  CA  . MET A 1 1   ? -3.965  -8.309  -14.884 1.00 63.32 ? 1   MET A CA  1 
ATOM   3   C  C   . MET A 1 1   ? -4.307  -8.530  -13.402 1.00 51.92 ? 1   MET A C   1 
ATOM   4   O  O   . MET A 1 1   ? -5.411  -9.008  -13.108 1.00 61.31 ? 1   MET A O   1 
ATOM   5   C  CB  . MET A 1 1   ? -2.468  -8.559  -15.129 1.00 67.07 ? 1   MET A CB  1 
ATOM   6   C  CG  . MET A 1 1   ? -1.915  -7.842  -16.345 1.00 63.53 ? 1   MET A CG  1 
ATOM   7   S  SD  . MET A 1 1   ? -3.167  -7.403  -17.586 1.00 80.76 ? 1   MET A SD  1 
ATOM   8   C  CE  . MET A 1 1   ? -2.308  -7.894  -19.082 1.00 75.45 ? 1   MET A CE  1 
ATOM   9   N  N   . LYS A 1 2   ? -3.397  -8.174  -12.508 1.00 44.37 ? 2   LYS A N   1 
ATOM   10  C  CA  . LYS A 1 2   ? -3.601  -8.200  -11.041 1.00 39.76 ? 2   LYS A CA  1 
ATOM   11  C  C   . LYS A 1 2   ? -3.972  -6.782  -10.607 1.00 34.48 ? 2   LYS A C   1 
ATOM   12  O  O   . LYS A 1 2   ? -3.662  -5.829  -11.341 1.00 33.23 ? 2   LYS A O   1 
ATOM   13  C  CB  . LYS A 1 2   ? -2.376  -8.774  -10.323 1.00 47.19 ? 2   LYS A CB  1 
ATOM   14  C  CG  . LYS A 1 2   ? -2.451  -10.277 -10.046 1.00 49.18 ? 2   LYS A CG  1 
ATOM   15  C  CD  . LYS A 1 2   ? -1.118  -10.986 -10.113 1.00 51.11 ? 2   LYS A CD  1 
ATOM   16  C  CE  . LYS A 1 2   ? -1.215  -12.493 -9.971  1.00 54.89 ? 2   LYS A CE  1 
ATOM   17  N  NZ  . LYS A 1 2   ? -1.971  -12.901 -8.761  1.00 58.40 ? 2   LYS A NZ  1 
ATOM   18  N  N   . GLN A 1 3   ? -4.650  -6.686  -9.470  1.00 33.06 ? 3   GLN A N   1 
ATOM   19  C  CA  . GLN A 1 3   ? -5.278  -5.453  -8.956  1.00 32.68 ? 3   GLN A CA  1 
ATOM   20  C  C   . GLN A 1 3   ? -4.453  -4.970  -7.766  1.00 27.87 ? 3   GLN A C   1 
ATOM   21  O  O   . GLN A 1 3   ? -4.371  -5.678  -6.760  1.00 29.59 ? 3   GLN A O   1 
ATOM   22  C  CB  . GLN A 1 3   ? -6.740  -5.682  -8.568  1.00 31.33 ? 3   GLN A CB  1 
ATOM   23  C  CG  . GLN A 1 3   ? -7.644  -6.123  -9.721  1.00 35.41 ? 3   GLN A CG  1 
ATOM   24  C  CD  . GLN A 1 3   ? -8.928  -6.703  -9.177  1.00 33.18 ? 3   GLN A CD  1 
ATOM   25  O  OE1 . GLN A 1 3   ? -8.967  -7.282  -8.079  1.00 41.18 ? 3   GLN A OE1 1 
ATOM   26  N  NE2 . GLN A 1 3   ? -10.007 -6.499  -9.906  1.00 34.58 ? 3   GLN A NE2 1 
ATOM   27  N  N   . LEU A 1 4   ? -3.881  -3.794  -7.935  1.00 27.42 ? 4   LEU A N   1 
ATOM   28  C  CA  . LEU A 1 4   ? -3.122  -3.095  -6.890  1.00 26.83 ? 4   LEU A CA  1 
ATOM   29  C  C   . LEU A 1 4   ? -3.920  -1.855  -6.450  1.00 23.00 ? 4   LEU A C   1 
ATOM   30  O  O   . LEU A 1 4   ? -4.230  -0.983  -7.316  1.00 22.21 ? 4   LEU A O   1 
ATOM   31  C  CB  . LEU A 1 4   ? -1.765  -2.732  -7.482  1.00 28.55 ? 4   LEU A CB  1 
ATOM   32  C  CG  . LEU A 1 4   ? -0.723  -2.259  -6.487  1.00 31.13 ? 4   LEU A CG  1 
ATOM   33  C  CD1 . LEU A 1 4   ? -0.506  -3.307  -5.415  1.00 33.87 ? 4   LEU A CD1 1 
ATOM   34  C  CD2 . LEU A 1 4   ? 0.582   -1.942  -7.231  1.00 34.02 ? 4   LEU A CD2 1 
ATOM   35  N  N   . LEU A 1 5   ? -4.210  -1.787  -5.155  1.00 22.14 ? 5   LEU A N   1 
ATOM   36  C  CA  . LEU A 1 5   ? -4.805  -0.606  -4.494  1.00 22.53 ? 5   LEU A CA  1 
ATOM   37  C  C   . LEU A 1 5   ? -3.661  0.228   -3.905  1.00 21.23 ? 5   LEU A C   1 
ATOM   38  O  O   . LEU A 1 5   ? -2.794  -0.360  -3.242  1.00 22.46 ? 5   LEU A O   1 
ATOM   39  C  CB  . LEU A 1 5   ? -5.768  -1.075  -3.407  1.00 23.52 ? 5   LEU A CB  1 
ATOM   40  C  CG  . LEU A 1 5   ? -6.253  0.001   -2.440  1.00 23.67 ? 5   LEU A CG  1 
ATOM   41  C  CD1 . LEU A 1 5   ? -6.949  1.151   -3.151  1.00 23.35 ? 5   LEU A CD1 1 
ATOM   42  C  CD2 . LEU A 1 5   ? -7.156  -0.604  -1.404  1.00 24.01 ? 5   LEU A CD2 1 
ATOM   43  N  N   . ILE A 1 6   ? -3.583  1.480   -4.311  1.00 22.13 ? 6   ILE A N   1 
ATOM   44  C  CA  . ILE A 1 6   ? -2.502  2.426   -3.892  1.00 21.80 ? 6   ILE A CA  1 
ATOM   45  C  C   . ILE A 1 6   ? -3.158  3.531   -3.065  1.00 21.54 ? 6   ILE A C   1 
ATOM   46  O  O   . ILE A 1 6   ? -4.084  4.226   -3.579  1.00 20.92 ? 6   ILE A O   1 
ATOM   47  C  CB  . ILE A 1 6   ? -1.777  2.992   -5.127  1.00 22.46 ? 6   ILE A CB  1 
ATOM   48  C  CG1 . ILE A 1 6   ? -1.133  1.905   -5.999  1.00 25.01 ? 6   ILE A CG1 1 
ATOM   49  C  CG2 . ILE A 1 6   ? -0.787  4.083   -4.690  1.00 23.93 ? 6   ILE A CG2 1 
ATOM   50  C  CD1 . ILE A 1 6   ? -0.724  2.411   -7.375  1.00 26.47 ? 6   ILE A CD1 1 
ATOM   51  N  N   . VAL A 1 7   ? -2.700  3.694   -1.826  1.00 21.16 ? 7   VAL A N   1 
ATOM   52  C  CA  . VAL A 1 7   ? -3.336  4.548   -0.800  1.00 20.10 ? 7   VAL A CA  1 
ATOM   53  C  C   . VAL A 1 7   ? -2.316  5.561   -0.298  1.00 20.57 ? 7   VAL A C   1 
ATOM   54  O  O   . VAL A 1 7   ? -1.385  5.151   0.334   1.00 20.66 ? 7   VAL A O   1 
ATOM   55  C  CB  . VAL A 1 7   ? -3.889  3.758   0.377   1.00 20.49 ? 7   VAL A CB  1 
ATOM   56  C  CG1 . VAL A 1 7   ? -4.674  4.693   1.283   1.00 21.84 ? 7   VAL A CG1 1 
ATOM   57  C  CG2 . VAL A 1 7   ? -4.702  2.579   -0.096  1.00 22.69 ? 7   VAL A CG2 1 
ATOM   58  N  N   . ASP A 1 8   ? -2.507  6.834   -0.620  1.00 20.84 ? 8   ASP A N   1 
ATOM   59  C  CA  . ASP A 1 8   ? -1.707  7.942   -0.033  1.00 23.01 ? 8   ASP A CA  1 
ATOM   60  C  C   . ASP A 1 8   ? -2.475  9.242   -0.218  1.00 23.52 ? 8   ASP A C   1 
ATOM   61  O  O   . ASP A 1 8   ? -3.200  9.374   -1.219  1.00 24.85 ? 8   ASP A O   1 
ATOM   62  C  CB  . ASP A 1 8   ? -0.324  8.120   -0.612  1.00 25.16 ? 8   ASP A CB  1 
ATOM   63  C  CG  . ASP A 1 8   ? 0.520   9.077   0.244   1.00 32.94 ? 8   ASP A CG  1 
ATOM   64  O  OD1 . ASP A 1 8   ? 0.201   9.315   1.501   1.00 34.13 ? 8   ASP A OD1 1 
ATOM   65  O  OD2 . ASP A 1 8   ? 1.488   9.573   -0.291  1.00 33.32 ? 8   ASP A OD2 1 
ATOM   66  N  N   . ASP A 1 9   ? -2.374  10.114  0.785   1.00 24.75 ? 9   ASP A N   1 
ATOM   67  C  CA  . ASP A 1 9   ? -3.094  11.420  0.760   1.00 26.98 ? 9   ASP A CA  1 
ATOM   68  C  C   . ASP A 1 9   ? -2.371  12.352  -0.223  1.00 24.07 ? 9   ASP A C   1 
ATOM   69  O  O   . ASP A 1 9   ? -2.960  13.344  -0.632  1.00 28.99 ? 9   ASP A O   1 
ATOM   70  C  CB  . ASP A 1 9   ? -3.149  12.036  2.161   1.00 29.84 ? 9   ASP A CB  1 
ATOM   71  C  CG  . ASP A 1 9   ? -1.771  12.327  2.760   1.00 31.16 ? 9   ASP A CG  1 
ATOM   72  O  OD1 . ASP A 1 9   ? -0.961  11.409  2.860   1.00 30.72 ? 9   ASP A OD1 1 
ATOM   73  O  OD2 . ASP A 1 9   ? -1.487  13.510  3.069   1.00 33.73 ? 9   ASP A OD2 1 
ATOM   74  N  N   . GLN A 1 10  ? -1.163  12.019  -0.654  1.00 23.52 ? 10  GLN A N   1 
ATOM   75  C  CA  . GLN A 1 10  ? -0.320  12.889  -1.489  1.00 22.16 ? 10  GLN A CA  1 
ATOM   76  C  C   . GLN A 1 10  ? -0.496  12.592  -2.979  1.00 23.73 ? 10  GLN A C   1 
ATOM   77  O  O   . GLN A 1 10  ? -0.095  11.495  -3.399  1.00 23.22 ? 10  GLN A O   1 
ATOM   78  C  CB  . GLN A 1 10  ? 1.137   12.654  -1.135  1.00 28.07 ? 10  GLN A CB  1 
ATOM   79  C  CG  . GLN A 1 10  ? 1.903   13.908  -0.970  1.00 29.64 ? 10  GLN A CG  1 
ATOM   80  C  CD  . GLN A 1 10  ? 3.383   13.698  -0.749  1.00 32.33 ? 10  GLN A CD  1 
ATOM   81  O  OE1 . GLN A 1 10  ? 3.806   13.214  0.292   1.00 28.47 ? 10  GLN A OE1 1 
ATOM   82  N  NE2 . GLN A 1 10  ? 4.170   14.120  -1.714  1.00 29.45 ? 10  GLN A NE2 1 
ATOM   83  N  N   . GLN A 1 11  ? -1.081  13.530  -3.741  1.00 23.09 ? 11  GLN A N   1 
ATOM   84  C  CA  . GLN A 1 11  ? -1.415  13.329  -5.180  1.00 24.47 ? 11  GLN A CA  1 
ATOM   85  C  C   . GLN A 1 11  ? -0.164  12.912  -5.964  1.00 22.94 ? 11  GLN A C   1 
ATOM   86  O  O   . GLN A 1 11  ? -0.275  11.964  -6.795  1.00 23.28 ? 11  GLN A O   1 
ATOM   87  C  CB  . GLN A 1 11  ? -2.082  14.584  -5.791  1.00 24.49 ? 11  GLN A CB  1 
ATOM   88  C  CG  . GLN A 1 11  ? -2.326  14.497  -7.298  1.00 28.13 ? 11  GLN A CG  1 
ATOM   89  C  CD  . GLN A 1 11  ? -3.379  13.527  -7.795  1.00 33.30 ? 11  GLN A CD  1 
ATOM   90  O  OE1 . GLN A 1 11  ? -3.495  12.403  -7.328  1.00 34.51 ? 11  GLN A OE1 1 
ATOM   91  N  NE2 . GLN A 1 11  ? -4.074  13.913  -8.859  1.00 33.57 ? 11  GLN A NE2 1 
ATOM   92  N  N   . GLY A 1 12  ? 0.959   13.642  -5.814  1.00 24.05 ? 12  GLY A N   1 
ATOM   93  C  CA  . GLY A 1 12  ? 2.206   13.359  -6.539  1.00 22.40 ? 12  GLY A CA  1 
ATOM   94  C  C   . GLY A 1 12  ? 2.685   11.926  -6.351  1.00 23.26 ? 12  GLY A C   1 
ATOM   95  O  O   . GLY A 1 12  ? 3.141   11.332  -7.331  1.00 22.25 ? 12  GLY A O   1 
ATOM   96  N  N   . ILE A 1 13  ? 2.515   11.379  -5.160  1.00 21.84 ? 13  ILE A N   1 
ATOM   97  C  CA  . ILE A 1 13  ? 2.998   10.011  -4.826  1.00 22.28 ? 13  ILE A CA  1 
ATOM   98  C  C   . ILE A 1 13  ? 2.016   8.997   -5.393  1.00 20.86 ? 13  ILE A C   1 
ATOM   99  O  O   . ILE A 1 13  ? 2.475   8.030   -6.005  1.00 20.23 ? 13  ILE A O   1 
ATOM   100 C  CB  . ILE A 1 13  ? 3.177   9.862   -3.315  1.00 25.59 ? 13  ILE A CB  1 
ATOM   101 C  CG1 . ILE A 1 13  ? 4.348   10.727  -2.831  1.00 29.60 ? 13  ILE A CG1 1 
ATOM   102 C  CG2 . ILE A 1 13  ? 3.323   8.398   -2.930  1.00 24.30 ? 13  ILE A CG2 1 
ATOM   103 C  CD1 . ILE A 1 13  ? 5.669   10.254  -3.280  1.00 33.04 ? 13  ILE A CD1 1 
ATOM   104 N  N   . ARG A 1 14  ? 0.710   9.250   -5.240  1.00 19.06 ? 14  ARG A N   1 
ATOM   105 C  CA  . ARG A 1 14  ? -0.315  8.409   -5.881  1.00 23.05 ? 14  ARG A CA  1 
ATOM   106 C  C   . ARG A 1 14  ? -0.005  8.286   -7.379  1.00 23.39 ? 14  ARG A C   1 
ATOM   107 O  O   . ARG A 1 14  ? -0.046  7.139   -7.896  1.00 24.15 ? 14  ARG A O   1 
ATOM   108 C  CB  . ARG A 1 14  ? -1.710  8.991   -5.667  1.00 24.03 ? 14  ARG A CB  1 
ATOM   109 C  CG  . ARG A 1 14  ? -2.239  8.790   -4.260  1.00 25.79 ? 14  ARG A CG  1 
ATOM   110 C  CD  . ARG A 1 14  ? -3.755  8.803   -4.249  1.00 25.41 ? 14  ARG A CD  1 
ATOM   111 N  NE  . ARG A 1 14  ? -4.321  10.010  -4.817  1.00 27.29 ? 14  ARG A NE  1 
ATOM   112 C  CZ  . ARG A 1 14  ? -4.490  11.186  -4.219  1.00 29.57 ? 14  ARG A CZ  1 
ATOM   113 N  NH1 . ARG A 1 14  ? -4.117  11.415  -2.978  1.00 28.17 ? 14  ARG A NH1 1 
ATOM   114 N  NH2 . ARG A 1 14  ? -5.073  12.157  -4.895  1.00 35.78 ? 14  ARG A NH2 1 
ATOM   115 N  N   . LEU A 1 15  ? 0.264   9.406   -8.043  1.00 21.71 ? 15  LEU A N   1 
ATOM   116 C  CA  . LEU A 1 15  ? 0.489   9.413   -9.502  1.00 23.02 ? 15  LEU A CA  1 
ATOM   117 C  C   . LEU A 1 15  ? 1.802   8.733   -9.871  1.00 21.10 ? 15  LEU A C   1 
ATOM   118 O  O   . LEU A 1 15  ? 1.850   8.045   -10.912 1.00 23.40 ? 15  LEU A O   1 
ATOM   119 C  CB  . LEU A 1 15  ? 0.474   10.852  -9.996  1.00 28.30 ? 15  LEU A CB  1 
ATOM   120 C  CG  . LEU A 1 15  ? -0.870  11.552  -9.888  1.00 33.81 ? 15  LEU A CG  1 
ATOM   121 C  CD1 . LEU A 1 15  ? -0.736  12.963  -10.406 1.00 37.18 ? 15  LEU A CD1 1 
ATOM   122 C  CD2 . LEU A 1 15  ? -1.955  10.795  -10.631 1.00 38.07 ? 15  LEU A CD2 1 
ATOM   123 N  N   . LEU A 1 16  ? 2.852   8.981   -9.098  1.00 21.70 ? 16  LEU A N   1 
ATOM   124 C  CA  . LEU A 1 16  ? 4.180   8.314   -9.288  1.00 22.70 ? 16  LEU A CA  1 
ATOM   125 C  C   . LEU A 1 16  ? 3.999   6.793   -9.224  1.00 19.93 ? 16  LEU A C   1 
ATOM   126 O  O   . LEU A 1 16  ? 4.445   6.056   -10.169 1.00 23.94 ? 16  LEU A O   1 
ATOM   127 C  CB  . LEU A 1 16  ? 5.142   8.770   -8.181  1.00 22.14 ? 16  LEU A CB  1 
ATOM   128 C  CG  . LEU A 1 16  ? 6.421   7.939   -8.085  1.00 26.59 ? 16  LEU A CG  1 
ATOM   129 C  CD1 . LEU A 1 16  ? 7.330   8.303   -9.233  1.00 29.12 ? 16  LEU A CD1 1 
ATOM   130 C  CD2 . LEU A 1 16  ? 7.121   8.147   -6.748  1.00 28.63 ? 16  LEU A CD2 1 
ATOM   131 N  N   . LEU A 1 17  ? 3.394   6.292   -8.154  1.00 21.78 ? 17  LEU A N   1 
ATOM   132 C  CA  . LEU A 1 17  ? 3.189   4.842   -7.953  1.00 22.99 ? 17  LEU A CA  1 
ATOM   133 C  C   . LEU A 1 17  ? 2.226   4.289   -9.020  1.00 23.59 ? 17  LEU A C   1 
ATOM   134 O  O   . LEU A 1 17  ? 2.458   3.175   -9.505  1.00 24.24 ? 17  LEU A O   1 
ATOM   135 C  CB  . LEU A 1 17  ? 2.641   4.588   -6.545  1.00 24.17 ? 17  LEU A CB  1 
ATOM   136 C  CG  . LEU A 1 17  ? 3.576   5.011   -5.414  1.00 22.59 ? 17  LEU A CG  1 
ATOM   137 C  CD1 . LEU A 1 17  ? 2.902   4.860   -4.067  1.00 23.65 ? 17  LEU A CD1 1 
ATOM   138 C  CD2 . LEU A 1 17  ? 4.861   4.215   -5.459  1.00 24.78 ? 17  LEU A CD2 1 
ATOM   139 N  N   . ASN A 1 18  ? 1.191   5.038   -9.360  1.00 23.15 ? 18  ASN A N   1 
ATOM   140 C  CA  . ASN A 1 18  ? 0.302   4.660   -10.488 1.00 25.16 ? 18  ASN A CA  1 
ATOM   141 C  C   . ASN A 1 18  ? 1.160   4.432   -11.735 1.00 26.86 ? 18  ASN A C   1 
ATOM   142 O  O   . ASN A 1 18  ? 0.968   3.399   -12.465 1.00 26.65 ? 18  ASN A O   1 
ATOM   143 C  CB  . ASN A 1 18  ? -0.757  5.717   -10.756 1.00 27.06 ? 18  ASN A CB  1 
ATOM   144 C  CG  . ASN A 1 18  ? -1.765  5.228   -11.772 1.00 30.90 ? 18  ASN A CG  1 
ATOM   145 O  OD1 . ASN A 1 18  ? -2.449  4.238   -11.527 1.00 30.24 ? 18  ASN A OD1 1 
ATOM   146 N  ND2 . ASN A 1 18  ? -1.819  5.891   -12.913 1.00 34.03 ? 18  ASN A ND2 1 
ATOM   147 N  N   . GLU A 1 19  ? 2.069   5.353   -12.012 1.00 25.85 ? 19  GLU A N   1 
ATOM   148 C  CA  . GLU A 1 19  ? 2.919   5.242   -13.228 1.00 27.86 ? 19  GLU A CA  1 
ATOM   149 C  C   . GLU A 1 19  ? 3.777   3.981   -13.135 1.00 28.93 ? 19  GLU A C   1 
ATOM   150 O  O   . GLU A 1 19  ? 3.824   3.223   -14.117 1.00 28.80 ? 19  GLU A O   1 
ATOM   151 C  CB  . GLU A 1 19  ? 3.790   6.472   -13.412 1.00 31.28 ? 19  GLU A CB  1 
ATOM   152 C  CG  . GLU A 1 19  ? 4.489   6.498   -14.740 1.00 32.33 ? 19  GLU A CG  1 
ATOM   153 C  CD  . GLU A 1 19  ? 3.661   7.009   -15.917 1.00 44.23 ? 19  GLU A CD  1 
ATOM   154 O  OE1 . GLU A 1 19  ? 4.233   7.119   -17.029 1.00 51.25 ? 19  GLU A OE1 1 
ATOM   155 O  OE2 . GLU A 1 19  ? 2.443   7.274   -15.741 1.00 43.41 ? 19  GLU A OE2 1 
ATOM   156 N  N   . VAL A 1 20  ? 4.474   3.773   -12.021 1.00 24.67 ? 20  VAL A N   1 
ATOM   157 C  CA  . VAL A 1 20  ? 5.365   2.591   -11.844 1.00 25.26 ? 20  VAL A CA  1 
ATOM   158 C  C   . VAL A 1 20  ? 4.576   1.310   -12.167 1.00 26.08 ? 20  VAL A C   1 
ATOM   159 O  O   . VAL A 1 20  ? 5.066   0.501   -12.959 1.00 28.20 ? 20  VAL A O   1 
ATOM   160 C  CB  . VAL A 1 20  ? 5.960   2.521   -10.436 1.00 23.40 ? 20  VAL A CB  1 
ATOM   161 C  CG1 . VAL A 1 20  ? 6.610   1.164   -10.200 1.00 24.30 ? 20  VAL A CG1 1 
ATOM   162 C  CG2 . VAL A 1 20  ? 6.906   3.693   -10.141 1.00 22.40 ? 20  VAL A CG2 1 
ATOM   163 N  N   . PHE A 1 21  ? 3.370   1.151   -11.635 1.00 25.32 ? 21  PHE A N   1 
ATOM   164 C  CA  . PHE A 1 21  ? 2.644   -0.158  -11.654 1.00 27.17 ? 21  PHE A CA  1 
ATOM   165 C  C   . PHE A 1 21  ? 1.797   -0.324  -12.908 1.00 28.06 ? 21  PHE A C   1 
ATOM   166 O  O   . PHE A 1 21  ? 1.701   -1.501  -13.335 1.00 28.42 ? 21  PHE A O   1 
ATOM   167 C  CB  . PHE A 1 21  ? 1.909   -0.375  -10.341 1.00 26.11 ? 21  PHE A CB  1 
ATOM   168 C  CG  . PHE A 1 21  ? 2.924   -0.655  -9.277  1.00 27.92 ? 21  PHE A CG  1 
ATOM   169 C  CD1 . PHE A 1 21  ? 3.731   -1.789  -9.393  1.00 27.78 ? 21  PHE A CD1 1 
ATOM   170 C  CD2 . PHE A 1 21  ? 3.198   0.275   -8.284  1.00 25.21 ? 21  PHE A CD2 1 
ATOM   171 C  CE1 . PHE A 1 21  ? 4.726   -2.039  -8.466  1.00 27.52 ? 21  PHE A CE1 1 
ATOM   172 C  CE2 . PHE A 1 21  ? 4.194   0.008   -7.365  1.00 28.56 ? 21  PHE A CE2 1 
ATOM   173 C  CZ  . PHE A 1 21  ? 4.967   -1.122  -7.478  1.00 25.48 ? 21  PHE A CZ  1 
ATOM   174 N  N   . LYS A 1 22  ? 1.331   0.774   -13.513 1.00 28.89 ? 22  LYS A N   1 
ATOM   175 C  CA  . LYS A 1 22  ? 0.705   0.748   -14.860 1.00 34.28 ? 22  LYS A CA  1 
ATOM   176 C  C   . LYS A 1 22  ? 1.771   0.334   -15.877 1.00 36.62 ? 22  LYS A C   1 
ATOM   177 O  O   . LYS A 1 22  ? 1.442   -0.472  -16.777 1.00 36.12 ? 22  LYS A O   1 
ATOM   178 C  CB  . LYS A 1 22  ? 0.041   2.081   -15.209 1.00 39.54 ? 22  LYS A CB  1 
ATOM   179 C  CG  . LYS A 1 22  ? -1.284  2.349   -14.496 1.00 42.83 ? 22  LYS A CG  1 
ATOM   180 C  CD  . LYS A 1 22  ? -2.306  1.246   -14.645 1.00 52.25 ? 22  LYS A CD  1 
ATOM   181 C  CE  . LYS A 1 22  ? -3.710  1.737   -14.939 1.00 65.19 ? 22  LYS A CE  1 
ATOM   182 N  NZ  . LYS A 1 22  ? -3.752  2.568   -16.167 1.00 68.82 ? 22  LYS A NZ  1 
ATOM   183 N  N   . ARG A 1 23  ? 3.020   0.763   -15.700 1.00 33.31 ? 23  ARG A N   1 
ATOM   184 C  CA  . ARG A 1 23  ? 4.125   0.327   -16.604 1.00 35.45 ? 23  ARG A CA  1 
ATOM   185 C  C   . ARG A 1 23  ? 4.457   -1.156  -16.399 1.00 36.80 ? 23  ARG A C   1 
ATOM   186 O  O   . ARG A 1 23  ? 4.862   -1.798  -17.372 1.00 39.37 ? 23  ARG A O   1 
ATOM   187 C  CB  . ARG A 1 23  ? 5.353   1.217   -16.456 1.00 31.84 ? 23  ARG A CB  1 
ATOM   188 C  CG  . ARG A 1 23  ? 5.112   2.595   -17.029 1.00 35.87 ? 23  ARG A CG  1 
ATOM   189 C  CD  . ARG A 1 23  ? 6.387   3.358   -17.150 1.00 34.00 ? 23  ARG A CD  1 
ATOM   190 N  NE  . ARG A 1 23  ? 6.110   4.756   -17.375 1.00 37.97 ? 23  ARG A NE  1 
ATOM   191 C  CZ  . ARG A 1 23  ? 7.055   5.682   -17.482 1.00 33.69 ? 23  ARG A CZ  1 
ATOM   192 N  NH1 . ARG A 1 23  ? 8.333   5.338   -17.378 1.00 36.03 ? 23  ARG A NH1 1 
ATOM   193 N  NH2 . ARG A 1 23  ? 6.697   6.934   -17.675 1.00 33.02 ? 23  ARG A NH2 1 
ATOM   194 N  N   . GLU A 1 24  ? 4.289   -1.701  -15.203 1.00 34.76 ? 24  GLU A N   1 
ATOM   195 C  CA  . GLU A 1 24  ? 4.455   -3.154  -14.933 1.00 38.00 ? 24  GLU A CA  1 
ATOM   196 C  C   . GLU A 1 24  ? 3.205   -3.919  -15.371 1.00 38.45 ? 24  GLU A C   1 
ATOM   197 O  O   . GLU A 1 24  ? 3.165   -5.136  -15.145 1.00 45.56 ? 24  GLU A O   1 
ATOM   198 C  CB  . GLU A 1 24  ? 4.710   -3.402  -13.452 1.00 39.92 ? 24  GLU A CB  1 
ATOM   199 C  CG  . GLU A 1 24  ? 6.056   -2.915  -13.004 1.00 44.27 ? 24  GLU A CG  1 
ATOM   200 C  CD  . GLU A 1 24  ? 7.200   -3.604  -13.714 1.00 48.92 ? 24  GLU A CD  1 
ATOM   201 O  OE1 . GLU A 1 24  ? 7.314   -4.839  -13.568 1.00 48.05 ? 24  GLU A OE1 1 
ATOM   202 O  OE2 . GLU A 1 24  ? 7.955   -2.909  -14.413 1.00 50.82 ? 24  GLU A OE2 1 
ATOM   203 N  N   . GLY A 1 25  ? 2.211   -3.212  -15.901 1.00 40.85 ? 25  GLY A N   1 
ATOM   204 C  CA  . GLY A 1 25  ? 1.009   -3.778  -16.537 1.00 44.70 ? 25  GLY A CA  1 
ATOM   205 C  C   . GLY A 1 25  ? -0.041  -4.211  -15.537 1.00 45.05 ? 25  GLY A C   1 
ATOM   206 O  O   . GLY A 1 25  ? -0.869  -5.053  -15.919 1.00 51.07 ? 25  GLY A O   1 
ATOM   207 N  N   . TYR A 1 26  ? -0.024  -3.666  -14.308 1.00 38.67 ? 26  TYR A N   1 
ATOM   208 C  CA  . TYR A 1 26  ? -1.054  -3.886  -13.266 1.00 33.19 ? 26  TYR A CA  1 
ATOM   209 C  C   . TYR A 1 26  ? -2.307  -3.052  -13.566 1.00 29.95 ? 26  TYR A C   1 
ATOM   210 O  O   . TYR A 1 26  ? -2.229  -1.960  -14.164 1.00 31.53 ? 26  TYR A O   1 
ATOM   211 C  CB  . TYR A 1 26  ? -0.559  -3.475  -11.867 1.00 34.68 ? 26  TYR A CB  1 
ATOM   212 C  CG  . TYR A 1 26  ? 0.455   -4.413  -11.261 1.00 32.50 ? 26  TYR A CG  1 
ATOM   213 C  CD1 . TYR A 1 26  ? 1.820   -4.288  -11.495 1.00 35.44 ? 26  TYR A CD1 1 
ATOM   214 C  CD2 . TYR A 1 26  ? 0.022   -5.473  -10.483 1.00 37.31 ? 26  TYR A CD2 1 
ATOM   215 C  CE1 . TYR A 1 26  ? 2.733   -5.190  -10.961 1.00 35.81 ? 26  TYR A CE1 1 
ATOM   216 C  CE2 . TYR A 1 26  ? 0.919   -6.376  -9.937  1.00 39.06 ? 26  TYR A CE2 1 
ATOM   217 C  CZ  . TYR A 1 26  ? 2.277   -6.232  -10.165 1.00 36.67 ? 26  TYR A CZ  1 
ATOM   218 O  OH  . TYR A 1 26  ? 3.121   -7.147  -9.595  1.00 37.43 ? 26  TYR A OH  1 
ATOM   219 N  N   . THR A 1 27  ? -3.441  -3.544  -13.076 1.00 31.16 ? 27  THR A N   1 
ATOM   220 C  CA  . THR A 1 27  ? -4.683  -2.751  -12.905 1.00 32.34 ? 27  THR A CA  1 
ATOM   221 C  C   . THR A 1 27  ? -4.588  -2.016  -11.562 1.00 31.50 ? 27  THR A C   1 
ATOM   222 O  O   . THR A 1 27  ? -4.498  -2.713  -10.534 1.00 33.42 ? 27  THR A O   1 
ATOM   223 C  CB  . THR A 1 27  ? -5.925  -3.643  -12.923 1.00 33.44 ? 27  THR A CB  1 
ATOM   224 O  OG1 . THR A 1 27  ? -5.987  -4.281  -14.209 1.00 35.47 ? 27  THR A OG1 1 
ATOM   225 C  CG2 . THR A 1 27  ? -7.169  -2.845  -12.640 1.00 34.73 ? 27  THR A CG2 1 
ATOM   226 N  N   . THR A 1 28  ? -4.700  -0.695  -11.560 1.00 28.62 ? 28  THR A N   1 
ATOM   227 C  CA  . THR A 1 28  ? -4.490  0.107   -10.321 1.00 29.23 ? 28  THR A CA  1 
ATOM   228 C  C   . THR A 1 28  ? -5.794  0.795   -9.890  1.00 28.21 ? 28  THR A C   1 
ATOM   229 O  O   . THR A 1 28  ? -6.647  1.113   -10.730 1.00 28.55 ? 28  THR A O   1 
ATOM   230 C  CB  . THR A 1 28  ? -3.359  1.125   -10.509 1.00 25.67 ? 28  THR A CB  1 
ATOM   231 O  OG1 . THR A 1 28  ? -3.732  1.994   -11.574 1.00 25.48 ? 28  THR A OG1 1 
ATOM   232 C  CG2 . THR A 1 28  ? -2.026  0.499   -10.799 1.00 28.17 ? 28  THR A CG2 1 
ATOM   233 N  N   . PHE A 1 29  ? -5.933  0.981   -8.592  1.00 26.06 ? 29  PHE A N   1 
ATOM   234 C  CA  . PHE A 1 29  ? -7.015  1.720   -7.921  1.00 25.18 ? 29  PHE A CA  1 
ATOM   235 C  C   . PHE A 1 29  ? -6.326  2.723   -7.004  1.00 27.42 ? 29  PHE A C   1 
ATOM   236 O  O   . PHE A 1 29  ? -5.479  2.273   -6.228  1.00 24.43 ? 29  PHE A O   1 
ATOM   237 C  CB  . PHE A 1 29  ? -7.885  0.730   -7.168  1.00 27.28 ? 29  PHE A CB  1 
ATOM   238 C  CG  . PHE A 1 29  ? -8.502  -0.287  -8.082  1.00 28.98 ? 29  PHE A CG  1 
ATOM   239 C  CD1 . PHE A 1 29  ? -9.724  -0.017  -8.684  1.00 34.71 ? 29  PHE A CD1 1 
ATOM   240 C  CD2 . PHE A 1 29  ? -7.845  -1.473  -8.376  1.00 32.28 ? 29  PHE A CD2 1 
ATOM   241 C  CE1 . PHE A 1 29  ? -10.268 -0.921  -9.584  1.00 34.41 ? 29  PHE A CE1 1 
ATOM   242 C  CE2 . PHE A 1 29  ? -8.418  -2.391  -9.243  1.00 37.60 ? 29  PHE A CE2 1 
ATOM   243 C  CZ  . PHE A 1 29  ? -9.622  -2.106  -9.842  1.00 31.76 ? 29  PHE A CZ  1 
ATOM   244 N  N   . LEU A 1 30  ? -6.692  3.999   -7.095  1.00 23.75 ? 30  LEU A N   1 
ATOM   245 C  CA  . LEU A 1 30  ? -6.052  5.049   -6.267  1.00 25.73 ? 30  LEU A CA  1 
ATOM   246 C  C   . LEU A 1 30  ? -7.038  5.491   -5.180  1.00 24.63 ? 30  LEU A C   1 
ATOM   247 O  O   . LEU A 1 30  ? -8.220  5.763   -5.482  1.00 26.29 ? 30  LEU A O   1 
ATOM   248 C  CB  . LEU A 1 30  ? -5.575  6.202   -7.159  1.00 24.30 ? 30  LEU A CB  1 
ATOM   249 C  CG  . LEU A 1 30  ? -4.742  5.834   -8.391  1.00 28.62 ? 30  LEU A CG  1 
ATOM   250 C  CD1 . LEU A 1 30  ? -4.332  7.072   -9.190  1.00 30.62 ? 30  LEU A CD1 1 
ATOM   251 C  CD2 . LEU A 1 30  ? -3.520  5.022   -8.009  1.00 26.65 ? 30  LEU A CD2 1 
ATOM   252 N  N   . ALA A 1 31  ? -6.545  5.653   -3.954  1.00 21.23 ? 31  ALA A N   1 
ATOM   253 C  CA  . ALA A 1 31  ? -7.334  6.143   -2.811  1.00 22.29 ? 31  ALA A CA  1 
ATOM   254 C  C   . ALA A 1 31  ? -6.546  7.230   -2.096  1.00 23.77 ? 31  ALA A C   1 
ATOM   255 O  O   . ALA A 1 31  ? -5.350  6.986   -1.830  1.00 23.15 ? 31  ALA A O   1 
ATOM   256 C  CB  . ALA A 1 31  ? -7.651  5.002   -1.875  1.00 21.79 ? 31  ALA A CB  1 
ATOM   257 N  N   . ALA A 1 32  ? -7.215  8.323   -1.730  1.00 23.93 ? 32  ALA A N   1 
ATOM   258 C  CA  . ALA A 1 32  ? -6.629  9.506   -1.048  1.00 26.19 ? 32  ALA A CA  1 
ATOM   259 C  C   . ALA A 1 32  ? -6.768  9.414   0.466   1.00 26.80 ? 32  ALA A C   1 
ATOM   260 O  O   . ALA A 1 32  ? -6.068  10.166  1.160   1.00 28.23 ? 32  ALA A O   1 
ATOM   261 C  CB  . ALA A 1 32  ? -7.281  10.781  -1.562  1.00 29.37 ? 32  ALA A CB  1 
ATOM   262 N  N   . ASN A 1 33  ? -7.557  8.474   0.978   1.00 23.88 ? 33  ASN A N   1 
ATOM   263 C  CA  . ASN A 1 33  ? -7.771  8.333   2.427   1.00 26.78 ? 33  ASN A CA  1 
ATOM   264 C  C   . ASN A 1 33  ? -8.304  6.942   2.755   1.00 23.85 ? 33  ASN A C   1 
ATOM   265 O  O   . ASN A 1 33  ? -8.585  6.144   1.822   1.00 24.54 ? 33  ASN A O   1 
ATOM   266 C  CB  . ASN A 1 33  ? -8.719  9.439   2.888   1.00 28.77 ? 33  ASN A CB  1 
ATOM   267 C  CG  . ASN A 1 33  ? -10.008 9.383   2.121   1.00 30.04 ? 33  ASN A CG  1 
ATOM   268 O  OD1 . ASN A 1 33  ? -10.686 8.361   2.122   1.00 27.72 ? 33  ASN A OD1 1 
ATOM   269 N  ND2 . ASN A 1 33  ? -10.357 10.478  1.474   1.00 38.29 ? 33  ASN A ND2 1 
ATOM   270 N  N   . GLY A 1 34  ? -8.456  6.666   4.049   1.00 25.24 ? 34  GLY A N   1 
ATOM   271 C  CA  . GLY A 1 34  ? -8.875  5.355   4.564   1.00 24.40 ? 34  GLY A CA  1 
ATOM   272 C  C   . GLY A 1 34  ? -10.275 4.976   4.120   1.00 23.74 ? 34  GLY A C   1 
ATOM   273 O  O   . GLY A 1 34  ? -10.523 3.795   3.865   1.00 24.27 ? 34  GLY A O   1 
ATOM   274 N  N   . ILE A 1 35  ? -11.195 5.940   4.054   1.00 24.85 ? 35  ILE A N   1 
ATOM   275 C  CA  . ILE A 1 35  ? -12.600 5.664   3.643   1.00 26.30 ? 35  ILE A CA  1 
ATOM   276 C  C   . ILE A 1 35  ? -12.594 5.110   2.215   1.00 26.20 ? 35  ILE A C   1 
ATOM   277 O  O   . ILE A 1 35  ? -13.183 4.010   1.975   1.00 27.16 ? 35  ILE A O   1 
ATOM   278 C  CB  . ILE A 1 35  ? -13.441 6.948   3.780   1.00 31.50 ? 35  ILE A CB  1 
ATOM   279 C  CG1 . ILE A 1 35  ? -13.505 7.433   5.230   1.00 33.03 ? 35  ILE A CG1 1 
ATOM   280 C  CG2 . ILE A 1 35  ? -14.838 6.777   3.184   1.00 31.36 ? 35  ILE A CG2 1 
ATOM   281 C  CD1 . ILE A 1 35  ? -13.864 8.891   5.327   1.00 34.72 ? 35  ILE A CD1 1 
ATOM   282 N  N   . GLU A 1 36  ? -11.946 5.810   1.283   1.00 27.26 ? 36  GLU A N   1 
ATOM   283 C  CA  . GLU A 1 36  ? -11.841 5.360   -0.122  1.00 27.14 ? 36  GLU A CA  1 
ATOM   284 C  C   . GLU A 1 36  ? -11.111 4.017   -0.174  1.00 27.34 ? 36  GLU A C   1 
ATOM   285 O  O   . GLU A 1 36  ? -11.589 3.134   -0.897  1.00 25.73 ? 36  GLU A O   1 
ATOM   286 C  CB  . GLU A 1 36  ? -11.136 6.383   -1.003  1.00 29.98 ? 36  GLU A CB  1 
ATOM   287 C  CG  . GLU A 1 36  ? -11.865 7.700   -1.130  1.00 34.42 ? 36  GLU A CG  1 
ATOM   288 C  CD  . GLU A 1 36  ? -11.144 8.679   -2.064  1.00 43.46 ? 36  GLU A CD  1 
ATOM   289 O  OE1 . GLU A 1 36  ? -9.995  8.366   -2.522  1.00 31.16 ? 36  GLU A OE1 1 
ATOM   290 O  OE2 . GLU A 1 36  ? -11.740 9.749   -2.362  1.00 47.63 ? 36  GLU A OE2 1 
ATOM   291 N  N   . ALA A 1 37  ? -10.011 3.855   0.568   1.00 23.69 ? 37  ALA A N   1 
ATOM   292 C  CA  . ALA A 1 37  ? -9.178  2.622   0.538   1.00 25.32 ? 37  ALA A CA  1 
ATOM   293 C  C   . ALA A 1 37  ? -10.038 1.425   0.991   1.00 25.92 ? 37  ALA A C   1 
ATOM   294 O  O   . ALA A 1 37  ? -10.044 0.380   0.358   1.00 23.65 ? 37  ALA A O   1 
ATOM   295 C  CB  . ALA A 1 37  ? -8.005  2.792   1.463   1.00 24.54 ? 37  ALA A CB  1 
ATOM   296 N  N   . LEU A 1 38  ? -10.799 1.602   2.061   1.00 26.49 ? 38  LEU A N   1 
ATOM   297 C  CA  . LEU A 1 38  ? -11.584 0.487   2.627   1.00 26.66 ? 38  LEU A CA  1 
ATOM   298 C  C   . LEU A 1 38  ? -12.822 0.199   1.769   1.00 28.81 ? 38  LEU A C   1 
ATOM   299 O  O   . LEU A 1 38  ? -13.135 -1.013  1.606   1.00 27.75 ? 38  LEU A O   1 
ATOM   300 C  CB  . LEU A 1 38  ? -11.928 0.798   4.081   1.00 27.54 ? 38  LEU A CB  1 
ATOM   301 C  CG  . LEU A 1 38  ? -10.735 0.837   5.034   1.00 30.86 ? 38  LEU A CG  1 
ATOM   302 C  CD1 . LEU A 1 38  ? -11.201 1.220   6.421   1.00 34.72 ? 38  LEU A CD1 1 
ATOM   303 C  CD2 . LEU A 1 38  ? -9.982  -0.482  5.063   1.00 35.88 ? 38  LEU A CD2 1 
ATOM   304 N  N   . ASP A 1 39  ? -13.465 1.231   1.211   1.00 27.90 ? 39  ASP A N   1 
ATOM   305 C  CA  . ASP A 1 39  ? -14.580 1.032   0.253   1.00 32.36 ? 39  ASP A CA  1 
ATOM   306 C  C   . ASP A 1 39  ? -14.062 0.275   -0.972  1.00 31.83 ? 39  ASP A C   1 
ATOM   307 O  O   . ASP A 1 39  ? -14.721 -0.690  -1.388  1.00 34.57 ? 39  ASP A O   1 
ATOM   308 C  CB  . ASP A 1 39  ? -15.272 2.348   -0.104  1.00 33.29 ? 39  ASP A CB  1 
ATOM   309 C  CG  . ASP A 1 39  ? -16.186 2.832   1.005   1.00 42.21 ? 39  ASP A CG  1 
ATOM   310 O  OD1 . ASP A 1 39  ? -16.612 1.994   1.835   1.00 44.00 ? 39  ASP A OD1 1 
ATOM   311 O  OD2 . ASP A 1 39  ? -16.446 4.030   1.049   1.00 42.62 ? 39  ASP A OD2 1 
ATOM   312 N  N   . ILE A 1 40  ? -12.925 0.684   -1.531  1.00 27.58 ? 40  ILE A N   1 
ATOM   313 C  CA  . ILE A 1 40  ? -12.329 -0.006  -2.704  1.00 26.08 ? 40  ILE A CA  1 
ATOM   314 C  C   . ILE A 1 40  ? -11.905 -1.422  -2.300  1.00 27.88 ? 40  ILE A C   1 
ATOM   315 O  O   . ILE A 1 40  ? -12.219 -2.348  -3.049  1.00 33.48 ? 40  ILE A O   1 
ATOM   316 C  CB  . ILE A 1 40  ? -11.183 0.797   -3.341  1.00 24.45 ? 40  ILE A CB  1 
ATOM   317 C  CG1 . ILE A 1 40  ? -11.643 2.168   -3.818  1.00 28.41 ? 40  ILE A CG1 1 
ATOM   318 C  CG2 . ILE A 1 40  ? -10.589 -0.006  -4.495  1.00 28.85 ? 40  ILE A CG2 1 
ATOM   319 C  CD1 . ILE A 1 40  ? -10.530 3.072   -4.308  1.00 29.17 ? 40  ILE A CD1 1 
ATOM   320 N  N   . ALA A 1 41  ? -11.267 -1.629  -1.149  1.00 27.96 ? 41  ALA A N   1 
ATOM   321 C  CA  . ALA A 1 41  ? -10.756 -2.977  -0.779  1.00 31.61 ? 41  ALA A CA  1 
ATOM   322 C  C   . ALA A 1 41  ? -11.946 -3.930  -0.622  1.00 35.21 ? 41  ALA A C   1 
ATOM   323 O  O   . ALA A 1 41  ? -11.819 -5.069  -1.066  1.00 35.15 ? 41  ALA A O   1 
ATOM   324 C  CB  . ALA A 1 41  ? -9.899  -2.969  0.465   1.00 31.73 ? 41  ALA A CB  1 
ATOM   325 N  N   . GLU A 1 42  ? -13.069 -3.460  -0.074  1.00 39.88 ? 42  GLU A N   1 
ATOM   326 C  CA  . GLU A 1 42  ? -14.296 -4.288  0.126   1.00 43.16 ? 42  GLU A CA  1 
ATOM   327 C  C   . GLU A 1 42  ? -14.898 -4.689  -1.238  1.00 42.03 ? 42  GLU A C   1 
ATOM   328 O  O   . GLU A 1 42  ? -15.207 -5.861  -1.406  1.00 41.63 ? 42  GLU A O   1 
ATOM   329 C  CB  . GLU A 1 42  ? -15.286 -3.553  1.028   1.00 44.19 ? 42  GLU A CB  1 
ATOM   330 C  CG  . GLU A 1 42  ? -16.301 -4.473  1.672   1.00 49.84 ? 42  GLU A CG  1 
ATOM   331 C  CD  . GLU A 1 42  ? -17.428 -3.751  2.392   1.00 56.32 ? 42  GLU A CD  1 
ATOM   332 O  OE1 . GLU A 1 42  ? -17.626 -2.549  2.125   1.00 60.31 ? 42  GLU A OE1 1 
ATOM   333 O  OE2 . GLU A 1 42  ? -18.108 -4.390  3.218   1.00 71.31 ? 42  GLU A OE2 1 
ATOM   334 N  N   . ARG A 1 43  ? -15.002 -3.776  -2.204  1.00 41.38 ? 43  ARG A N   1 
ATOM   335 C  CA  . ARG A 1 43  ? -15.620 -4.030  -3.530  1.00 37.66 ? 43  ARG A CA  1 
ATOM   336 C  C   . ARG A 1 43  ? -14.656 -4.729  -4.501  1.00 44.54 ? 43  ARG A C   1 
ATOM   337 O  O   . ARG A 1 43  ? -15.104 -5.620  -5.251  1.00 43.00 ? 43  ARG A O   1 
ATOM   338 C  CB  . ARG A 1 43  ? -16.108 -2.707  -4.119  1.00 45.22 ? 43  ARG A CB  1 
ATOM   339 C  CG  . ARG A 1 43  ? -17.140 -1.989  -3.260  1.00 49.43 ? 43  ARG A CG  1 
ATOM   340 C  CD  . ARG A 1 43  ? -18.569 -2.323  -3.676  1.00 59.61 ? 43  ARG A CD  1 
ATOM   341 N  NE  . ARG A 1 43  ? -18.957 -3.691  -3.329  1.00 64.77 ? 43  ARG A NE  1 
ATOM   342 C  CZ  . ARG A 1 43  ? -19.027 -4.710  -4.175  1.00 61.62 ? 43  ARG A CZ  1 
ATOM   343 N  NH1 . ARG A 1 43  ? -19.369 -5.907  -3.735  1.00 61.71 ? 43  ARG A NH1 1 
ATOM   344 N  NH2 . ARG A 1 43  ? -18.734 -4.543  -5.451  1.00 69.78 ? 43  ARG A NH2 1 
ATOM   345 N  N   . VAL A 1 44  ? -13.380 -4.341  -4.555  1.00 34.97 ? 44  VAL A N   1 
ATOM   346 C  CA  . VAL A 1 44  ? -12.499 -4.776  -5.676  1.00 40.03 ? 44  VAL A CA  1 
ATOM   347 C  C   . VAL A 1 44  ? -11.775 -6.075  -5.267  1.00 39.91 ? 44  VAL A C   1 
ATOM   348 O  O   . VAL A 1 44  ? -11.402 -6.871  -6.175  1.00 37.92 ? 44  VAL A O   1 
ATOM   349 C  CB  . VAL A 1 44  ? -11.586 -3.595  -6.044  1.00 41.01 ? 44  VAL A CB  1 
ATOM   350 C  CG1 . VAL A 1 44  ? -10.448 -3.964  -6.962  1.00 43.11 ? 44  VAL A CG1 1 
ATOM   351 C  CG2 . VAL A 1 44  ? -12.415 -2.452  -6.625  1.00 43.08 ? 44  VAL A CG2 1 
ATOM   352 N  N   . LYS A 1 45  ? -11.595 -6.296  -3.957  1.00 40.28 ? 45  LYS A N   1 
ATOM   353 C  CA  . LYS A 1 45  ? -10.783 -7.413  -3.404  1.00 42.06 ? 45  LYS A CA  1 
ATOM   354 C  C   . LYS A 1 45  ? -9.452  -7.445  -4.146  1.00 38.03 ? 45  LYS A C   1 
ATOM   355 O  O   . LYS A 1 45  ? -9.171  -8.360  -4.909  1.00 35.27 ? 45  LYS A O   1 
ATOM   356 C  CB  . LYS A 1 45  ? -11.536 -8.744  -3.505  1.00 49.60 ? 45  LYS A CB  1 
ATOM   357 C  CG  . LYS A 1 45  ? -12.720 -8.858  -2.555  1.00 55.95 ? 45  LYS A CG  1 
ATOM   358 C  CD  . LYS A 1 45  ? -12.317 -9.031  -1.098  1.00 61.60 ? 45  LYS A CD  1 
ATOM   359 C  CE  . LYS A 1 45  ? -13.145 -8.206  -0.134  1.00 63.64 ? 45  LYS A CE  1 
ATOM   360 N  NZ  . LYS A 1 45  ? -14.500 -8.768  0.055   1.00 64.59 ? 45  LYS A NZ  1 
ATOM   361 N  N   . PRO A 1 46  ? -8.594  -6.415  -3.955  1.00 32.85 ? 46  PRO A N   1 
ATOM   362 C  CA  . PRO A 1 46  ? -7.340  -6.304  -4.705  1.00 30.21 ? 46  PRO A CA  1 
ATOM   363 C  C   . PRO A 1 46  ? -6.348  -7.430  -4.356  1.00 27.67 ? 46  PRO A C   1 
ATOM   364 O  O   . PRO A 1 46  ? -6.438  -7.980  -3.272  1.00 32.07 ? 46  PRO A O   1 
ATOM   365 C  CB  . PRO A 1 46  ? -6.789  -4.937  -4.235  1.00 28.08 ? 46  PRO A CB  1 
ATOM   366 C  CG  . PRO A 1 46  ? -7.367  -4.757  -2.863  1.00 30.85 ? 46  PRO A CG  1 
ATOM   367 C  CD  . PRO A 1 46  ? -8.762  -5.356  -2.938  1.00 31.57 ? 46  PRO A CD  1 
ATOM   368 N  N   . ASP A 1 47  ? -5.403  -7.703  -5.244  1.00 28.41 ? 47  ASP A N   1 
ATOM   369 C  CA  . ASP A 1 47  ? -4.325  -8.712  -5.058  1.00 30.19 ? 47  ASP A CA  1 
ATOM   370 C  C   . ASP A 1 47  ? -3.267  -8.181  -4.064  1.00 31.81 ? 47  ASP A C   1 
ATOM   371 O  O   . ASP A 1 47  ? -2.686  -8.974  -3.298  1.00 31.59 ? 47  ASP A O   1 
ATOM   372 C  CB  . ASP A 1 47  ? -3.784  -9.091  -6.427  1.00 35.01 ? 47  ASP A CB  1 
ATOM   373 C  CG  . ASP A 1 47  ? -4.885  -9.758  -7.238  1.00 39.74 ? 47  ASP A CG  1 
ATOM   374 O  OD1 . ASP A 1 47  ? -5.413  -10.755 -6.738  1.00 39.37 ? 47  ASP A OD1 1 
ATOM   375 O  OD2 . ASP A 1 47  ? -5.274  -9.196  -8.292  1.00 38.15 ? 47  ASP A OD2 1 
ATOM   376 N  N   . GLY A 1 48  ? -3.097  -6.862  -4.001  1.00 27.57 ? 48  GLY A N   1 
ATOM   377 C  CA  . GLY A 1 48  ? -2.161  -6.218  -3.063  1.00 25.35 ? 48  GLY A CA  1 
ATOM   378 C  C   . GLY A 1 48  ? -2.522  -4.765  -2.815  1.00 26.89 ? 48  GLY A C   1 
ATOM   379 O  O   . GLY A 1 48  ? -3.234  -4.162  -3.660  1.00 23.86 ? 48  GLY A O   1 
ATOM   380 N  N   . VAL A 1 49  ? -1.963  -4.202  -1.740  1.00 23.81 ? 49  VAL A N   1 
ATOM   381 C  CA  . VAL A 1 49  ? -2.223  -2.819  -1.278  1.00 22.99 ? 49  VAL A CA  1 
ATOM   382 C  C   . VAL A 1 49  ? -0.861  -2.185  -0.988  1.00 22.87 ? 49  VAL A C   1 
ATOM   383 O  O   . VAL A 1 49  ? -0.060  -2.827  -0.323  1.00 23.74 ? 49  VAL A O   1 
ATOM   384 C  CB  . VAL A 1 49  ? -3.118  -2.762  -0.031  1.00 21.03 ? 49  VAL A CB  1 
ATOM   385 C  CG1 . VAL A 1 49  ? -3.478  -1.324  0.320   1.00 22.96 ? 49  VAL A CG1 1 
ATOM   386 C  CG2 . VAL A 1 49  ? -4.366  -3.608  -0.247  1.00 24.41 ? 49  VAL A CG2 1 
ATOM   387 N  N   . LEU A 1 50  ? -0.631  -1.007  -1.538  1.00 20.55 ? 50  LEU A N   1 
ATOM   388 C  CA  . LEU A 1 50  ? 0.511   -0.135  -1.156  1.00 22.92 ? 50  LEU A CA  1 
ATOM   389 C  C   . LEU A 1 50  ? -0.086  0.951   -0.268  1.00 22.46 ? 50  LEU A C   1 
ATOM   390 O  O   . LEU A 1 50  ? -1.027  1.622   -0.713  1.00 21.47 ? 50  LEU A O   1 
ATOM   391 C  CB  . LEU A 1 50  ? 1.112   0.471   -2.422  1.00 23.53 ? 50  LEU A CB  1 
ATOM   392 C  CG  . LEU A 1 50  ? 2.274   -0.222  -3.097  1.00 30.51 ? 50  LEU A CG  1 
ATOM   393 C  CD1 . LEU A 1 50  ? 2.088   -1.705  -3.220  1.00 34.43 ? 50  LEU A CD1 1 
ATOM   394 C  CD2 . LEU A 1 50  ? 2.545   0.425   -4.448  1.00 30.48 ? 50  LEU A CD2 1 
ATOM   395 N  N   . LEU A 1 51  ? 0.392   1.095   0.959   1.00 21.02 ? 51  LEU A N   1 
ATOM   396 C  CA  . LEU A 1 51  ? -0.343  1.867   1.966   1.00 19.52 ? 51  LEU A CA  1 
ATOM   397 C  C   . LEU A 1 51  ? 0.614   2.823   2.664   1.00 20.75 ? 51  LEU A C   1 
ATOM   398 O  O   . LEU A 1 51  ? 1.528   2.352   3.342   1.00 21.18 ? 51  LEU A O   1 
ATOM   399 C  CB  . LEU A 1 51  ? -1.052  0.904   2.922   1.00 22.01 ? 51  LEU A CB  1 
ATOM   400 C  CG  . LEU A 1 51  ? -1.706  1.544   4.153   1.00 20.77 ? 51  LEU A CG  1 
ATOM   401 C  CD1 . LEU A 1 51  ? -2.771  2.589   3.761   1.00 21.86 ? 51  LEU A CD1 1 
ATOM   402 C  CD2 . LEU A 1 51  ? -2.296  0.456   5.046   1.00 22.18 ? 51  LEU A CD2 1 
ATOM   403 N  N   . ASP A 1 52  ? 0.376   4.123   2.459   1.00 21.22 ? 52  ASP A N   1 
ATOM   404 C  CA  . ASP A 1 52  ? 1.154   5.185   3.146   1.00 21.50 ? 52  ASP A CA  1 
ATOM   405 C  C   . ASP A 1 52  ? 0.917   5.129   4.658   1.00 24.35 ? 52  ASP A C   1 
ATOM   406 O  O   . ASP A 1 52  ? -0.242  4.874   5.092   1.00 23.42 ? 52  ASP A O   1 
ATOM   407 C  CB  . ASP A 1 52  ? 0.892   6.569   2.580   1.00 23.61 ? 52  ASP A CB  1 
ATOM   408 C  CG  . ASP A 1 52  ? 1.988   7.493   3.072   1.00 28.45 ? 52  ASP A CG  1 
ATOM   409 O  OD1 . ASP A 1 52  ? 3.198   7.220   2.792   1.00 38.34 ? 52  ASP A OD1 1 
ATOM   410 O  OD2 . ASP A 1 52  ? 1.678   8.349   3.807   1.00 29.90 ? 52  ASP A OD2 1 
ATOM   411 N  N   . MET A 1 53  ? 1.969   5.382   5.433   1.00 22.95 ? 53  MET A N   1 
ATOM   412 C  CA  . MET A 1 53  ? 1.902   5.341   6.919   1.00 26.88 ? 53  MET A CA  1 
ATOM   413 C  C   . MET A 1 53  ? 1.101   6.533   7.457   1.00 28.94 ? 53  MET A C   1 
ATOM   414 O  O   . MET A 1 53  ? 0.326   6.335   8.432   1.00 28.24 ? 53  MET A O   1 
ATOM   415 C  CB  . MET A 1 53  ? 3.316   5.387   7.495   1.00 31.50 ? 53  MET A CB  1 
ATOM   416 C  CG  . MET A 1 53  ? 3.396   4.929   8.929   1.00 36.92 ? 53  MET A CG  1 
ATOM   417 S  SD  . MET A 1 53  ? 3.167   3.147   9.115   1.00 35.06 ? 53  MET A SD  1 
ATOM   418 C  CE  . MET A 1 53  ? 4.789   2.565   8.617   1.00 30.12 ? 53  MET A CE  1 
ATOM   419 N  N   . LYS A 1 54  ? 1.299   7.719   6.878   1.00 28.00 ? 54  LYS A N   1 
ATOM   420 C  CA  . LYS A 1 54  ? 0.815   9.004   7.431   1.00 30.98 ? 54  LYS A CA  1 
ATOM   421 C  C   . LYS A 1 54  ? -0.221  9.580   6.479   1.00 27.65 ? 54  LYS A C   1 
ATOM   422 O  O   . LYS A 1 54  ? 0.126   10.166  5.415   1.00 27.24 ? 54  LYS A O   1 
ATOM   423 C  CB  . LYS A 1 54  ? 1.960   9.984   7.683   1.00 31.82 ? 54  LYS A CB  1 
ATOM   424 C  CG  . LYS A 1 54  ? 2.977   9.472   8.694   1.00 38.41 ? 54  LYS A CG  1 
ATOM   425 C  CD  . LYS A 1 54  ? 3.981   10.532  9.129   1.00 43.52 ? 54  LYS A CD  1 
ATOM   426 C  CE  . LYS A 1 54  ? 5.082   10.717  8.104   1.00 52.19 ? 54  LYS A CE  1 
ATOM   427 N  NZ  . LYS A 1 54  ? 6.237   11.463  8.655   1.00 58.59 ? 54  LYS A NZ  1 
ATOM   428 N  N   . ILE A 1 55  ? -1.467  9.437   6.901   1.00 25.95 ? 55  ILE A N   1 
ATOM   429 C  CA  . ILE A 1 55  ? -2.661  9.902   6.163   1.00 25.99 ? 55  ILE A CA  1 
ATOM   430 C  C   . ILE A 1 55  ? -3.525  10.578  7.218   1.00 31.71 ? 55  ILE A C   1 
ATOM   431 O  O   . ILE A 1 55  ? -3.772  9.994   8.271   1.00 29.17 ? 55  ILE A O   1 
ATOM   432 C  CB  . ILE A 1 55  ? -3.357  8.697   5.505   1.00 26.10 ? 55  ILE A CB  1 
ATOM   433 C  CG1 . ILE A 1 55  ? -2.404  7.965   4.550   1.00 25.55 ? 55  ILE A CG1 1 
ATOM   434 C  CG2 . ILE A 1 55  ? -4.667  9.104   4.830   1.00 27.71 ? 55  ILE A CG2 1 
ATOM   435 C  CD1 . ILE A 1 55  ? -3.052  6.823   3.799   1.00 27.97 ? 55  ILE A CD1 1 
ATOM   436 N  N   . PRO A 1 56  ? -3.993  11.810  6.968   1.00 31.85 ? 56  PRO A N   1 
ATOM   437 C  CA  . PRO A 1 56  ? -4.812  12.516  7.941   1.00 33.28 ? 56  PRO A CA  1 
ATOM   438 C  C   . PRO A 1 56  ? -6.091  11.747  8.235   1.00 33.28 ? 56  PRO A C   1 
ATOM   439 O  O   . PRO A 1 56  ? -6.657  11.166  7.330   1.00 33.76 ? 56  PRO A O   1 
ATOM   440 C  CB  . PRO A 1 56  ? -5.186  13.831  7.228   1.00 35.29 ? 56  PRO A CB  1 
ATOM   441 C  CG  . PRO A 1 56  ? -4.066  14.018  6.253   1.00 36.08 ? 56  PRO A CG  1 
ATOM   442 C  CD  . PRO A 1 56  ? -3.740  12.624  5.765   1.00 31.15 ? 56  PRO A CD  1 
ATOM   443 N  N   . GLY A 1 57  ? -6.549  11.841  9.476   1.00 36.93 ? 57  GLY A N   1 
ATOM   444 C  CA  . GLY A 1 57  ? -7.819  11.211  9.888   1.00 41.40 ? 57  GLY A CA  1 
ATOM   445 C  C   . GLY A 1 57  ? -7.580  9.775   10.287  1.00 34.34 ? 57  GLY A C   1 
ATOM   446 O  O   . GLY A 1 57  ? -7.202  9.550   11.423  1.00 40.72 ? 57  GLY A O   1 
ATOM   447 N  N   . MET A 1 58  ? -7.799  8.840   9.376   1.00 34.64 ? 58  MET A N   1 
ATOM   448 C  CA  . MET A 1 58  ? -7.519  7.413   9.621   1.00 34.94 ? 58  MET A CA  1 
ATOM   449 C  C   . MET A 1 58  ? -6.142  7.137   9.023   1.00 28.60 ? 58  MET A C   1 
ATOM   450 O  O   . MET A 1 58  ? -6.001  7.292   7.787   1.00 31.11 ? 58  MET A O   1 
ATOM   451 C  CB  . MET A 1 58  ? -8.592  6.556   8.966   1.00 38.95 ? 58  MET A CB  1 
ATOM   452 C  CG  . MET A 1 58  ? -8.646  5.186   9.495   1.00 39.53 ? 58  MET A CG  1 
ATOM   453 S  SD  . MET A 1 58  ? -9.698  4.224   8.415   1.00 48.12 ? 58  MET A SD  1 
ATOM   454 C  CE  . MET A 1 58  ? -9.504  2.598   9.127   1.00 52.11 ? 58  MET A CE  1 
ATOM   455 N  N   . ASP A 1 59  ? -5.126  6.877   9.837   1.00 28.82 ? 59  ASP A N   1 
ATOM   456 C  CA  . ASP A 1 59  ? -3.742  6.777   9.280   1.00 30.02 ? 59  ASP A CA  1 
ATOM   457 C  C   . ASP A 1 59  ? -3.476  5.336   8.858   1.00 28.02 ? 59  ASP A C   1 
ATOM   458 O  O   . ASP A 1 59  ? -4.386  4.478   8.990   1.00 25.72 ? 59  ASP A O   1 
ATOM   459 C  CB  . ASP A 1 59  ? -2.662  7.365   10.194  1.00 35.11 ? 59  ASP A CB  1 
ATOM   460 C  CG  . ASP A 1 59  ? -2.524  6.658   11.520  1.00 43.11 ? 59  ASP A CG  1 
ATOM   461 O  OD1 . ASP A 1 59  ? -2.789  5.424   11.588  1.00 35.97 ? 59  ASP A OD1 1 
ATOM   462 O  OD2 . ASP A 1 59  ? -2.126  7.355   12.471  1.00 56.02 ? 59  ASP A OD2 1 
ATOM   463 N  N   . GLY A 1 60  ? -2.287  5.084   8.313   1.00 25.59 ? 60  GLY A N   1 
ATOM   464 C  CA  . GLY A 1 60  ? -1.968  3.820   7.637   1.00 26.36 ? 60  GLY A CA  1 
ATOM   465 C  C   . GLY A 1 60  ? -2.049  2.644   8.589   1.00 25.07 ? 60  GLY A C   1 
ATOM   466 O  O   . GLY A 1 60  ? -2.461  1.562   8.186   1.00 22.22 ? 60  GLY A O   1 
ATOM   467 N  N   . ILE A 1 61  ? -1.716  2.855   9.858   1.00 25.39 ? 61  ILE A N   1 
ATOM   468 C  CA  . ILE A 1 61  ? -1.778  1.748   10.859  1.00 26.11 ? 61  ILE A CA  1 
ATOM   469 C  C   . ILE A 1 61  ? -3.245  1.339   11.063  1.00 25.88 ? 61  ILE A C   1 
ATOM   470 O  O   . ILE A 1 61  ? -3.516  0.156   11.097  1.00 26.71 ? 61  ILE A O   1 
ATOM   471 C  CB  . ILE A 1 61  ? -1.088  2.142   12.184  1.00 30.33 ? 61  ILE A CB  1 
ATOM   472 C  CG1 . ILE A 1 61  ? 0.419   2.383   12.000  1.00 31.12 ? 61  ILE A CG1 1 
ATOM   473 C  CG2 . ILE A 1 61  ? -1.353  1.089   13.256  1.00 32.15 ? 61  ILE A CG2 1 
ATOM   474 C  CD1 . ILE A 1 61  ? 1.204   1.113   11.814  1.00 31.67 ? 61  ILE A CD1 1 
ATOM   475 N  N   . GLU A 1 62  ? -4.169  2.292   11.194  1.00 26.75 ? 62  GLU A N   1 
ATOM   476 C  CA  . GLU A 1 62  ? -5.606  1.972   11.416  1.00 29.80 ? 62  GLU A CA  1 
ATOM   477 C  C   . GLU A 1 62  ? -6.167  1.349   10.124  1.00 25.90 ? 62  GLU A C   1 
ATOM   478 O  O   . GLU A 1 62  ? -6.888  0.363   10.201  1.00 29.19 ? 62  GLU A O   1 
ATOM   479 C  CB  . GLU A 1 62  ? -6.365  3.220   11.878  1.00 36.58 ? 62  GLU A CB  1 
ATOM   480 C  CG  . GLU A 1 62  ? -7.799  2.922   12.312  1.00 47.43 ? 62  GLU A CG  1 
ATOM   481 C  CD  . GLU A 1 62  ? -7.987  1.743   13.272  1.00 48.50 ? 62  GLU A CD  1 
ATOM   482 O  OE1 . GLU A 1 62  ? -8.775  0.810   12.945  1.00 47.56 ? 62  GLU A OE1 1 
ATOM   483 O  OE2 . GLU A 1 62  ? -7.321  1.745   14.322  1.00 45.03 ? 62  GLU A OE2 1 
ATOM   484 N  N   . ILE A 1 63  ? -5.738  1.825   8.950   1.00 22.60 ? 63  ILE A N   1 
ATOM   485 C  CA  . ILE A 1 63  ? -6.200  1.194   7.683   1.00 21.41 ? 63  ILE A CA  1 
ATOM   486 C  C   . ILE A 1 63  ? -5.699  -0.252  7.623   1.00 23.51 ? 63  ILE A C   1 
ATOM   487 O  O   . ILE A 1 63  ? -6.475  -1.129  7.202   1.00 24.74 ? 63  ILE A O   1 
ATOM   488 C  CB  . ILE A 1 63  ? -5.778  2.027   6.461   1.00 22.67 ? 63  ILE A CB  1 
ATOM   489 C  CG1 . ILE A 1 63  ? -6.416  3.424   6.508   1.00 25.50 ? 63  ILE A CG1 1 
ATOM   490 C  CG2 . ILE A 1 63  ? -6.142  1.311   5.180   1.00 21.81 ? 63  ILE A CG2 1 
ATOM   491 C  CD1 . ILE A 1 63  ? -5.711  4.442   5.676   1.00 28.77 ? 63  ILE A CD1 1 
ATOM   492 N  N   . LEU A 1 64  ? -4.404  -0.486  7.908   1.00 22.33 ? 64  LEU A N   1 
ATOM   493 C  CA  . LEU A 1 64  ? -3.782  -1.825  7.835   1.00 20.37 ? 64  LEU A CA  1 
ATOM   494 C  C   . LEU A 1 64  ? -4.596  -2.769  8.739   1.00 20.99 ? 64  LEU A C   1 
ATOM   495 O  O   . LEU A 1 64  ? -4.941  -3.866  8.313   1.00 24.64 ? 64  LEU A O   1 
ATOM   496 C  CB  . LEU A 1 64  ? -2.334  -1.726  8.324   1.00 20.44 ? 64  LEU A CB  1 
ATOM   497 C  CG  . LEU A 1 64  ? -1.591  -3.038  8.641   1.00 22.42 ? 64  LEU A CG  1 
ATOM   498 C  CD1 . LEU A 1 64  ? -1.393  -3.893  7.401   1.00 23.64 ? 64  LEU A CD1 1 
ATOM   499 C  CD2 . LEU A 1 64  ? -0.226  -2.734  9.263   1.00 23.87 ? 64  LEU A CD2 1 
ATOM   500 N  N   . LYS A 1 65  ? -4.842  -2.374  9.984   1.00 23.15 ? 65  LYS A N   1 
ATOM   501 C  CA  . LYS A 1 65  ? -5.630  -3.222  10.914  1.00 23.96 ? 65  LYS A CA  1 
ATOM   502 C  C   . LYS A 1 65  ? -6.975  -3.600  10.264  1.00 25.05 ? 65  LYS A C   1 
ATOM   503 O  O   . LYS A 1 65  ? -7.389  -4.771  10.353  1.00 27.48 ? 65  LYS A O   1 
ATOM   504 C  CB  . LYS A 1 65  ? -5.887  -2.470  12.211  1.00 25.69 ? 65  LYS A CB  1 
ATOM   505 C  CG  . LYS A 1 65  ? -4.694  -2.263  13.132  1.00 27.92 ? 65  LYS A CG  1 
ATOM   506 C  CD  . LYS A 1 65  ? -5.120  -1.523  14.400  1.00 32.22 ? 65  LYS A CD  1 
ATOM   507 C  CE  . LYS A 1 65  ? -3.975  -1.105  15.294  1.00 36.51 ? 65  LYS A CE  1 
ATOM   508 N  NZ  . LYS A 1 65  ? -4.469  -0.207  16.359  1.00 38.45 ? 65  LYS A NZ  1 
ATOM   509 N  N   . ARG A 1 66  ? -7.650  -2.650  9.627   1.00 26.81 ? 66  ARG A N   1 
ATOM   510 C  CA  . ARG A 1 66  ? -8.999  -2.892  9.059   1.00 30.34 ? 66  ARG A CA  1 
ATOM   511 C  C   . ARG A 1 66  ? -8.866  -3.771  7.821   1.00 34.85 ? 66  ARG A C   1 
ATOM   512 O  O   . ARG A 1 66  ? -9.712  -4.662  7.652   1.00 33.96 ? 66  ARG A O   1 
ATOM   513 C  CB  . ARG A 1 66  ? -9.720  -1.572  8.775   1.00 33.37 ? 66  ARG A CB  1 
ATOM   514 C  CG  . ARG A 1 66  ? -9.857  -0.693  10.006  1.00 35.93 ? 66  ARG A CG  1 
ATOM   515 C  CD  . ARG A 1 66  ? -11.239 -0.121  10.246  1.00 50.46 ? 66  ARG A CD  1 
ATOM   516 N  NE  . ARG A 1 66  ? -11.186 1.011   11.185  1.00 50.04 ? 66  ARG A NE  1 
ATOM   517 C  CZ  . ARG A 1 66  ? -12.044 2.029   11.188  1.00 55.11 ? 66  ARG A CZ  1 
ATOM   518 N  NH1 . ARG A 1 66  ? -11.911 3.004   12.074  1.00 61.72 ? 66  ARG A NH1 1 
ATOM   519 N  NH2 . ARG A 1 66  ? -13.025 2.086   10.299  1.00 53.51 ? 66  ARG A NH2 1 
ATOM   520 N  N   . ILE A 1 67  ? -7.789  -3.646  7.034   1.00 29.79 ? 67  ILE A N   1 
ATOM   521 C  CA  . ILE A 1 67  ? -7.622  -4.557  5.867   1.00 28.19 ? 67  ILE A CA  1 
ATOM   522 C  C   . ILE A 1 67  ? -7.292  -5.975  6.364   1.00 34.31 ? 67  ILE A C   1 
ATOM   523 O  O   . ILE A 1 67  ? -7.870  -6.946  5.796   1.00 35.19 ? 67  ILE A O   1 
ATOM   524 C  CB  . ILE A 1 67  ? -6.591  -4.017  4.849   1.00 26.25 ? 67  ILE A CB  1 
ATOM   525 C  CG1 . ILE A 1 67  ? -7.088  -2.695  4.251   1.00 30.10 ? 67  ILE A CG1 1 
ATOM   526 C  CG2 . ILE A 1 67  ? -6.334  -5.045  3.775   1.00 28.48 ? 67  ILE A CG2 1 
ATOM   527 C  CD1 . ILE A 1 67  ? -6.047  -1.964  3.423   1.00 29.40 ? 67  ILE A CD1 1 
ATOM   528 N  N   . LYS A 1 68  ? -6.397  -6.119  7.341   1.00 33.56 ? 68  LYS A N   1 
ATOM   529 C  CA  . LYS A 1 68  ? -5.847  -7.447  7.732   1.00 34.85 ? 68  LYS A CA  1 
ATOM   530 C  C   . LYS A 1 68  ? -6.917  -8.234  8.513   1.00 41.44 ? 68  LYS A C   1 
ATOM   531 O  O   . LYS A 1 68  ? -6.784  -9.460  8.612   1.00 40.93 ? 68  LYS A O   1 
ATOM   532 C  CB  . LYS A 1 68  ? -4.561  -7.305  8.549   1.00 37.34 ? 68  LYS A CB  1 
ATOM   533 C  CG  . LYS A 1 68  ? -3.321  -6.874  7.769   1.00 41.51 ? 68  LYS A CG  1 
ATOM   534 C  CD  . LYS A 1 68  ? -2.423  -7.989  7.256   1.00 40.68 ? 68  LYS A CD  1 
ATOM   535 C  CE  . LYS A 1 68  ? -2.717  -8.383  5.835   1.00 43.70 ? 68  LYS A CE  1 
ATOM   536 N  NZ  . LYS A 1 68  ? -1.811  -9.456  5.370   1.00 36.85 ? 68  LYS A NZ  1 
ATOM   537 N  N   . THR A 1 69  ? -7.942  -7.538  9.011   1.00 42.06 ? 69  THR A N   1 
ATOM   538 C  CA  . THR A 1 69  ? -9.117  -8.091  9.735   1.00 48.57 ? 69  THR A CA  1 
ATOM   539 C  C   . THR A 1 69  ? -10.087 -8.698  8.726   1.00 51.46 ? 69  THR A C   1 
ATOM   540 O  O   . THR A 1 69  ? -10.452 -9.884  8.899   1.00 60.41 ? 69  THR A O   1 
ATOM   541 C  CB  . THR A 1 69  ? -9.830  -6.991  10.528  1.00 47.83 ? 69  THR A CB  1 
ATOM   542 O  OG1 . THR A 1 69  ? -8.922  -6.603  11.542  1.00 50.24 ? 69  THR A OG1 1 
ATOM   543 C  CG2 . THR A 1 69  ? -11.123 -7.425  11.182  1.00 55.63 ? 69  THR A CG2 1 
ATOM   544 N  N   . ARG A 1 70  ? -10.513 -7.900  7.743   1.00 45.29 ? 70  ARG A N   1 
ATOM   545 C  CA  . ARG A 1 70  ? -11.492 -8.317  6.708   1.00 48.26 ? 70  ARG A CA  1 
ATOM   546 C  C   . ARG A 1 70  ? -10.872 -9.387  5.802   1.00 50.58 ? 70  ARG A C   1 
ATOM   547 O  O   . ARG A 1 70  ? -11.589 -10.356 5.483   1.00 52.68 ? 70  ARG A O   1 
ATOM   548 C  CB  . ARG A 1 70  ? -11.979 -7.118  5.886   1.00 51.90 ? 70  ARG A CB  1 
ATOM   549 C  CG  . ARG A 1 70  ? -12.732 -6.081  6.703   1.00 58.80 ? 70  ARG A CG  1 
ATOM   550 C  CD  . ARG A 1 70  ? -13.167 -4.866  5.908   1.00 65.21 ? 70  ARG A CD  1 
ATOM   551 N  NE  . ARG A 1 70  ? -13.326 -3.717  6.796   1.00 76.27 ? 70  ARG A NE  1 
ATOM   552 C  CZ  . ARG A 1 70  ? -13.788 -2.522  6.432   1.00 74.88 ? 70  ARG A CZ  1 
ATOM   553 N  NH1 . ARG A 1 70  ? -13.883 -1.555  7.331   1.00 71.25 ? 70  ARG A NH1 1 
ATOM   554 N  NH2 . ARG A 1 70  ? -14.151 -2.301  5.178   1.00 75.66 ? 70  ARG A NH2 1 
ATOM   555 N  N   . THR A 1 71  ? -9.616  -9.201  5.368   1.00 45.55 ? 71  THR A N   1 
ATOM   556 C  CA  . THR A 1 71  ? -8.956  -10.036 4.333   1.00 42.25 ? 71  THR A CA  1 
ATOM   557 C  C   . THR A 1 71  ? -7.504  -10.242 4.741   1.00 46.95 ? 71  THR A C   1 
ATOM   558 O  O   . THR A 1 71  ? -6.616  -9.539  4.256   1.00 44.66 ? 71  THR A O   1 
ATOM   559 C  CB  . THR A 1 71  ? -9.112  -9.406  2.941   1.00 47.91 ? 71  THR A CB  1 
ATOM   560 O  OG1 . THR A 1 71  ? -8.488  -8.120  2.904   1.00 42.67 ? 71  THR A OG1 1 
ATOM   561 C  CG2 . THR A 1 71  ? -10.563 -9.248  2.542   1.00 46.93 ? 71  THR A CG2 1 
ATOM   562 N  N   . PRO A 1 72  ? -7.222  -11.193 5.658   1.00 42.57 ? 72  PRO A N   1 
ATOM   563 C  CA  . PRO A 1 72  ? -5.876  -11.350 6.213   1.00 41.78 ? 72  PRO A CA  1 
ATOM   564 C  C   . PRO A 1 72  ? -4.805  -11.812 5.221   1.00 38.14 ? 72  PRO A C   1 
ATOM   565 O  O   . PRO A 1 72  ? -3.659  -11.744 5.569   1.00 38.84 ? 72  PRO A O   1 
ATOM   566 C  CB  . PRO A 1 72  ? -6.064  -12.458 7.276   1.00 44.37 ? 72  PRO A CB  1 
ATOM   567 C  CG  . PRO A 1 72  ? -7.252  -13.242 6.752   1.00 44.82 ? 72  PRO A CG  1 
ATOM   568 C  CD  . PRO A 1 72  ? -8.180  -12.159 6.232   1.00 44.12 ? 72  PRO A CD  1 
ATOM   569 N  N   . ASP A 1 73  ? -5.187  -12.356 4.066   1.00 39.75 ? 73  ASP A N   1 
ATOM   570 C  CA  . ASP A 1 73  ? -4.219  -12.954 3.107   1.00 40.14 ? 73  ASP A CA  1 
ATOM   571 C  C   . ASP A 1 73  ? -3.818  -11.940 2.029   1.00 34.90 ? 73  ASP A C   1 
ATOM   572 O  O   . ASP A 1 73  ? -2.928  -12.269 1.251   1.00 36.40 ? 73  ASP A O   1 
ATOM   573 C  CB  . ASP A 1 73  ? -4.755  -14.227 2.445   1.00 47.34 ? 73  ASP A CB  1 
ATOM   574 C  CG  . ASP A 1 73  ? -4.527  -15.456 3.311   1.00 54.58 ? 73  ASP A CG  1 
ATOM   575 O  OD1 . ASP A 1 73  ? -4.995  -15.439 4.471   1.00 57.03 ? 73  ASP A OD1 1 
ATOM   576 O  OD2 . ASP A 1 73  ? -3.844  -16.395 2.834   1.00 63.32 ? 73  ASP A OD2 1 
ATOM   577 N  N   . VAL A 1 74  ? -4.473  -10.782 1.956   1.00 34.20 ? 74  VAL A N   1 
ATOM   578 C  CA  . VAL A 1 74  ? -4.070  -9.692  1.015   1.00 34.10 ? 74  VAL A CA  1 
ATOM   579 C  C   . VAL A 1 74  ? -2.756  -9.118  1.526   1.00 30.74 ? 74  VAL A C   1 
ATOM   580 O  O   . VAL A 1 74  ? -2.678  -8.649  2.651   1.00 31.20 ? 74  VAL A O   1 
ATOM   581 C  CB  . VAL A 1 74  ? -5.148  -8.612  0.825   1.00 32.05 ? 74  VAL A CB  1 
ATOM   582 C  CG1 . VAL A 1 74  ? -5.422  -7.819  2.098   1.00 43.18 ? 74  VAL A CG1 1 
ATOM   583 C  CG2 . VAL A 1 74  ? -4.791  -7.653  -0.303  1.00 31.33 ? 74  VAL A CG2 1 
ATOM   584 N  N   . PRO A 1 75  ? -1.667  -9.160  0.743   1.00 30.27 ? 75  PRO A N   1 
ATOM   585 C  CA  . PRO A 1 75  ? -0.435  -8.499  1.172   1.00 29.14 ? 75  PRO A CA  1 
ATOM   586 C  C   . PRO A 1 75  ? -0.645  -6.973  1.203   1.00 29.16 ? 75  PRO A C   1 
ATOM   587 O  O   . PRO A 1 75  ? -1.153  -6.385  0.203   1.00 26.67 ? 75  PRO A O   1 
ATOM   588 C  CB  . PRO A 1 75  ? 0.616   -8.939  0.162   1.00 29.60 ? 75  PRO A CB  1 
ATOM   589 C  CG  . PRO A 1 75  ? -0.151  -9.461  -1.033  1.00 33.38 ? 75  PRO A CG  1 
ATOM   590 C  CD  . PRO A 1 75  ? -1.491  -9.916  -0.499  1.00 30.51 ? 75  PRO A CD  1 
ATOM   591 N  N   . VAL A 1 76  ? -0.262  -6.356  2.322   1.00 26.34 ? 76  VAL A N   1 
ATOM   592 C  CA  . VAL A 1 76  ? -0.244  -4.866  2.477   1.00 23.92 ? 76  VAL A CA  1 
ATOM   593 C  C   . VAL A 1 76  ? 1.214   -4.429  2.639   1.00 23.42 ? 76  VAL A C   1 
ATOM   594 O  O   . VAL A 1 76  ? 1.863   -4.866  3.610   1.00 25.80 ? 76  VAL A O   1 
ATOM   595 C  CB  . VAL A 1 76  ? -1.132  -4.385  3.635   1.00 22.82 ? 76  VAL A CB  1 
ATOM   596 C  CG1 . VAL A 1 76  ? -1.123  -2.858  3.756   1.00 23.83 ? 76  VAL A CG1 1 
ATOM   597 C  CG2 . VAL A 1 76  ? -2.550  -4.912  3.448   1.00 22.85 ? 76  VAL A CG2 1 
ATOM   598 N  N   . LEU A 1 77  ? 1.703   -3.592  1.722   1.00 22.70 ? 77  LEU A N   1 
ATOM   599 C  CA  . LEU A 1 77  ? 3.101   -3.116  1.723   1.00 21.88 ? 77  LEU A CA  1 
ATOM   600 C  C   . LEU A 1 77  ? 3.070   -1.642  2.120   1.00 24.32 ? 77  LEU A C   1 
ATOM   601 O  O   . LEU A 1 77  ? 2.388   -0.872  1.407   1.00 21.83 ? 77  LEU A O   1 
ATOM   602 C  CB  . LEU A 1 77  ? 3.710   -3.336  0.335   1.00 23.03 ? 77  LEU A CB  1 
ATOM   603 C  CG  . LEU A 1 77  ? 3.858   -4.784  -0.120  1.00 25.99 ? 77  LEU A CG  1 
ATOM   604 C  CD1 . LEU A 1 77  ? 2.536   -5.330  -0.641  1.00 30.03 ? 77  LEU A CD1 1 
ATOM   605 C  CD2 . LEU A 1 77  ? 4.933   -4.906  -1.183  1.00 28.09 ? 77  LEU A CD2 1 
ATOM   606 N  N   . MET A 1 78  ? 3.754   -1.257  3.221   1.00 20.96 ? 78  MET A N   1 
ATOM   607 C  CA  . MET A 1 78  ? 3.693   0.134   3.738   1.00 23.12 ? 78  MET A CA  1 
ATOM   608 C  C   . MET A 1 78  ? 4.672   1.034   2.969   1.00 22.67 ? 78  MET A C   1 
ATOM   609 O  O   . MET A 1 78  ? 5.650   0.521   2.459   1.00 23.18 ? 78  MET A O   1 
ATOM   610 C  CB  . MET A 1 78  ? 4.002   0.188   5.238   1.00 20.52 ? 78  MET A CB  1 
ATOM   611 C  CG  . MET A 1 78  ? 3.237   -0.827  6.057   1.00 23.02 ? 78  MET A CG  1 
ATOM   612 S  SD  . MET A 1 78  ? 1.421   -0.674  5.950   1.00 24.12 ? 78  MET A SD  1 
ATOM   613 C  CE  . MET A 1 78  ? 1.181   0.981   6.582   1.00 23.27 ? 78  MET A CE  1 
ATOM   614 N  N   . MET A 1 79  ? 4.347   2.321   2.874   1.00 22.80 ? 79  MET A N   1 
ATOM   615 C  CA  . MET A 1 79  ? 5.237   3.380   2.390   1.00 24.65 ? 79  MET A CA  1 
ATOM   616 C  C   . MET A 1 79  ? 5.461   4.334   3.544   1.00 22.73 ? 79  MET A C   1 
ATOM   617 O  O   . MET A 1 79  ? 4.520   4.647   4.257   1.00 22.40 ? 79  MET A O   1 
ATOM   618 C  CB  . MET A 1 79  ? 4.571   4.025   1.193   1.00 27.45 ? 79  MET A CB  1 
ATOM   619 C  CG  . MET A 1 79  ? 4.065   2.940   0.275   1.00 33.74 ? 79  MET A CG  1 
ATOM   620 S  SD  . MET A 1 79  ? 3.587   3.622   -1.246  1.00 40.65 ? 79  MET A SD  1 
ATOM   621 C  CE  . MET A 1 79  ? 1.960   4.222   -0.759  1.00 35.66 ? 79  MET A CE  1 
ATOM   622 N  N   . THR A 1 80  ? 6.708   4.653   3.834   1.00 24.04 ? 80  THR A N   1 
ATOM   623 C  CA  . THR A 1 80  ? 7.039   5.385   5.068   1.00 24.12 ? 80  THR A CA  1 
ATOM   624 C  C   . THR A 1 80  ? 8.250   6.300   4.822   1.00 25.06 ? 80  THR A C   1 
ATOM   625 O  O   . THR A 1 80  ? 9.128   5.959   3.987   1.00 24.42 ? 80  THR A O   1 
ATOM   626 C  CB  . THR A 1 80  ? 7.302   4.361   6.184   1.00 25.85 ? 80  THR A CB  1 
ATOM   627 O  OG1 . THR A 1 80  ? 7.626   5.120   7.336   1.00 27.86 ? 80  THR A OG1 1 
ATOM   628 C  CG2 . THR A 1 80  ? 8.453   3.427   5.877   1.00 27.93 ? 80  THR A CG2 1 
ATOM   629 N  N   . ALA A 1 81  ? 8.263   7.453   5.479   1.00 31.19 ? 81  ALA A N   1 
ATOM   630 C  CA  . ALA A 1 81  ? 9.490   8.256   5.699   1.00 28.42 ? 81  ALA A CA  1 
ATOM   631 C  C   . ALA A 1 81  ? 10.459  7.420   6.536   1.00 27.34 ? 81  ALA A C   1 
ATOM   632 O  O   . ALA A 1 81  ? 10.055  6.593   7.398   1.00 30.59 ? 81  ALA A O   1 
ATOM   633 C  CB  . ALA A 1 81  ? 9.146   9.566   6.336   1.00 28.75 ? 81  ALA A CB  1 
ATOM   634 N  N   . TYR A 1 82  ? 11.738  7.695   6.386   1.00 34.94 ? 82  TYR A N   1 
ATOM   635 C  CA  . TYR A 1 82  ? 12.806  6.820   6.915   1.00 37.22 ? 82  TYR A CA  1 
ATOM   636 C  C   . TYR A 1 82  ? 12.932  6.927   8.446   1.00 37.92 ? 82  TYR A C   1 
ATOM   637 O  O   . TYR A 1 82  ? 13.568  6.017   9.000   1.00 46.57 ? 82  TYR A O   1 
ATOM   638 C  CB  . TYR A 1 82  ? 14.090  7.132   6.142   1.00 44.74 ? 82  TYR A CB  1 
ATOM   639 C  CG  . TYR A 1 82  ? 14.548  8.558   6.294   1.00 47.80 ? 82  TYR A CG  1 
ATOM   640 C  CD1 . TYR A 1 82  ? 15.038  9.024   7.500   1.00 49.66 ? 82  TYR A CD1 1 
ATOM   641 C  CD2 . TYR A 1 82  ? 14.498  9.438   5.228   1.00 58.15 ? 82  TYR A CD2 1 
ATOM   642 C  CE1 . TYR A 1 82  ? 15.481  10.328  7.643   1.00 61.50 ? 82  TYR A CE1 1 
ATOM   643 C  CE2 . TYR A 1 82  ? 14.923  10.749  5.356   1.00 62.16 ? 82  TYR A CE2 1 
ATOM   644 C  CZ  . TYR A 1 82  ? 15.420  11.195  6.566   1.00 63.11 ? 82  TYR A CZ  1 
ATOM   645 O  OH  . TYR A 1 82  ? 15.849  12.485  6.686   1.00 72.55 ? 82  TYR A OH  1 
ATOM   646 N  N   . GLY A 1 83  ? 12.376  7.933   9.140   1.00 37.43 ? 83  GLY A N   1 
ATOM   647 C  CA  . GLY A 1 83  ? 12.460  8.003   10.614  1.00 40.96 ? 83  GLY A CA  1 
ATOM   648 C  C   . GLY A 1 83  ? 11.148  7.742   11.348  1.00 43.22 ? 83  GLY A C   1 
ATOM   649 O  O   . GLY A 1 83  ? 11.042  8.105   12.548  1.00 43.08 ? 83  GLY A O   1 
ATOM   650 N  N   . GLU A 1 84  ? 10.152  7.114   10.711  1.00 37.37 ? 84  GLU A N   1 
ATOM   651 C  CA  . GLU A 1 84  ? 8.923   6.668   11.414  1.00 37.19 ? 84  GLU A CA  1 
ATOM   652 C  C   . GLU A 1 84  ? 9.189   5.257   11.951  1.00 28.90 ? 84  GLU A C   1 
ATOM   653 O  O   . GLU A 1 84  ? 8.338   4.370   11.774  1.00 28.34 ? 84  GLU A O   1 
ATOM   654 C  CB  . GLU A 1 84  ? 7.706   6.813   10.497  1.00 40.47 ? 84  GLU A CB  1 
ATOM   655 C  CG  . GLU A 1 84  ? 7.482   8.269   10.087  1.00 48.82 ? 84  GLU A CG  1 
ATOM   656 C  CD  . GLU A 1 84  ? 7.857   9.302   11.148  1.00 54.00 ? 84  GLU A CD  1 
ATOM   657 O  OE1 . GLU A 1 84  ? 7.024   9.600   12.012  1.00 64.58 ? 84  GLU A OE1 1 
ATOM   658 O  OE2 . GLU A 1 84  ? 9.011   9.771   11.141  1.00 64.39 ? 84  GLU A OE2 1 
ATOM   659 N  N   . LEU A 1 85  ? 10.335  5.078   12.615  1.00 29.39 ? 85  LEU A N   1 
ATOM   660 C  CA  . LEU A 1 85  ? 10.814  3.750   13.079  1.00 26.88 ? 85  LEU A CA  1 
ATOM   661 C  C   . LEU A 1 85  ? 9.739   3.042   13.906  1.00 26.10 ? 85  LEU A C   1 
ATOM   662 O  O   . LEU A 1 85  ? 9.595   1.800   13.731  1.00 25.88 ? 85  LEU A O   1 
ATOM   663 C  CB  . LEU A 1 85  ? 12.097  3.892   13.902  1.00 28.71 ? 85  LEU A CB  1 
ATOM   664 C  CG  . LEU A 1 85  ? 13.338  4.423   13.193  1.00 28.72 ? 85  LEU A CG  1 
ATOM   665 C  CD1 . LEU A 1 85  ? 14.527  4.301   14.133  1.00 30.54 ? 85  LEU A CD1 1 
ATOM   666 C  CD2 . LEU A 1 85  ? 13.583  3.647   11.900  1.00 32.23 ? 85  LEU A CD2 1 
ATOM   667 N  N   . ASP A 1 86  ? 9.058   3.742   14.820  1.00 24.67 ? 86  ASP A N   1 
ATOM   668 C  CA  . ASP A 1 86  ? 8.102   3.086   15.740  1.00 28.46 ? 86  ASP A CA  1 
ATOM   669 C  C   . ASP A 1 86  ? 6.848   2.661   14.949  1.00 26.53 ? 86  ASP A C   1 
ATOM   670 O  O   . ASP A 1 86  ? 6.302   1.619   15.255  1.00 26.71 ? 86  ASP A O   1 
ATOM   671 C  CB  . ASP A 1 86  ? 7.897   3.981   16.973  1.00 37.57 ? 86  ASP A CB  1 
ATOM   672 C  CG  . ASP A 1 86  ? 9.081   3.878   17.929  1.00 40.35 ? 86  ASP A CG  1 
ATOM   673 O  OD1 . ASP A 1 86  ? 9.164   2.865   18.643  1.00 52.87 ? 86  ASP A OD1 1 
ATOM   674 O  OD2 . ASP A 1 86  ? 9.967   4.752   17.883  1.00 54.77 ? 86  ASP A OD2 1 
ATOM   675 N  N   . LEU A 1 87  ? 6.436   3.412   13.930  1.00 27.37 ? 87  LEU A N   1 
ATOM   676 C  CA  . LEU A 1 87  ? 5.281   3.046   13.064  1.00 30.88 ? 87  LEU A CA  1 
ATOM   677 C  C   . LEU A 1 87  ? 5.677   1.858   12.182  1.00 27.25 ? 87  LEU A C   1 
ATOM   678 O  O   . LEU A 1 87  ? 4.843   0.929   12.004  1.00 23.55 ? 87  LEU A O   1 
ATOM   679 C  CB  . LEU A 1 87  ? 4.843   4.254   12.227  1.00 30.31 ? 87  LEU A CB  1 
ATOM   680 C  CG  . LEU A 1 87  ? 4.110   5.377   12.986  1.00 35.95 ? 87  LEU A CG  1 
ATOM   681 C  CD1 . LEU A 1 87  ? 3.408   6.299   11.998  1.00 37.48 ? 87  LEU A CD1 1 
ATOM   682 C  CD2 . LEU A 1 87  ? 3.097   4.851   13.988  1.00 35.12 ? 87  LEU A CD2 1 
ATOM   683 N  N   . ILE A 1 88  ? 6.913   1.842   11.668  1.00 25.90 ? 88  ILE A N   1 
ATOM   684 C  CA  . ILE A 1 88  ? 7.387   0.687   10.849  1.00 24.50 ? 88  ILE A CA  1 
ATOM   685 C  C   . ILE A 1 88  ? 7.281   -0.585  11.719  1.00 25.95 ? 88  ILE A C   1 
ATOM   686 O  O   . ILE A 1 88  ? 6.762   -1.585  11.265  1.00 22.50 ? 88  ILE A O   1 
ATOM   687 C  CB  . ILE A 1 88  ? 8.833   0.927   10.376  1.00 26.42 ? 88  ILE A CB  1 
ATOM   688 C  CG1 . ILE A 1 88  ? 8.888   2.057   9.339   1.00 26.12 ? 88  ILE A CG1 1 
ATOM   689 C  CG2 . ILE A 1 88  ? 9.435   -0.365  9.865   1.00 28.53 ? 88  ILE A CG2 1 
ATOM   690 C  CD1 . ILE A 1 88  ? 10.259  2.570   9.065   1.00 27.35 ? 88  ILE A CD1 1 
ATOM   691 N  N   . LYS A 1 89  ? 7.806   -0.531  12.935  1.00 26.01 ? 89  LYS A N   1 
ATOM   692 C  CA  . LYS A 1 89  ? 7.771   -1.670  13.898  1.00 26.87 ? 89  LYS A CA  1 
ATOM   693 C  C   . LYS A 1 89  ? 6.319   -2.106  14.161  1.00 25.09 ? 89  LYS A C   1 
ATOM   694 O  O   . LYS A 1 89  ? 6.058   -3.290  14.030  1.00 29.25 ? 89  LYS A O   1 
ATOM   695 C  CB  . LYS A 1 89  ? 8.527   -1.305  15.185  1.00 31.77 ? 89  LYS A CB  1 
ATOM   696 C  CG  . LYS A 1 89  ? 8.471   -2.375  16.271  1.00 37.71 ? 89  LYS A CG  1 
ATOM   697 C  CD  . LYS A 1 89  ? 8.739   -3.781  15.764  1.00 44.92 ? 89  LYS A CD  1 
ATOM   698 C  CE  . LYS A 1 89  ? 9.206   -4.755  16.832  1.00 52.61 ? 89  LYS A CE  1 
ATOM   699 N  NZ  . LYS A 1 89  ? 8.469   -4.575  18.109  1.00 55.53 ? 89  LYS A NZ  1 
ATOM   700 N  N   . GLU A 1 90  ? 5.404   -1.182  14.441  1.00 27.31 ? 90  GLU A N   1 
ATOM   701 C  CA  . GLU A 1 90  ? 3.980   -1.515  14.715  1.00 28.56 ? 90  GLU A CA  1 
ATOM   702 C  C   . GLU A 1 90  ? 3.345   -2.164  13.464  1.00 26.63 ? 90  GLU A C   1 
ATOM   703 O  O   . GLU A 1 90  ? 2.673   -3.212  13.569  1.00 27.03 ? 90  GLU A O   1 
ATOM   704 C  CB  . GLU A 1 90  ? 3.297   -0.241  15.206  1.00 31.61 ? 90  GLU A CB  1 
ATOM   705 C  CG  . GLU A 1 90  ? 1.849   -0.456  15.612  1.00 36.76 ? 90  GLU A CG  1 
ATOM   706 C  CD  . GLU A 1 90  ? 1.633   -1.341  16.840  1.00 46.34 ? 90  GLU A CD  1 
ATOM   707 O  OE1 . GLU A 1 90  ? 2.645   -1.679  17.544  1.00 42.72 ? 90  GLU A OE1 1 
ATOM   708 O  OE2 . GLU A 1 90  ? 0.455   -1.683  17.104  1.00 44.72 ? 90  GLU A OE2 1 
ATOM   709 N  N   . ALA A 1 91  ? 3.566   -1.602  12.271  1.00 24.61 ? 91  ALA A N   1 
ATOM   710 C  CA  . ALA A 1 91  ? 2.936   -2.110  11.024  1.00 22.73 ? 91  ALA A CA  1 
ATOM   711 C  C   . ALA A 1 91  ? 3.417   -3.532  10.774  1.00 23.26 ? 91  ALA A C   1 
ATOM   712 O  O   . ALA A 1 91  ? 2.639   -4.360  10.401  1.00 24.80 ? 91  ALA A O   1 
ATOM   713 C  CB  . ALA A 1 91  ? 3.246   -1.210  9.832   1.00 23.00 ? 91  ALA A CB  1 
ATOM   714 N  N   . MET A 1 92  ? 4.703   -3.779  10.964  1.00 23.04 ? 92  MET A N   1 
ATOM   715 C  CA  . MET A 1 92  ? 5.255   -5.112  10.739  1.00 24.85 ? 92  MET A CA  1 
ATOM   716 C  C   . MET A 1 92  ? 4.688   -6.060  11.822  1.00 23.92 ? 92  MET A C   1 
ATOM   717 O  O   . MET A 1 92  ? 4.342   -7.158  11.495  1.00 25.88 ? 92  MET A O   1 
ATOM   718 C  CB  . MET A 1 92  ? 6.778   -5.057  10.736  1.00 23.72 ? 92  MET A CB  1 
ATOM   719 C  CG  . MET A 1 92  ? 7.340   -4.323  9.499   1.00 22.65 ? 92  MET A CG  1 
ATOM   720 S  SD  . MET A 1 92  ? 6.677   -4.825  7.893   1.00 25.53 ? 92  MET A SD  1 
ATOM   721 C  CE  . MET A 1 92  ? 7.480   -6.414  7.650   1.00 30.41 ? 92  MET A CE  1 
ATOM   722 N  N   . ASP A 1 93  ? 4.578   -5.614  13.064  1.00 28.83 ? 93  ASP A N   1 
ATOM   723 C  CA  . ASP A 1 93  ? 4.000   -6.454  14.141  1.00 32.08 ? 93  ASP A CA  1 
ATOM   724 C  C   . ASP A 1 93  ? 2.557   -6.806  13.780  1.00 34.10 ? 93  ASP A C   1 
ATOM   725 O  O   . ASP A 1 93  ? 2.135   -7.877  14.161  1.00 33.48 ? 93  ASP A O   1 
ATOM   726 C  CB  . ASP A 1 93  ? 4.047   -5.722  15.478  1.00 35.58 ? 93  ASP A CB  1 
ATOM   727 C  CG  . ASP A 1 93  ? 5.430   -5.695  16.090  1.00 38.30 ? 93  ASP A CG  1 
ATOM   728 O  OD1 . ASP A 1 93  ? 6.290   -6.395  15.589  1.00 41.47 ? 93  ASP A OD1 1 
ATOM   729 O  OD2 . ASP A 1 93  ? 5.606   -4.976  17.070  1.00 42.53 ? 93  ASP A OD2 1 
ATOM   730 N  N   . LEU A 1 94  ? 1.834   -5.922  13.073  1.00 30.50 ? 94  LEU A N   1 
ATOM   731 C  CA  . LEU A 1 94  ? 0.405   -6.127  12.709  1.00 29.68 ? 94  LEU A CA  1 
ATOM   732 C  C   . LEU A 1 94  ? 0.235   -6.929  11.406  1.00 29.99 ? 94  LEU A C   1 
ATOM   733 O  O   . LEU A 1 94  ? -0.917  -7.117  10.992  1.00 37.08 ? 94  LEU A O   1 
ATOM   734 C  CB  . LEU A 1 94  ? -0.292  -4.772  12.630  1.00 28.51 ? 94  LEU A CB  1 
ATOM   735 C  CG  . LEU A 1 94  ? -0.481  -4.030  13.950  1.00 31.90 ? 94  LEU A CG  1 
ATOM   736 C  CD1 . LEU A 1 94  ? -0.814  -2.588  13.696  1.00 34.26 ? 94  LEU A CD1 1 
ATOM   737 C  CD2 . LEU A 1 94  ? -1.582  -4.674  14.784  1.00 37.97 ? 94  LEU A CD2 1 
ATOM   738 N  N   . GLY A 1 95  ? 1.320   -7.379  10.770  1.00 27.66 ? 95  GLY A N   1 
ATOM   739 C  CA  . GLY A 1 95  ? 1.249   -8.320  9.634   1.00 29.05 ? 95  GLY A CA  1 
ATOM   740 C  C   . GLY A 1 95  ? 1.417   -7.643  8.274   1.00 29.01 ? 95  GLY A C   1 
ATOM   741 O  O   . GLY A 1 95  ? 1.175   -8.321  7.256   1.00 30.94 ? 95  GLY A O   1 
ATOM   742 N  N   . ALA A 1 96  ? 1.958   -6.419  8.218   1.00 27.39 ? 96  ALA A N   1 
ATOM   743 C  CA  . ALA A 1 96  ? 2.381   -5.832  6.924   1.00 23.94 ? 96  ALA A CA  1 
ATOM   744 C  C   . ALA A 1 96  ? 3.418   -6.742  6.260   1.00 24.92 ? 96  ALA A C   1 
ATOM   745 O  O   . ALA A 1 96  ? 4.213   -7.428  6.991   1.00 25.17 ? 96  ALA A O   1 
ATOM   746 C  CB  . ALA A 1 96  ? 2.898   -4.422  7.093   1.00 23.67 ? 96  ALA A CB  1 
ATOM   747 N  N   . SER A 1 97  ? 3.375   -6.830  4.936   1.00 24.00 ? 97  SER A N   1 
ATOM   748 C  CA  . SER A 1 97  ? 4.204   -7.772  4.134   1.00 24.58 ? 97  SER A CA  1 
ATOM   749 C  C   . SER A 1 97  ? 5.566   -7.160  3.816   1.00 25.08 ? 97  SER A C   1 
ATOM   750 O  O   . SER A 1 97  ? 6.525   -7.910  3.471   1.00 26.35 ? 97  SER A O   1 
ATOM   751 C  CB  . SER A 1 97  ? 3.512   -8.230  2.897   1.00 26.03 ? 97  SER A CB  1 
ATOM   752 O  OG  . SER A 1 97  ? 2.426   -9.065  3.255   1.00 27.73 ? 97  SER A OG  1 
ATOM   753 N  N   . HIS A 1 98  ? 5.664   -5.843  3.875   1.00 23.77 ? 98  HIS A N   1 
ATOM   754 C  CA  . HIS A 1 98  ? 6.877   -5.115  3.447   1.00 25.23 ? 98  HIS A CA  1 
ATOM   755 C  C   . HIS A 1 98  ? 6.725   -3.668  3.860   1.00 23.55 ? 98  HIS A C   1 
ATOM   756 O  O   . HIS A 1 98  ? 5.559   -3.237  4.129   1.00 21.67 ? 98  HIS A O   1 
ATOM   757 C  CB  . HIS A 1 98  ? 7.078   -5.247  1.917   1.00 25.98 ? 98  HIS A CB  1 
ATOM   758 C  CG  . HIS A 1 98  ? 8.465   -4.960  1.453   1.00 30.43 ? 98  HIS A CG  1 
ATOM   759 N  ND1 . HIS A 1 98  ? 8.793   -3.835  0.688   1.00 36.23 ? 98  HIS A ND1 1 
ATOM   760 C  CD2 . HIS A 1 98  ? 9.616   -5.618  1.652   1.00 29.00 ? 98  HIS A CD2 1 
ATOM   761 C  CE1 . HIS A 1 98  ? 10.103  -3.844  0.443   1.00 33.19 ? 98  HIS A CE1 1 
ATOM   762 N  NE2 . HIS A 1 98  ? 10.633  -4.919  1.056   1.00 35.22 ? 98  HIS A NE2 1 
ATOM   763 N  N   . TYR A 1 99  ? 7.821   -2.923  3.861   1.00 21.99 ? 99  TYR A N   1 
ATOM   764 C  CA  . TYR A 1 99  ? 7.721   -1.446  3.833   1.00 19.91 ? 99  TYR A CA  1 
ATOM   765 C  C   . TYR A 1 99  ? 8.765   -0.893  2.865   1.00 22.08 ? 99  TYR A C   1 
ATOM   766 O  O   . TYR A 1 99  ? 9.919   -1.409  2.789   1.00 23.39 ? 99  TYR A O   1 
ATOM   767 C  CB  . TYR A 1 99  ? 7.871   -0.837  5.228   1.00 21.17 ? 99  TYR A CB  1 
ATOM   768 C  CG  . TYR A 1 99  ? 9.165   -1.130  5.940   1.00 20.57 ? 99  TYR A CG  1 
ATOM   769 C  CD1 . TYR A 1 99  ? 9.306   -2.296  6.673   1.00 19.80 ? 99  TYR A CD1 1 
ATOM   770 C  CD2 . TYR A 1 99  ? 10.246  -0.282  5.894   1.00 22.33 ? 99  TYR A CD2 1 
ATOM   771 C  CE1 . TYR A 1 99  ? 10.467  -2.606  7.338   1.00 20.67 ? 99  TYR A CE1 1 
ATOM   772 C  CE2 . TYR A 1 99  ? 11.435  -0.595  6.520   1.00 23.07 ? 99  TYR A CE2 1 
ATOM   773 C  CZ  . TYR A 1 99  ? 11.529  -1.743  7.297   1.00 23.38 ? 99  TYR A CZ  1 
ATOM   774 O  OH  . TYR A 1 99  ? 12.681  -2.077  7.936   1.00 26.09 ? 99  TYR A OH  1 
ATOM   775 N  N   . PHE A 1 100 ? 8.415   0.228   2.251   1.00 19.33 ? 100 PHE A N   1 
ATOM   776 C  CA  . PHE A 1 100 ? 9.274   1.006   1.336   1.00 20.93 ? 100 PHE A CA  1 
ATOM   777 C  C   . PHE A 1 100 ? 9.577   2.357   1.975   1.00 23.06 ? 100 PHE A C   1 
ATOM   778 O  O   . PHE A 1 100 ? 8.654   3.103   2.270   1.00 21.98 ? 100 PHE A O   1 
ATOM   779 C  CB  . PHE A 1 100 ? 8.571   1.241   0.007   1.00 23.14 ? 100 PHE A CB  1 
ATOM   780 C  CG  . PHE A 1 100 ? 8.158   0.015   -0.753  1.00 26.26 ? 100 PHE A CG  1 
ATOM   781 C  CD1 . PHE A 1 100 ? 9.105   -0.766  -1.403  1.00 29.26 ? 100 PHE A CD1 1 
ATOM   782 C  CD2 . PHE A 1 100 ? 6.826   -0.351  -0.840  1.00 30.59 ? 100 PHE A CD2 1 
ATOM   783 C  CE1 . PHE A 1 100 ? 8.714   -1.882  -2.130  1.00 32.83 ? 100 PHE A CE1 1 
ATOM   784 C  CE2 . PHE A 1 100 ? 6.439   -1.477  -1.556  1.00 29.17 ? 100 PHE A CE2 1 
ATOM   785 C  CZ  . PHE A 1 100 ? 7.382   -2.242  -2.199  1.00 30.26 ? 100 PHE A CZ  1 
ATOM   786 N  N   . THR A 1 101 ? 10.860  2.695   2.066   1.00 21.03 ? 101 THR A N   1 
ATOM   787 C  CA  . THR A 1 101 ? 11.329  3.977   2.599   1.00 23.94 ? 101 THR A CA  1 
ATOM   788 C  C   . THR A 1 101 ? 11.331  5.019   1.483   1.00 23.70 ? 101 THR A C   1 
ATOM   789 O  O   . THR A 1 101 ? 11.787  4.713   0.378   1.00 27.44 ? 101 THR A O   1 
ATOM   790 C  CB  . THR A 1 101 ? 12.722  3.814   3.212   1.00 27.71 ? 101 THR A CB  1 
ATOM   791 O  OG1 . THR A 1 101 ? 13.554  3.222   2.223   1.00 31.20 ? 101 THR A OG1 1 
ATOM   792 C  CG2 . THR A 1 101 ? 12.703  2.928   4.442   1.00 27.68 ? 101 THR A CG2 1 
ATOM   793 N  N   . LYS A 1 102 ? 10.917  6.224   1.807   1.00 24.33 ? 102 LYS A N   1 
ATOM   794 C  CA  . LYS A 1 102 ? 11.050  7.376   0.879   1.00 24.85 ? 102 LYS A CA  1 
ATOM   795 C  C   . LYS A 1 102 ? 12.415  8.010   1.105   1.00 26.54 ? 102 LYS A C   1 
ATOM   796 O  O   . LYS A 1 102 ? 12.924  8.053   2.233   1.00 29.54 ? 102 LYS A O   1 
ATOM   797 C  CB  . LYS A 1 102 ? 9.933   8.399   1.083   1.00 28.06 ? 102 LYS A CB  1 
ATOM   798 C  CG  . LYS A 1 102 ? 8.543   7.844   0.839   1.00 31.58 ? 102 LYS A CG  1 
ATOM   799 C  CD  . LYS A 1 102 ? 7.457   8.717   1.474   1.00 36.72 ? 102 LYS A CD  1 
ATOM   800 C  CE  . LYS A 1 102 ? 6.201   7.944   1.797   1.00 41.51 ? 102 LYS A CE  1 
ATOM   801 N  NZ  . LYS A 1 102 ? 5.311   8.710   2.711   1.00 50.30 ? 102 LYS A NZ  1 
ATOM   802 N  N   . PRO A 1 103 ? 13.094  8.495   0.044   1.00 24.55 ? 103 PRO A N   1 
ATOM   803 C  CA  . PRO A 1 103 ? 12.566  8.506   -1.326  1.00 25.97 ? 103 PRO A CA  1 
ATOM   804 C  C   . PRO A 1 103 ? 12.564  7.107   -1.954  1.00 26.06 ? 103 PRO A C   1 
ATOM   805 O  O   . PRO A 1 103 ? 13.540  6.381   -1.778  1.00 26.42 ? 103 PRO A O   1 
ATOM   806 C  CB  . PRO A 1 103 ? 13.563  9.434   -2.051  1.00 26.39 ? 103 PRO A CB  1 
ATOM   807 C  CG  . PRO A 1 103 ? 14.856  9.207   -1.322  1.00 27.12 ? 103 PRO A CG  1 
ATOM   808 C  CD  . PRO A 1 103 ? 14.451  9.069   0.136   1.00 25.70 ? 103 PRO A CD  1 
ATOM   809 N  N   . PHE A 1 104 ? 11.466  6.731   -2.619  1.00 26.55 ? 104 PHE A N   1 
ATOM   810 C  CA  . PHE A 1 104 ? 11.295  5.343   -3.147  1.00 27.55 ? 104 PHE A CA  1 
ATOM   811 C  C   . PHE A 1 104 ? 12.352  5.022   -4.200  1.00 25.89 ? 104 PHE A C   1 
ATOM   812 O  O   . PHE A 1 104 ? 12.642  5.819   -5.109  1.00 22.71 ? 104 PHE A O   1 
ATOM   813 C  CB  . PHE A 1 104 ? 9.927   5.078   -3.767  1.00 29.31 ? 104 PHE A CB  1 
ATOM   814 C  CG  . PHE A 1 104 ? 8.746   5.382   -2.890  1.00 29.72 ? 104 PHE A CG  1 
ATOM   815 C  CD1 . PHE A 1 104 ? 8.602   4.799   -1.650  1.00 30.36 ? 104 PHE A CD1 1 
ATOM   816 C  CD2 . PHE A 1 104 ? 7.757   6.249   -3.327  1.00 31.50 ? 104 PHE A CD2 1 
ATOM   817 C  CE1 . PHE A 1 104 ? 7.488   5.063   -0.867  1.00 32.19 ? 104 PHE A CE1 1 
ATOM   818 C  CE2 . PHE A 1 104 ? 6.653   6.534   -2.537  1.00 34.58 ? 104 PHE A CE2 1 
ATOM   819 C  CZ  . PHE A 1 104 ? 6.523   5.952   -1.298  1.00 33.60 ? 104 PHE A CZ  1 
ATOM   820 N  N   . ASP A 1 105 ? 12.898  3.821   -4.087  1.00 24.50 ? 105 ASP A N   1 
ATOM   821 C  CA  . ASP A 1 105 ? 13.714  3.186   -5.121  1.00 23.94 ? 105 ASP A CA  1 
ATOM   822 C  C   . ASP A 1 105 ? 12.760  2.486   -6.094  1.00 24.81 ? 105 ASP A C   1 
ATOM   823 O  O   . ASP A 1 105 ? 11.991  1.610   -5.658  1.00 24.59 ? 105 ASP A O   1 
ATOM   824 C  CB  . ASP A 1 105 ? 14.709  2.239   -4.447  1.00 28.06 ? 105 ASP A CB  1 
ATOM   825 C  CG  . ASP A 1 105 ? 15.694  1.699   -5.462  1.00 30.07 ? 105 ASP A CG  1 
ATOM   826 O  OD1 . ASP A 1 105 ? 15.305  0.795   -6.212  1.00 33.44 ? 105 ASP A OD1 1 
ATOM   827 O  OD2 . ASP A 1 105 ? 16.834  2.200   -5.477  1.00 39.06 ? 105 ASP A OD2 1 
ATOM   828 N  N   . ILE A 1 106 ? 12.751  2.908   -7.356  1.00 27.49 ? 106 ILE A N   1 
ATOM   829 C  CA  . ILE A 1 106 ? 11.727  2.427   -8.339  1.00 31.16 ? 106 ILE A CA  1 
ATOM   830 C  C   . ILE A 1 106 ? 11.937  0.930   -8.585  1.00 29.38 ? 106 ILE A C   1 
ATOM   831 O  O   . ILE A 1 106 ? 10.938  0.221   -8.738  1.00 28.60 ? 106 ILE A O   1 
ATOM   832 C  CB  . ILE A 1 106 ? 11.746  3.255   -9.632  1.00 32.25 ? 106 ILE A CB  1 
ATOM   833 C  CG1 . ILE A 1 106 ? 11.346  4.701   -9.353  1.00 33.99 ? 106 ILE A CG1 1 
ATOM   834 C  CG2 . ILE A 1 106 ? 10.870  2.630   -10.706 1.00 38.69 ? 106 ILE A CG2 1 
ATOM   835 C  CD1 . ILE A 1 106 ? 11.964  5.656   -10.293 1.00 40.44 ? 106 ILE A CD1 1 
ATOM   836 N  N   . TYR A 1 107 ? 13.192  0.466   -8.590  1.00 33.07 ? 107 TYR A N   1 
ATOM   837 C  CA  . TYR A 1 107 ? 13.525  -0.967  -8.794  1.00 35.15 ? 107 TYR A CA  1 
ATOM   838 C  C   . TYR A 1 107 ? 13.031  -1.778  -7.598  1.00 29.68 ? 107 TYR A C   1 
ATOM   839 O  O   . TYR A 1 107 ? 12.406  -2.799  -7.846  1.00 34.18 ? 107 TYR A O   1 
ATOM   840 C  CB  . TYR A 1 107 ? 15.011  -1.157  -9.110  1.00 41.82 ? 107 TYR A CB  1 
ATOM   841 C  CG  . TYR A 1 107 ? 15.334  -0.740  -10.530 1.00 55.16 ? 107 TYR A CG  1 
ATOM   842 C  CD1 . TYR A 1 107 ? 14.525  0.173   -11.191 1.00 58.37 ? 107 TYR A CD1 1 
ATOM   843 C  CD2 . TYR A 1 107 ? 16.437  -1.230  -11.215 1.00 64.94 ? 107 TYR A CD2 1 
ATOM   844 C  CE1 . TYR A 1 107 ? 14.795  0.594   -12.480 1.00 72.40 ? 107 TYR A CE1 1 
ATOM   845 C  CE2 . TYR A 1 107 ? 16.721  -0.823  -12.511 1.00 70.72 ? 107 TYR A CE2 1 
ATOM   846 C  CZ  . TYR A 1 107 ? 15.896  0.093   -13.146 1.00 75.53 ? 107 TYR A CZ  1 
ATOM   847 O  OH  . TYR A 1 107 ? 16.129  0.534   -14.420 1.00 81.40 ? 107 TYR A OH  1 
ATOM   848 N  N   . GLU A 1 108 ? 13.293  -1.346  -6.359  1.00 27.30 ? 108 GLU A N   1 
ATOM   849 C  CA  . GLU A 1 108 ? 12.775  -2.002  -5.135  1.00 29.19 ? 108 GLU A CA  1 
ATOM   850 C  C   . GLU A 1 108 ? 11.249  -2.111  -5.238  1.00 27.68 ? 108 GLU A C   1 
ATOM   851 O  O   . GLU A 1 108 ? 10.697  -3.152  -4.848  1.00 30.92 ? 108 GLU A O   1 
ATOM   852 C  CB  . GLU A 1 108 ? 13.092  -1.235  -3.845  1.00 30.04 ? 108 GLU A CB  1 
ATOM   853 C  CG  . GLU A 1 108 ? 12.801  -2.046  -2.581  1.00 31.44 ? 108 GLU A CG  1 
ATOM   854 C  CD  . GLU A 1 108 ? 12.783  -1.362  -1.217  1.00 33.75 ? 108 GLU A CD  1 
ATOM   855 O  OE1 . GLU A 1 108 ? 12.971  -0.116  -1.093  1.00 32.29 ? 108 GLU A OE1 1 
ATOM   856 O  OE2 . GLU A 1 108 ? 12.515  -2.084  -0.246  1.00 38.44 ? 108 GLU A OE2 1 
ATOM   857 N  N   . LEU A 1 109 ? 10.565  -1.043  -5.620  1.00 26.62 ? 109 LEU A N   1 
ATOM   858 C  CA  . LEU A 1 109 ? 9.075   -1.032  -5.673  1.00 29.58 ? 109 LEU A CA  1 
ATOM   859 C  C   . LEU A 1 109 ? 8.602   -2.141  -6.604  1.00 30.17 ? 109 LEU A C   1 
ATOM   860 O  O   . LEU A 1 109 ? 7.734   -2.954  -6.195  1.00 31.15 ? 109 LEU A O   1 
ATOM   861 C  CB  . LEU A 1 109 ? 8.581   0.304   -6.238  1.00 27.86 ? 109 LEU A CB  1 
ATOM   862 C  CG  . LEU A 1 109 ? 8.465   1.443   -5.237  1.00 30.24 ? 109 LEU A CG  1 
ATOM   863 C  CD1 . LEU A 1 109 ? 8.142   2.751   -5.962  1.00 28.88 ? 109 LEU A CD1 1 
ATOM   864 C  CD2 . LEU A 1 109 ? 7.403   1.109   -4.206  1.00 31.78 ? 109 LEU A CD2 1 
ATOM   865 N  N   . ARG A 1 110 ? 9.089   -2.087  -7.843  1.00 30.78 ? 110 ARG A N   1 
ATOM   866 C  CA  . ARG A 1 110 ? 8.734   -3.053  -8.913  1.00 37.23 ? 110 ARG A CA  1 
ATOM   867 C  C   . ARG A 1 110 ? 8.962   -4.482  -8.407  1.00 35.12 ? 110 ARG A C   1 
ATOM   868 O  O   . ARG A 1 110 ? 8.021   -5.328  -8.477  1.00 34.05 ? 110 ARG A O   1 
ATOM   869 C  CB  . ARG A 1 110 ? 9.540   -2.718  -10.173 1.00 41.36 ? 110 ARG A CB  1 
ATOM   870 C  CG  . ARG A 1 110 ? 9.010   -1.511  -10.936 1.00 47.78 ? 110 ARG A CG  1 
ATOM   871 C  CD  . ARG A 1 110 ? 9.975   -0.907  -11.960 1.00 57.48 ? 110 ARG A CD  1 
ATOM   872 N  NE  . ARG A 1 110 ? 10.254  -1.769  -13.115 1.00 60.03 ? 110 ARG A NE  1 
ATOM   873 C  CZ  . ARG A 1 110 ? 11.310  -2.580  -13.271 1.00 67.60 ? 110 ARG A CZ  1 
ATOM   874 N  NH1 . ARG A 1 110 ? 11.423  -3.294  -14.379 1.00 68.78 ? 110 ARG A NH1 1 
ATOM   875 N  NH2 . ARG A 1 110 ? 12.249  -2.686  -12.342 1.00 70.80 ? 110 ARG A NH2 1 
ATOM   876 N  N   . ASP A 1 111 ? 10.172  -4.751  -7.934  1.00 34.03 ? 111 ASP A N   1 
ATOM   877 C  CA  . ASP A 1 111 ? 10.659  -6.104  -7.579  1.00 36.16 ? 111 ASP A CA  1 
ATOM   878 C  C   . ASP A 1 111 ? 9.908   -6.653  -6.383  1.00 33.14 ? 111 ASP A C   1 
ATOM   879 O  O   . ASP A 1 111 ? 9.461   -7.798  -6.493  1.00 36.18 ? 111 ASP A O   1 
ATOM   880 C  CB  . ASP A 1 111 ? 12.165  -6.106  -7.335  1.00 39.87 ? 111 ASP A CB  1 
ATOM   881 C  CG  . ASP A 1 111 ? 12.932  -5.903  -8.634  1.00 47.39 ? 111 ASP A CG  1 
ATOM   882 O  OD1 . ASP A 1 111 ? 12.313  -6.060  -9.704  1.00 56.56 ? 111 ASP A OD1 1 
ATOM   883 O  OD2 . ASP A 1 111 ? 14.149  -5.594  -8.570  1.00 65.21 ? 111 ASP A OD2 1 
ATOM   884 N  N   . ALA A 1 112 ? 9.734   -5.892  -5.297  1.00 28.00 ? 112 ALA A N   1 
ATOM   885 C  CA  . ALA A 1 112 ? 9.082   -6.406  -4.079  1.00 31.41 ? 112 ALA A CA  1 
ATOM   886 C  C   . ALA A 1 112 ? 7.608   -6.661  -4.377  1.00 35.28 ? 112 ALA A C   1 
ATOM   887 O  O   . ALA A 1 112 ? 7.069   -7.668  -3.881  1.00 35.02 ? 112 ALA A O   1 
ATOM   888 C  CB  . ALA A 1 112 ? 9.253   -5.464  -2.922  1.00 32.39 ? 112 ALA A CB  1 
ATOM   889 N  N   . VAL A 1 113 ? 6.970   -5.776  -5.146  1.00 32.89 ? 113 VAL A N   1 
ATOM   890 C  CA  . VAL A 1 113 ? 5.519   -5.942  -5.428  1.00 33.26 ? 113 VAL A CA  1 
ATOM   891 C  C   . VAL A 1 113 ? 5.334   -7.154  -6.344  1.00 34.83 ? 113 VAL A C   1 
ATOM   892 O  O   . VAL A 1 113 ? 4.494   -8.010  -6.002  1.00 38.54 ? 113 VAL A O   1 
ATOM   893 C  CB  . VAL A 1 113 ? 4.876   -4.665  -5.985  1.00 33.57 ? 113 VAL A CB  1 
ATOM   894 C  CG1 . VAL A 1 113 ? 3.484   -4.931  -6.507  1.00 35.15 ? 113 VAL A CG1 1 
ATOM   895 C  CG2 . VAL A 1 113 ? 4.845   -3.587  -4.920  1.00 31.04 ? 113 VAL A CG2 1 
ATOM   896 N  N   . ASN A 1 114 ? 6.137   -7.256  -7.399  1.00 33.77 ? 114 ASN A N   1 
ATOM   897 C  CA  . ASN A 1 114 ? 6.135   -8.413  -8.336  1.00 40.06 ? 114 ASN A CA  1 
ATOM   898 C  C   . ASN A 1 114 ? 6.360   -9.729  -7.572  1.00 41.76 ? 114 ASN A C   1 
ATOM   899 O  O   . ASN A 1 114 ? 5.644   -10.687 -7.861  1.00 45.03 ? 114 ASN A O   1 
ATOM   900 C  CB  . ASN A 1 114 ? 7.106   -8.197  -9.497  1.00 39.60 ? 114 ASN A CB  1 
ATOM   901 C  CG  . ASN A 1 114 ? 6.602   -7.190  -10.504 1.00 39.20 ? 114 ASN A CG  1 
ATOM   902 O  OD1 . ASN A 1 114 ? 5.458   -6.741  -10.441 1.00 39.38 ? 114 ASN A OD1 1 
ATOM   903 N  ND2 . ASN A 1 114 ? 7.448   -6.821  -11.445 1.00 41.46 ? 114 ASN A ND2 1 
ATOM   904 N  N   . GLU A 1 115 ? 7.264   -9.786  -6.596  1.00 44.79 ? 115 GLU A N   1 
ATOM   905 C  CA  . GLU A 1 115 ? 7.499   -11.017 -5.793  1.00 48.33 ? 115 GLU A CA  1 
ATOM   906 C  C   . GLU A 1 115 ? 6.306   -11.300 -4.862  1.00 52.14 ? 115 GLU A C   1 
ATOM   907 O  O   . GLU A 1 115 ? 5.964   -12.481 -4.699  1.00 52.51 ? 115 GLU A O   1 
ATOM   908 C  CB  . GLU A 1 115 ? 8.802   -10.926 -4.998  1.00 54.62 ? 115 GLU A CB  1 
ATOM   909 C  CG  . GLU A 1 115 ? 9.400   -12.288 -4.647  1.00 66.45 ? 115 GLU A CG  1 
ATOM   910 C  CD  . GLU A 1 115 ? 9.769   -13.177 -5.830  1.00 70.14 ? 115 GLU A CD  1 
ATOM   911 O  OE1 . GLU A 1 115 ? 10.751  -12.842 -6.526  1.00 77.07 ? 115 GLU A OE1 1 
ATOM   912 O  OE2 . GLU A 1 115 ? 9.069   -14.196 -6.065  1.00 80.58 ? 115 GLU A OE2 1 
ATOM   913 N  N   . MET A 1 116 ? 5.691   -10.284 -4.254  1.00 45.63 ? 116 MET A N   1 
ATOM   914 C  CA  . MET A 1 116 ? 4.661   -10.491 -3.203  1.00 47.94 ? 116 MET A CA  1 
ATOM   915 C  C   . MET A 1 116 ? 3.336   -10.966 -3.825  1.00 56.04 ? 116 MET A C   1 
ATOM   916 O  O   . MET A 1 116 ? 2.520   -11.526 -3.071  1.00 55.54 ? 116 MET A O   1 
ATOM   917 C  CB  . MET A 1 116 ? 4.415   -9.223  -2.380  1.00 48.48 ? 116 MET A CB  1 
ATOM   918 C  CG  . MET A 1 116 ? 4.102   -9.487  -0.916  1.00 53.86 ? 116 MET A CG  1 
ATOM   919 S  SD  . MET A 1 116 ? 5.444   -10.285 0.033   1.00 52.58 ? 116 MET A SD  1 
ATOM   920 C  CE  . MET A 1 116 ? 6.648   -8.959  0.041   1.00 62.06 ? 116 MET A CE  1 
ATOM   921 N  N   . LEU A 1 117 ? 3.083   -10.765 -5.122  1.00 54.08 ? 117 LEU A N   1 
ATOM   922 C  CA  . LEU A 1 117 ? 1.827   -11.300 -5.720  1.00 59.28 ? 117 LEU A CA  1 
ATOM   923 C  C   . LEU A 1 117 ? 2.008   -11.818 -7.151  1.00 59.36 ? 117 LEU A C   1 
ATOM   924 O  O   . LEU A 1 117 ? 0.978   -12.166 -7.767  1.00 65.66 ? 117 LEU A O   1 
ATOM   925 C  CB  . LEU A 1 117 ? 0.741   -10.224 -5.639  1.00 60.82 ? 117 LEU A CB  1 
ATOM   926 C  CG  . LEU A 1 117 ? 1.136   -8.841  -6.130  1.00 58.62 ? 117 LEU A CG  1 
ATOM   927 C  CD1 . LEU A 1 117 ? 1.447   -8.870  -7.613  1.00 62.59 ? 117 LEU A CD1 1 
ATOM   928 C  CD2 . LEU A 1 117 ? 0.045   -7.833  -5.828  1.00 57.61 ? 117 LEU A CD2 1 
ATOM   929 N  N   . ARG A 1 118 ? 3.233   -11.907 -7.666  1.00 65.62 ? 118 ARG A N   1 
ATOM   930 C  CA  . ARG A 1 118 ? 3.515   -12.511 -9.004  1.00 71.54 ? 118 ARG A CA  1 
ATOM   931 C  C   . ARG A 1 118 ? 4.307   -13.801 -8.738  1.00 74.92 ? 118 ARG A C   1 
ATOM   932 O  O   . ARG A 1 118 ? 5.551   -13.767 -8.803  1.00 80.41 ? 118 ARG A O   1 
ATOM   933 C  CB  . ARG A 1 118 ? 4.216   -11.497 -9.929  1.00 69.49 ? 118 ARG A CB  1 
ATOM   934 C  CG  . ARG A 1 118 ? 3.607   -11.349 -11.318 1.00 68.46 ? 118 ARG A CG  1 
ATOM   935 C  CD  . ARG A 1 118 ? 2.904   -10.021 -11.595 1.00 66.38 ? 118 ARG A CD  1 
ATOM   936 N  NE  . ARG A 1 118 ? 3.627   -9.168  -12.542 1.00 65.32 ? 118 ARG A NE  1 
ATOM   937 C  CZ  . ARG A 1 118 ? 3.098   -8.175  -13.265 1.00 63.51 ? 118 ARG A CZ  1 
ATOM   938 N  NH1 . ARG A 1 118 ? 1.813   -7.860  -13.183 1.00 62.82 ? 118 ARG A NH1 1 
ATOM   939 N  NH2 . ARG A 1 118 ? 3.872   -7.486  -14.081 1.00 65.81 ? 118 ARG A NH2 1 
ATOM   940 N  N   . ASP A 1 119 ? 3.598   -14.880 -8.384  1.00 85.92 ? 119 ASP A N   1 
ATOM   941 C  CA  . ASP A 1 119 ? 4.176   -16.189 -7.967  1.00 89.16 ? 119 ASP A CA  1 
ATOM   942 C  C   . ASP A 1 119 ? 5.033   -15.977 -6.711  1.00 91.63 ? 119 ASP A C   1 
ATOM   943 O  O   . ASP A 1 119 ? 4.569   -16.110 -5.577  1.00 92.71 ? 119 ASP A O   1 
ATOM   944 C  CB  . ASP A 1 119 ? 4.958   -16.838 -9.117  1.00 92.72 ? 119 ASP A CB  1 
ATOM   945 C  CG  . ASP A 1 119 ? 6.152   -17.665 -8.668  1.00 90.30 ? 119 ASP A CG  1 
ATOM   946 O  OD1 . ASP A 1 119 ? 5.938   -18.674 -7.958  1.00 77.19 ? 119 ASP A OD1 1 
ATOM   947 O  OD2 . ASP A 1 119 ? 7.288   -17.284 -9.020  1.00 91.93 ? 119 ASP A OD2 1 
HETATM 948 MG MG  . MG  B 2 .   ? 1.147   10.613  3.447   1.00 19.00 ? 201 MG  A MG  1 
HETATM 949 O  O   . HOH C 3 .   ? -7.650  11.428  5.336   1.00 43.80 ? 301 HOH A O   1 
HETATM 950 O  O   . HOH C 3 .   ? 15.844  -6.942  -9.168  1.00 58.96 ? 302 HOH A O   1 
HETATM 951 O  O   . HOH C 3 .   ? -10.243 -8.902  -7.003  1.00 29.67 ? 303 HOH A O   1 
HETATM 952 O  O   . HOH C 3 .   ? -18.074 0.078   1.540   1.00 41.60 ? 304 HOH A O   1 
HETATM 953 O  O   . HOH C 3 .   ? -6.612  8.576   13.578  1.00 38.18 ? 305 HOH A O   1 
HETATM 954 O  O   . HOH C 3 .   ? 19.276  2.294   -5.393  1.00 37.55 ? 306 HOH A O   1 
HETATM 955 O  O   . HOH C 3 .   ? -17.120 -7.047  -5.149  1.00 31.58 ? 307 HOH A O   1 
HETATM 956 O  O   . HOH C 3 .   ? 2.537   10.861  1.559   1.00 24.70 ? 308 HOH A O   1 
HETATM 957 O  O   . HOH C 3 .   ? -6.516  -10.545 -10.042 1.00 45.38 ? 309 HOH A O   1 
HETATM 958 O  O   . HOH C 3 .   ? 5.041   -8.653  9.079   1.00 27.99 ? 310 HOH A O   1 
HETATM 959 O  O   . HOH C 3 .   ? 1.048   13.146  3.257   1.00 48.02 ? 311 HOH A O   1 
HETATM 960 O  O   . HOH C 3 .   ? 12.963  0.544   1.401   1.00 29.26 ? 312 HOH A O   1 
HETATM 961 O  O   . HOH C 3 .   ? -7.653  8.418   6.135   1.00 28.30 ? 313 HOH A O   1 
HETATM 962 O  O   . HOH C 3 .   ? 0.446   -8.072  4.678   1.00 28.06 ? 314 HOH A O   1 
HETATM 963 O  O   . HOH C 3 .   ? -9.518  -9.765  -8.774  1.00 58.60 ? 315 HOH A O   1 
HETATM 964 O  O   . HOH C 3 .   ? -5.949  13.642  -2.900  1.00 47.53 ? 316 HOH A O   1 
HETATM 965 O  O   . HOH C 3 .   ? 5.896   11.757  1.082   1.00 36.44 ? 317 HOH A O   1 
HETATM 966 O  O   . HOH C 3 .   ? 12.580  -1.708  2.679   1.00 30.75 ? 318 HOH A O   1 
HETATM 967 O  O   . HOH C 3 .   ? 11.893  2.315   -1.618  1.00 24.24 ? 319 HOH A O   1 
HETATM 968 O  O   . HOH C 3 .   ? 9.898   3.148   -16.964 1.00 46.51 ? 320 HOH A O   1 
HETATM 969 O  O   . HOH C 3 .   ? 16.135  5.584   -2.130  1.00 28.48 ? 321 HOH A O   1 
HETATM 970 O  O   . HOH C 3 .   ? 3.749   15.076  -4.281  1.00 35.24 ? 322 HOH A O   1 
HETATM 971 O  O   . HOH C 3 .   ? 6.430   -9.150  15.924  1.00 45.87 ? 323 HOH A O   1 
HETATM 972 O  O   . HOH C 3 .   ? -4.682  2.255   15.053  1.00 35.88 ? 324 HOH A O   1 
HETATM 973 O  O   . HOH C 3 .   ? -5.940  6.674   12.511  1.00 39.78 ? 325 HOH A O   1 
HETATM 974 O  O   . HOH C 3 .   ? -2.519  15.624  -2.284  1.00 25.41 ? 326 HOH A O   1 
HETATM 975 O  O   . HOH C 3 .   ? -5.262  9.991   -7.544  1.00 37.56 ? 327 HOH A O   1 
HETATM 976 O  O   . HOH C 3 .   ? 10.466  7.246   -17.760 1.00 35.57 ? 328 HOH A O   1 
HETATM 977 O  O   . HOH C 3 .   ? 9.586   8.915   -3.128  1.00 36.98 ? 329 HOH A O   1 
HETATM 978 O  O   . HOH C 3 .   ? 4.813   8.444   5.585   1.00 47.87 ? 330 HOH A O   1 
HETATM 979 O  O   . HOH C 3 .   ? 16.987  4.972   -4.523  1.00 29.66 ? 331 HOH A O   1 
HETATM 980 O  O   . HOH C 3 .   ? -8.549  4.751   -9.272  1.00 38.30 ? 332 HOH A O   1 
HETATM 981 O  O   . HOH C 3 .   ? -15.346 3.699   9.371   1.00 48.04 ? 333 HOH A O   1 
HETATM 982 O  O   . HOH C 3 .   ? 0.073   8.204   -13.341 1.00 35.72 ? 334 HOH A O   1 
HETATM 983 O  O   . HOH C 3 .   ? 14.684  5.166   -7.908  1.00 36.39 ? 335 HOH A O   1 
HETATM 984 O  O   . HOH C 3 .   ? -8.719  -8.527  -1.343  1.00 38.29 ? 336 HOH A O   1 
HETATM 985 O  O   . HOH C 3 .   ? -4.026  9.476   13.539  1.00 55.39 ? 337 HOH A O   1 
HETATM 986 O  O   . HOH C 3 .   ? -2.545  16.366  0.065   1.00 47.76 ? 338 HOH A O   1 
HETATM 987 O  O   . HOH C 3 .   ? -10.329 -5.649  -13.004 1.00 41.00 ? 339 HOH A O   1 
HETATM 988 O  O   . HOH C 3 .   ? 12.053  11.012  8.153   1.00 50.96 ? 340 HOH A O   1 
HETATM 989 O  O   . HOH C 3 .   ? 17.199  -1.574  -4.983  1.00 48.55 ? 341 HOH A O   1 
HETATM 990 O  O   . HOH C 3 .   ? 3.436   11.004  4.672   1.00 34.92 ? 342 HOH A O   1 
HETATM 991 O  O   . HOH C 3 .   ? -0.357  13.259  7.437   1.00 52.14 ? 343 HOH A O   1 
# 
